data_9KHZ
#
_entry.id   9KHZ
#
_cell.length_a   1.00
_cell.length_b   1.00
_cell.length_c   1.00
_cell.angle_alpha   90.00
_cell.angle_beta   90.00
_cell.angle_gamma   90.00
#
_symmetry.space_group_name_H-M   'P 1'
#
loop_
_entity.id
_entity.type
_entity.pdbx_description
1 polymer 'Helicase/UvrB N-terminal domain-containing protein'
2 polymer "DNA (5'-D(P*CP*CP*TP*TP*TP*TP*TP*TP*TP*TP*T)-3')"
3 polymer "DNA (5'-D(P*CP*TP*TP*TP*TP*TP*TP*TP*TP*TP*T)-3')"
4 non-polymer "ADENOSINE-5'-DIPHOSPHATE"
#
loop_
_entity_poly.entity_id
_entity_poly.type
_entity_poly.pdbx_seq_one_letter_code
_entity_poly.pdbx_strand_id
1 'polypeptide(L)'
;GPLGSMNVSIEEFTHFDFQLVPEPSPLDLVITESLKNHIEVNGVKSGALLPLPFQTGIGKTYTALNFLLQQMLEQVRSEL
KEENTGKKSKRLLYYVTDSVDNVVSAKADLLKLIEKQTVKGEPRFTLEQQEYLKAQIVHLPNQSEQLLQCSDAVLNDVLI
GFNLNAERDVQAEWSAISGLRRHASNPEVKISLNRQAGYFYRNLIDRLQKKQKGADRVLLSGSLLASVETLLPGEKIRNG
SAHVAFLTTSKFLKGFHNTRSRYSPLRDLSGAVLIIDEIDKQNQVILSELCKQQAQDLIWAIRTLRANFRDHQLESSPRY
DKIEDLFEPLRERLEEFGTNWNLAFAFNTEGANLNERPVRLFSDRSFTHVSSATHKLSLKSDFLRRKNLIFSDEKVEGSL
IEKHGLLTRFVNEADVIYQWFLGTMRKAVFQYWENVRGLEIEVRENRSLEGTFQEAVQSLLTHFNLQEFESAVYESFDTR
GLRQSAGGKANKLSSSKSYHHTGLKLVEVAHNQGTRDTVNCKASFLNTSPSGVLADMVDAGAVILGISATARADTVIHNF
DFKYLNERLGNKLLSLSREQKQRVNNYYHSRRNYKDNGVVLTVKYLNSRDAFLDALLEEYKPEARSSHFILNHYLGIAES
EQAFVRSWLSKLLASIKAFISSPDNRYMLSLLNRTLDTTRQNINDFIQFCCDKWAKEFNVKTKTFFGVNADWMRLVGYDE
ISKHLNTELGKVVVFSTYASMGAGKNPDYAVNLALEGESLISVADVTYSTQLRSDIDSIYLEKPTQLLLSDDYSHTANQL
CQFHQILSLQENGELSPKSAENWCRQQLMGMSRERSLQQYHQTSDYQSAVRKYIEQAVGRAGRTSLKRKQILLFVDSGLK
EILAEESRDPSLFSHEYVALVNKAKSAGKSIVEDRAVRRLFNLAQRNNKDGMLSIKALVHRLHNQPASKSDIQEWQDIRT
QLLRYPTVAFQPERFNRLYLQSMTKGYYRYQGNLDGDPNSFEFFDRVPYGDMVSEEDCSLATLVQNQYVRPWFERKGFAC
SWQKEANVMTPIMFTNIYKGALGEQAVEAVLTAFDFTFEEVPNSIYERFDNRVIFAGIEQPIWLDSKYWKHEGNESSEGY
SSKIALVEEEFGPSKFIYVNALGDTSKPIRYLNSCFVETSPQLAKVIEIPALIDDSNADTNRTAVQELIKWLHHS
;
A,B
2 'polydeoxyribonucleotide' (DC)(DC)(DT)(DT)(DT)(DT)(DT)(DT)(DT)(DT)(DT) C
3 'polydeoxyribonucleotide' (DC)(DT)(DT)(DT)(DT)(DT)(DT)(DT)(DT)(DT)(DT) D
#
loop_
_chem_comp.id
_chem_comp.type
_chem_comp.name
_chem_comp.formula
ADP non-polymer ADENOSINE-5'-DIPHOSPHATE 'C10 H15 N5 O10 P2'
DC DNA linking 2'-DEOXYCYTIDINE-5'-MONOPHOSPHATE 'C9 H14 N3 O7 P'
DT DNA linking THYMIDINE-5'-MONOPHOSPHATE 'C10 H15 N2 O8 P'
#
# COMPACT_ATOMS: atom_id res chain seq x y z
N MET A 6 -35.59 21.85 12.54
CA MET A 6 -36.46 21.97 11.38
C MET A 6 -35.74 22.64 10.21
N ASN A 7 -36.25 22.40 9.00
CA ASN A 7 -35.65 22.94 7.79
C ASN A 7 -36.39 24.20 7.35
N VAL A 8 -35.65 25.15 6.80
CA VAL A 8 -36.21 26.36 6.22
C VAL A 8 -36.16 26.23 4.71
N SER A 9 -37.28 26.53 4.05
CA SER A 9 -37.43 26.32 2.62
C SER A 9 -37.18 27.61 1.85
N ILE A 10 -37.24 27.49 0.52
CA ILE A 10 -37.04 28.64 -0.35
C ILE A 10 -38.24 29.57 -0.34
N GLU A 11 -39.38 29.12 0.18
CA GLU A 11 -40.62 29.89 0.09
C GLU A 11 -40.55 31.21 0.82
N GLU A 12 -39.57 31.40 1.70
CA GLU A 12 -39.40 32.68 2.37
C GLU A 12 -39.14 33.80 1.37
N PHE A 13 -38.57 33.47 0.21
CA PHE A 13 -38.18 34.47 -0.77
C PHE A 13 -39.26 34.75 -1.81
N THR A 14 -40.42 34.11 -1.70
CA THR A 14 -41.49 34.35 -2.66
C THR A 14 -42.11 35.73 -2.53
N HIS A 15 -41.83 36.46 -1.46
CA HIS A 15 -42.26 37.85 -1.31
C HIS A 15 -41.04 38.76 -1.19
N PHE A 16 -40.02 38.49 -2.00
CA PHE A 16 -38.77 39.24 -1.98
C PHE A 16 -38.58 39.92 -3.33
N ASP A 17 -38.36 41.23 -3.30
CA ASP A 17 -38.08 42.00 -4.51
C ASP A 17 -36.57 42.06 -4.71
N PHE A 18 -36.07 41.36 -5.72
CA PHE A 18 -34.64 41.30 -6.00
C PHE A 18 -34.12 42.54 -6.71
N GLN A 19 -34.91 43.61 -6.76
CA GLN A 19 -34.47 44.90 -7.26
C GLN A 19 -34.09 45.86 -6.14
N LEU A 20 -33.94 45.35 -4.92
CA LEU A 20 -33.57 46.15 -3.75
C LEU A 20 -32.07 46.05 -3.47
N VAL A 21 -31.26 45.98 -4.51
CA VAL A 21 -29.81 45.86 -4.33
C VAL A 21 -29.28 47.08 -3.59
N PRO A 22 -28.28 46.94 -2.73
CA PRO A 22 -27.71 48.12 -2.07
C PRO A 22 -27.04 49.04 -3.09
N GLU A 23 -26.89 50.30 -2.71
CA GLU A 23 -26.26 51.30 -3.57
C GLU A 23 -24.88 50.81 -3.99
N PRO A 24 -24.67 50.53 -5.28
CA PRO A 24 -23.40 49.96 -5.72
C PRO A 24 -22.29 50.99 -5.68
N SER A 25 -21.23 50.68 -4.94
CA SER A 25 -20.06 51.53 -4.90
C SER A 25 -19.30 51.43 -6.22
N PRO A 26 -18.43 52.40 -6.50
CA PRO A 26 -17.62 52.30 -7.74
C PRO A 26 -16.81 51.02 -7.82
N LEU A 27 -16.44 50.44 -6.68
CA LEU A 27 -15.82 49.11 -6.69
C LEU A 27 -16.81 48.05 -7.13
N ASP A 28 -18.08 48.19 -6.74
CA ASP A 28 -19.09 47.21 -7.11
C ASP A 28 -19.39 47.26 -8.60
N LEU A 29 -19.35 48.44 -9.21
CA LEU A 29 -19.57 48.55 -10.64
C LEU A 29 -18.47 47.86 -11.44
N VAL A 30 -17.25 47.85 -10.91
CA VAL A 30 -16.11 47.32 -11.67
C VAL A 30 -16.31 45.84 -11.97
N ILE A 31 -16.73 45.06 -10.97
CA ILE A 31 -16.85 43.63 -11.15
C ILE A 31 -17.99 43.29 -12.11
N THR A 32 -19.12 44.00 -12.00
CA THR A 32 -20.26 43.68 -12.84
C THR A 32 -20.05 44.16 -14.27
N GLU A 33 -19.40 45.31 -14.45
CA GLU A 33 -19.17 45.83 -15.80
C GLU A 33 -18.26 44.91 -16.60
N SER A 34 -17.21 44.38 -15.95
CA SER A 34 -16.27 43.52 -16.66
C SER A 34 -16.90 42.19 -17.04
N LEU A 35 -17.87 41.71 -16.25
CA LEU A 35 -18.41 40.38 -16.46
C LEU A 35 -19.63 40.37 -17.38
N LYS A 36 -20.47 41.41 -17.34
CA LYS A 36 -21.65 41.40 -18.20
C LYS A 36 -21.28 41.54 -19.66
N ASN A 37 -20.21 42.27 -19.97
CA ASN A 37 -19.77 42.35 -21.36
C ASN A 37 -19.20 41.02 -21.84
N HIS A 38 -18.47 40.32 -20.97
CA HIS A 38 -17.92 39.02 -21.34
C HIS A 38 -19.03 38.01 -21.63
N ILE A 39 -20.06 37.97 -20.80
CA ILE A 39 -21.19 37.09 -21.05
C ILE A 39 -21.94 37.52 -22.31
N GLU A 40 -21.74 38.75 -22.77
CA GLU A 40 -22.32 39.23 -24.01
C GLU A 40 -21.45 38.87 -25.21
N VAL A 41 -20.14 39.12 -25.11
CA VAL A 41 -19.25 38.81 -26.22
C VAL A 41 -19.03 37.31 -26.32
N ASN A 42 -18.63 36.68 -25.22
CA ASN A 42 -18.47 35.23 -25.17
C ASN A 42 -19.78 34.57 -24.78
N GLY A 43 -19.80 33.24 -24.89
CA GLY A 43 -20.97 32.49 -24.49
C GLY A 43 -21.15 32.45 -22.98
N VAL A 44 -22.33 31.99 -22.57
CA VAL A 44 -22.64 31.92 -21.14
C VAL A 44 -21.76 30.88 -20.45
N LYS A 45 -21.46 29.78 -21.14
CA LYS A 45 -20.76 28.65 -20.53
C LYS A 45 -19.25 28.71 -20.77
N SER A 46 -18.67 29.90 -20.82
CA SER A 46 -17.23 30.08 -20.96
C SER A 46 -16.70 30.81 -19.74
N GLY A 47 -15.56 30.36 -19.24
CA GLY A 47 -14.95 30.99 -18.09
C GLY A 47 -14.33 32.33 -18.43
N ALA A 48 -13.86 33.01 -17.39
CA ALA A 48 -13.21 34.31 -17.56
C ALA A 48 -12.40 34.62 -16.33
N LEU A 49 -11.08 34.75 -16.48
CA LEU A 49 -10.23 35.20 -15.39
C LEU A 49 -10.26 36.72 -15.33
N LEU A 50 -10.60 37.25 -14.15
CA LEU A 50 -10.81 38.69 -13.97
C LEU A 50 -10.03 39.15 -12.75
N PRO A 51 -8.74 39.44 -12.91
CA PRO A 51 -7.98 40.02 -11.80
C PRO A 51 -8.52 41.39 -11.44
N LEU A 52 -8.56 41.67 -10.15
CA LEU A 52 -9.04 42.96 -9.63
C LEU A 52 -7.98 43.54 -8.73
N PRO A 53 -7.30 44.61 -9.14
CA PRO A 53 -6.30 45.27 -8.28
C PRO A 53 -6.93 46.19 -7.25
N PHE A 54 -7.55 45.60 -6.24
CA PHE A 54 -8.21 46.35 -5.19
C PHE A 54 -7.22 46.70 -4.08
N GLN A 55 -7.37 47.89 -3.52
CA GLN A 55 -6.53 48.34 -2.42
C GLN A 55 -6.84 47.53 -1.16
N THR A 56 -5.80 47.28 -0.36
CA THR A 56 -5.90 46.35 0.75
C THR A 56 -6.96 46.79 1.76
N GLY A 57 -6.71 47.87 2.48
CA GLY A 57 -7.80 48.42 3.27
C GLY A 57 -8.51 49.54 2.53
N ILE A 58 -9.54 49.17 1.78
CA ILE A 58 -10.42 50.14 1.12
C ILE A 58 -11.87 49.75 1.41
N GLY A 59 -12.14 48.45 1.40
CA GLY A 59 -13.46 47.92 1.12
C GLY A 59 -13.34 46.67 0.27
N LYS A 60 -12.09 46.20 0.10
CA LYS A 60 -11.78 45.03 -0.71
C LYS A 60 -12.67 43.84 -0.40
N THR A 61 -12.63 43.34 0.84
CA THR A 61 -13.43 42.18 1.19
C THR A 61 -14.92 42.49 1.20
N TYR A 62 -15.29 43.70 1.65
CA TYR A 62 -16.71 44.06 1.68
C TYR A 62 -17.31 44.01 0.28
N THR A 63 -16.59 44.54 -0.71
CA THR A 63 -17.09 44.46 -2.08
C THR A 63 -16.99 43.04 -2.61
N ALA A 64 -15.96 42.30 -2.21
CA ALA A 64 -15.84 40.90 -2.60
C ALA A 64 -17.01 40.09 -2.06
N LEU A 65 -17.28 40.19 -0.76
CA LEU A 65 -18.35 39.42 -0.16
C LEU A 65 -19.72 39.88 -0.65
N ASN A 66 -19.89 41.18 -0.92
CA ASN A 66 -21.16 41.65 -1.45
C ASN A 66 -21.44 41.05 -2.82
N PHE A 67 -20.39 40.69 -3.56
CA PHE A 67 -20.59 39.98 -4.83
C PHE A 67 -21.00 38.53 -4.59
N LEU A 68 -20.37 37.89 -3.61
CA LEU A 68 -20.73 36.52 -3.27
C LEU A 68 -22.18 36.42 -2.80
N LEU A 69 -22.61 37.40 -2.00
CA LEU A 69 -24.00 37.45 -1.56
C LEU A 69 -24.95 37.67 -2.74
N GLN A 70 -24.53 38.45 -3.74
CA GLN A 70 -25.41 38.73 -4.86
C GLN A 70 -25.62 37.50 -5.73
N GLN A 71 -24.57 36.69 -5.92
CA GLN A 71 -24.74 35.43 -6.63
C GLN A 71 -25.58 34.44 -5.84
N MET A 72 -25.62 34.57 -4.51
CA MET A 72 -26.51 33.76 -3.71
C MET A 72 -27.97 34.03 -4.06
N LEU A 73 -28.33 35.31 -4.17
CA LEU A 73 -29.73 35.66 -4.42
C LEU A 73 -30.17 35.23 -5.81
N GLU A 74 -29.30 35.39 -6.81
CA GLU A 74 -29.67 35.00 -8.17
C GLU A 74 -29.93 33.51 -8.26
N GLN A 75 -29.07 32.69 -7.65
CA GLN A 75 -29.29 31.24 -7.66
C GLN A 75 -30.58 30.89 -6.93
N VAL A 76 -30.84 31.55 -5.81
CA VAL A 76 -32.09 31.34 -5.10
C VAL A 76 -33.27 31.78 -5.96
N ARG A 77 -33.13 32.90 -6.66
CA ARG A 77 -34.18 33.37 -7.56
C ARG A 77 -34.38 32.37 -8.71
N SER A 78 -33.29 31.80 -9.22
CA SER A 78 -33.40 30.88 -10.35
C SER A 78 -34.24 29.66 -9.98
N GLU A 79 -34.01 29.08 -8.80
CA GLU A 79 -34.81 27.95 -8.37
C GLU A 79 -36.25 28.35 -8.08
N LEU A 80 -36.46 29.59 -7.63
CA LEU A 80 -37.82 30.04 -7.33
C LEU A 80 -38.62 30.22 -8.61
N LYS A 81 -38.03 30.88 -9.62
CA LYS A 81 -38.76 31.16 -10.85
C LYS A 81 -38.94 29.90 -11.67
N GLU A 82 -37.93 29.03 -11.71
CA GLU A 82 -38.00 27.83 -12.56
C GLU A 82 -39.00 26.81 -12.03
N GLU A 83 -39.46 26.95 -10.80
CA GLU A 83 -40.44 26.02 -10.25
C GLU A 83 -41.85 26.49 -10.55
N LYS A 87 -35.44 21.79 -11.49
CA LYS A 87 -34.38 21.42 -10.56
C LYS A 87 -33.21 20.77 -11.30
N LYS A 88 -32.28 21.58 -11.77
CA LYS A 88 -31.12 21.07 -12.51
C LYS A 88 -29.93 20.84 -11.58
N SER A 89 -29.42 21.91 -10.99
CA SER A 89 -28.27 21.88 -10.09
C SER A 89 -28.12 23.26 -9.47
N LYS A 90 -27.08 23.44 -8.68
CA LYS A 90 -26.74 24.72 -8.07
C LYS A 90 -25.41 25.22 -8.60
N ARG A 91 -25.35 26.51 -8.91
CA ARG A 91 -24.10 27.13 -9.33
C ARG A 91 -23.18 27.25 -8.12
N LEU A 92 -22.17 26.39 -8.07
CA LEU A 92 -21.24 26.39 -6.94
C LEU A 92 -20.46 27.70 -6.89
N LEU A 93 -20.33 28.27 -5.70
CA LEU A 93 -19.48 29.42 -5.46
C LEU A 93 -18.47 29.05 -4.38
N TYR A 94 -17.22 29.45 -4.59
CA TYR A 94 -16.14 29.16 -3.66
C TYR A 94 -15.46 30.45 -3.26
N TYR A 95 -15.05 30.52 -1.99
CA TYR A 95 -14.19 31.59 -1.50
C TYR A 95 -12.90 30.93 -1.10
N VAL A 96 -11.98 30.82 -2.04
CA VAL A 96 -10.72 30.14 -1.82
C VAL A 96 -9.69 31.15 -1.33
N THR A 97 -9.02 30.83 -0.22
CA THR A 97 -7.91 31.62 0.26
C THR A 97 -6.74 30.67 0.55
N ASP A 98 -5.67 31.17 1.15
CA ASP A 98 -4.52 30.33 1.47
C ASP A 98 -4.27 30.19 2.96
N SER A 99 -5.09 30.81 3.80
CA SER A 99 -4.93 30.72 5.25
C SER A 99 -6.26 30.39 5.89
N VAL A 100 -6.21 29.58 6.96
CA VAL A 100 -7.43 29.20 7.65
C VAL A 100 -8.05 30.39 8.37
N ASP A 101 -7.21 31.27 8.93
CA ASP A 101 -7.73 32.40 9.69
C ASP A 101 -8.46 33.40 8.80
N ASN A 102 -8.30 33.30 7.48
CA ASN A 102 -8.92 34.27 6.59
C ASN A 102 -10.28 33.79 6.09
N VAL A 103 -10.44 32.50 5.85
CA VAL A 103 -11.73 32.00 5.38
C VAL A 103 -12.77 32.07 6.50
N VAL A 104 -12.40 31.68 7.71
CA VAL A 104 -13.32 31.79 8.83
C VAL A 104 -13.68 33.25 9.10
N SER A 105 -12.71 34.16 8.94
CA SER A 105 -12.99 35.58 9.08
C SER A 105 -13.91 36.06 7.95
N ALA A 106 -13.68 35.58 6.74
CA ALA A 106 -14.56 35.93 5.63
C ALA A 106 -15.96 35.36 5.83
N LYS A 107 -16.05 34.10 6.27
CA LYS A 107 -17.35 33.52 6.56
C LYS A 107 -18.05 34.27 7.68
N ALA A 108 -17.30 34.62 8.73
CA ALA A 108 -17.88 35.40 9.81
C ALA A 108 -18.38 36.75 9.33
N ASP A 109 -17.58 37.42 8.50
CA ASP A 109 -18.02 38.70 7.96
C ASP A 109 -19.21 38.54 7.02
N LEU A 110 -19.24 37.45 6.26
CA LEU A 110 -20.39 37.17 5.41
C LEU A 110 -21.65 36.97 6.25
N LEU A 111 -21.54 36.22 7.36
CA LEU A 111 -22.68 36.03 8.23
C LEU A 111 -23.14 37.34 8.84
N LYS A 112 -22.20 38.20 9.24
CA LYS A 112 -22.58 39.51 9.74
C LYS A 112 -23.19 40.38 8.64
N LEU A 113 -22.74 40.21 7.40
CA LEU A 113 -23.29 41.01 6.30
C LEU A 113 -24.76 40.69 6.06
N ILE A 114 -25.13 39.40 6.15
CA ILE A 114 -26.53 39.03 6.00
C ILE A 114 -27.37 39.61 7.13
N GLU A 115 -26.87 39.53 8.37
CA GLU A 115 -27.61 40.05 9.51
C GLU A 115 -27.66 41.58 9.48
N LYS A 116 -26.52 42.22 9.25
CA LYS A 116 -26.40 43.67 9.28
C LYS A 116 -26.36 44.18 7.85
N GLN A 117 -27.53 44.47 7.29
CA GLN A 117 -27.64 44.99 5.93
C GLN A 117 -28.69 46.10 5.94
N THR A 118 -28.24 47.34 6.02
CA THR A 118 -29.15 48.48 6.13
C THR A 118 -29.39 49.08 4.75
N VAL A 119 -30.04 48.30 3.90
CA VAL A 119 -30.44 48.78 2.57
C VAL A 119 -31.70 49.62 2.73
N LYS A 120 -31.69 50.82 2.15
CA LYS A 120 -32.76 51.80 2.25
C LYS A 120 -33.10 52.16 3.69
N GLY A 121 -32.21 51.85 4.64
CA GLY A 121 -32.47 52.11 6.04
C GLY A 121 -33.18 51.00 6.79
N GLU A 122 -33.47 49.88 6.15
CA GLU A 122 -34.18 48.77 6.75
C GLU A 122 -33.43 47.48 6.47
N PRO A 123 -33.62 46.45 7.30
CA PRO A 123 -32.96 45.16 7.03
C PRO A 123 -33.37 44.60 5.68
N ARG A 124 -32.40 44.01 4.98
CA ARG A 124 -32.67 43.48 3.66
C ARG A 124 -33.55 42.23 3.72
N PHE A 125 -33.24 41.31 4.63
CA PHE A 125 -33.91 40.04 4.72
C PHE A 125 -34.78 39.99 5.97
N THR A 126 -35.86 39.21 5.88
CA THR A 126 -36.70 38.98 7.04
C THR A 126 -35.97 38.11 8.06
N LEU A 127 -36.63 37.86 9.19
CA LEU A 127 -36.00 37.11 10.27
C LEU A 127 -35.77 35.65 9.88
N GLU A 128 -36.39 35.18 8.80
CA GLU A 128 -36.30 33.77 8.42
C GLU A 128 -35.28 33.55 7.31
N GLN A 129 -35.24 34.45 6.33
CA GLN A 129 -34.34 34.28 5.19
C GLN A 129 -32.88 34.22 5.61
N GLN A 130 -32.52 34.87 6.71
CA GLN A 130 -31.14 34.78 7.19
C GLN A 130 -30.76 33.35 7.50
N GLU A 131 -31.70 32.56 8.04
CA GLU A 131 -31.41 31.16 8.34
C GLU A 131 -31.27 30.34 7.06
N TYR A 132 -32.08 30.64 6.04
CA TYR A 132 -31.95 29.95 4.77
C TYR A 132 -30.59 30.25 4.13
N LEU A 133 -30.20 31.54 4.12
CA LEU A 133 -28.92 31.91 3.52
C LEU A 133 -27.75 31.36 4.34
N LYS A 134 -27.85 31.40 5.66
CA LYS A 134 -26.79 30.84 6.49
C LYS A 134 -26.63 29.35 6.27
N ALA A 135 -27.72 28.65 5.94
CA ALA A 135 -27.64 27.22 5.68
C ALA A 135 -26.91 26.92 4.38
N GLN A 136 -26.92 27.86 3.44
CA GLN A 136 -26.23 27.66 2.16
C GLN A 136 -24.72 27.77 2.30
N ILE A 137 -24.22 28.50 3.29
CA ILE A 137 -22.79 28.64 3.47
C ILE A 137 -22.25 27.38 4.15
N VAL A 138 -21.02 27.01 3.80
CA VAL A 138 -20.35 25.85 4.37
C VAL A 138 -18.87 26.17 4.48
N HIS A 139 -18.26 25.80 5.61
CA HIS A 139 -16.83 25.91 5.81
C HIS A 139 -16.26 24.51 5.91
N LEU A 140 -15.27 24.21 5.08
CA LEU A 140 -14.68 22.87 5.05
C LEU A 140 -13.25 22.91 5.53
N PRO A 141 -12.99 22.64 6.81
CA PRO A 141 -11.61 22.58 7.31
C PRO A 141 -11.02 21.19 7.12
N ASN A 142 -9.79 20.99 7.59
CA ASN A 142 -9.18 19.69 7.46
C ASN A 142 -9.93 18.65 8.30
N GLN A 143 -9.64 17.38 8.02
CA GLN A 143 -10.34 16.31 8.73
C GLN A 143 -10.04 16.32 10.22
N SER A 144 -8.82 16.68 10.60
CA SER A 144 -8.47 16.70 12.02
C SER A 144 -9.31 17.68 12.81
N GLU A 145 -9.51 18.89 12.29
CA GLU A 145 -10.32 19.88 12.98
C GLU A 145 -11.80 19.69 12.73
N GLN A 146 -12.19 19.08 11.62
CA GLN A 146 -13.59 18.75 11.40
C GLN A 146 -14.09 17.78 12.46
N LEU A 147 -13.24 16.86 12.90
CA LEU A 147 -13.65 15.92 13.95
C LEU A 147 -13.78 16.60 15.30
N LEU A 148 -12.79 17.41 15.67
CA LEU A 148 -12.73 18.02 17.00
C LEU A 148 -13.72 19.16 17.17
N GLN A 149 -14.60 19.39 16.20
CA GLN A 149 -15.66 20.38 16.37
C GLN A 149 -17.00 19.74 16.72
N CYS A 150 -17.27 18.54 16.20
CA CYS A 150 -18.49 17.84 16.52
C CYS A 150 -18.48 17.33 17.95
N SER A 151 -19.64 17.36 18.59
CA SER A 151 -19.78 16.86 19.95
C SER A 151 -19.81 15.34 19.98
N ASP A 152 -19.66 14.78 21.17
CA ASP A 152 -19.71 13.33 21.33
C ASP A 152 -21.10 12.78 21.00
N ALA A 153 -22.14 13.60 21.14
CA ALA A 153 -23.48 13.17 20.78
C ALA A 153 -23.60 12.92 19.29
N VAL A 154 -22.97 13.78 18.47
CA VAL A 154 -23.04 13.63 17.02
C VAL A 154 -22.34 12.34 16.58
N LEU A 155 -21.15 12.09 17.12
CA LEU A 155 -20.42 10.88 16.73
C LEU A 155 -21.09 9.62 17.24
N ASN A 156 -21.76 9.69 18.39
CA ASN A 156 -22.52 8.55 18.88
C ASN A 156 -23.67 8.21 17.94
N ASP A 157 -24.35 9.23 17.43
CA ASP A 157 -25.46 8.98 16.51
C ASP A 157 -24.98 8.31 15.23
N VAL A 158 -23.81 8.73 14.72
CA VAL A 158 -23.27 8.11 13.52
C VAL A 158 -22.81 6.69 13.80
N LEU A 159 -22.07 6.50 14.88
CA LEU A 159 -21.52 5.17 15.18
C LEU A 159 -22.64 4.16 15.47
N ILE A 160 -23.65 4.58 16.24
CA ILE A 160 -24.77 3.70 16.53
C ILE A 160 -25.63 3.49 15.29
N GLY A 161 -25.90 4.57 14.55
CA GLY A 161 -26.79 4.52 13.41
C GLY A 161 -26.22 3.85 12.17
N PHE A 162 -24.94 3.46 12.20
CA PHE A 162 -24.31 2.80 11.07
C PHE A 162 -23.83 1.39 11.43
N ASN A 163 -24.22 0.88 12.60
CA ASN A 163 -23.78 -0.42 13.10
C ASN A 163 -22.26 -0.52 13.21
N LEU A 164 -21.57 0.61 13.33
CA LEU A 164 -20.13 0.60 13.47
C LEU A 164 -19.68 0.28 14.89
N ASN A 165 -20.60 0.22 15.85
CA ASN A 165 -20.22 -0.11 17.22
C ASN A 165 -20.09 -1.62 17.39
N ALA A 166 -19.42 -2.27 16.45
CA ALA A 166 -19.08 -3.68 16.56
C ALA A 166 -17.73 -4.02 15.97
N GLU A 167 -16.98 -3.02 15.49
CA GLU A 167 -15.77 -3.29 14.71
C GLU A 167 -14.55 -3.59 15.57
N ARG A 168 -14.64 -3.41 16.88
CA ARG A 168 -13.61 -3.76 17.86
C ARG A 168 -12.36 -2.90 17.71
N ASP A 169 -12.29 -2.05 16.71
CA ASP A 169 -11.23 -1.08 16.54
C ASP A 169 -11.74 0.34 16.37
N VAL A 170 -12.90 0.51 15.73
CA VAL A 170 -13.52 1.83 15.65
C VAL A 170 -13.87 2.32 17.05
N GLN A 171 -14.48 1.45 17.86
CA GLN A 171 -14.79 1.83 19.24
C GLN A 171 -13.52 1.95 20.07
N ALA A 172 -12.50 1.16 19.78
CA ALA A 172 -11.25 1.26 20.50
C ALA A 172 -10.56 2.60 20.26
N GLU A 173 -10.55 3.06 19.00
CA GLU A 173 -9.94 4.35 18.68
C GLU A 173 -10.82 5.49 19.13
N TRP A 174 -12.14 5.38 18.94
CA TRP A 174 -13.05 6.44 19.36
C TRP A 174 -13.03 6.62 20.88
N SER A 175 -12.72 5.56 21.62
CA SER A 175 -12.55 5.69 23.07
C SER A 175 -11.38 6.60 23.40
N ALA A 176 -10.27 6.45 22.67
CA ALA A 176 -9.10 7.30 22.93
C ALA A 176 -9.37 8.76 22.58
N ILE A 177 -10.06 9.00 21.46
CA ILE A 177 -10.39 10.37 21.07
C ILE A 177 -11.34 11.00 22.09
N SER A 178 -12.35 10.23 22.51
CA SER A 178 -13.26 10.72 23.54
C SER A 178 -12.53 10.96 24.85
N GLY A 179 -11.61 10.07 25.22
CA GLY A 179 -10.88 10.21 26.46
C GLY A 179 -9.84 11.31 26.45
N LEU A 180 -9.37 11.70 25.26
CA LEU A 180 -8.34 12.74 25.18
C LEU A 180 -8.95 14.14 25.10
N ARG A 181 -10.18 14.26 24.61
CA ARG A 181 -10.81 15.57 24.53
C ARG A 181 -11.21 16.09 25.91
N ARG A 182 -11.54 15.20 26.83
CA ARG A 182 -12.09 15.63 28.12
C ARG A 182 -11.05 16.38 28.96
N HIS A 183 -9.78 16.29 28.60
CA HIS A 183 -8.72 16.94 29.38
C HIS A 183 -8.71 18.44 29.11
N ALA A 184 -7.83 19.14 29.82
CA ALA A 184 -7.73 20.58 29.73
C ALA A 184 -7.10 20.98 28.40
N SER A 185 -6.83 22.28 28.26
CA SER A 185 -6.24 22.79 27.03
C SER A 185 -4.91 22.09 26.75
N ASN A 186 -3.91 22.30 27.61
CA ASN A 186 -2.64 21.59 27.61
C ASN A 186 -2.08 21.44 26.19
N PRO A 187 -1.52 22.50 25.61
CA PRO A 187 -1.07 22.45 24.20
C PRO A 187 -0.30 21.19 23.81
N GLU A 188 0.35 20.55 24.79
CA GLU A 188 0.99 19.27 24.52
C GLU A 188 -0.03 18.19 24.19
N VAL A 189 -1.19 18.22 24.84
CA VAL A 189 -2.25 17.27 24.53
C VAL A 189 -2.88 17.57 23.18
N LYS A 190 -3.09 18.85 22.88
CA LYS A 190 -3.82 19.21 21.66
C LYS A 190 -3.08 18.81 20.40
N ILE A 191 -1.74 18.95 20.40
CA ILE A 191 -0.99 18.60 19.20
C ILE A 191 -1.10 17.11 18.92
N SER A 192 -1.11 16.29 19.97
CA SER A 192 -1.35 14.85 19.79
C SER A 192 -2.81 14.54 19.51
N LEU A 193 -3.73 15.34 20.06
CA LEU A 193 -5.14 15.12 19.79
C LEU A 193 -5.48 15.34 18.33
N ASN A 194 -4.90 16.37 17.71
CA ASN A 194 -5.21 16.67 16.31
C ASN A 194 -4.64 15.61 15.38
N ARG A 195 -3.52 14.98 15.75
CA ARG A 195 -2.97 13.91 14.93
C ARG A 195 -3.94 12.73 14.85
N GLN A 196 -4.42 12.26 16.00
CA GLN A 196 -5.32 11.12 16.04
C GLN A 196 -6.71 11.46 15.51
N ALA A 197 -7.14 12.71 15.64
CA ALA A 197 -8.45 13.09 15.12
C ALA A 197 -8.51 12.92 13.60
N GLY A 198 -7.45 13.33 12.90
CA GLY A 198 -7.44 13.18 11.46
C GLY A 198 -7.44 11.73 11.01
N TYR A 199 -6.61 10.90 11.65
CA TYR A 199 -6.53 9.49 11.27
C TYR A 199 -7.86 8.78 11.52
N PHE A 200 -8.48 9.05 12.68
CA PHE A 200 -9.77 8.43 12.97
C PHE A 200 -10.84 8.87 11.98
N TYR A 201 -10.82 10.15 11.60
CA TYR A 201 -11.77 10.65 10.61
C TYR A 201 -11.61 9.92 9.28
N ARG A 202 -10.37 9.70 8.85
CA ARG A 202 -10.13 8.97 7.61
C ARG A 202 -10.67 7.55 7.70
N ASN A 203 -10.37 6.86 8.80
CA ASN A 203 -10.82 5.48 8.96
C ASN A 203 -12.33 5.39 9.08
N LEU A 204 -12.95 6.33 9.80
CA LEU A 204 -14.40 6.30 9.97
C LEU A 204 -15.12 6.51 8.65
N ILE A 205 -14.64 7.45 7.83
CA ILE A 205 -15.36 7.80 6.61
C ILE A 205 -15.32 6.68 5.58
N ASP A 206 -14.16 6.04 5.42
CA ASP A 206 -14.06 4.97 4.43
C ASP A 206 -14.97 3.80 4.80
N ARG A 207 -15.07 3.50 6.11
CA ARG A 207 -16.08 2.54 6.55
C ARG A 207 -17.48 3.08 6.29
N LEU A 208 -17.70 4.37 6.56
CA LEU A 208 -18.97 4.99 6.25
C LEU A 208 -19.22 5.05 4.74
N GLN A 209 -18.17 4.92 3.94
CA GLN A 209 -18.29 4.95 2.49
C GLN A 209 -18.39 3.57 1.86
N LYS A 210 -17.71 2.57 2.44
CA LYS A 210 -17.91 1.19 1.97
C LYS A 210 -19.29 0.68 2.33
N LYS A 211 -19.81 1.06 3.49
CA LYS A 211 -21.11 0.63 3.96
C LYS A 211 -22.26 1.34 3.26
N GLN A 212 -22.02 2.51 2.66
CA GLN A 212 -23.08 3.30 2.08
C GLN A 212 -23.17 3.17 0.56
N LYS A 213 -22.06 2.91 -0.12
CA LYS A 213 -22.07 2.73 -1.57
C LYS A 213 -22.40 1.31 -2.00
N GLY A 214 -22.62 0.40 -1.06
CA GLY A 214 -22.90 -0.98 -1.39
C GLY A 214 -24.37 -1.27 -1.56
N ALA A 215 -24.87 -2.27 -0.84
CA ALA A 215 -26.26 -2.69 -0.92
C ALA A 215 -27.12 -2.23 0.25
N ASP A 216 -26.53 -2.15 1.45
CA ASP A 216 -27.27 -1.71 2.63
C ASP A 216 -27.22 -0.19 2.75
N ARG A 217 -27.85 0.47 1.77
CA ARG A 217 -27.95 1.92 1.79
C ARG A 217 -28.72 2.38 3.02
N VAL A 218 -28.04 3.11 3.91
CA VAL A 218 -28.61 3.43 5.21
C VAL A 218 -29.73 4.46 5.13
N LEU A 219 -29.93 5.07 3.97
CA LEU A 219 -31.02 6.04 3.76
C LEU A 219 -30.95 7.17 4.78
N LEU A 220 -29.87 7.94 4.68
CA LEU A 220 -29.56 9.00 5.63
C LEU A 220 -30.66 10.05 5.69
N SER A 221 -31.31 10.16 6.84
CA SER A 221 -32.37 11.16 7.04
C SER A 221 -32.61 11.30 8.54
N GLY A 222 -33.44 12.29 8.88
CA GLY A 222 -33.77 12.52 10.28
C GLY A 222 -32.58 13.08 11.05
N SER A 223 -32.55 12.77 12.35
CA SER A 223 -31.46 13.24 13.19
C SER A 223 -30.12 12.63 12.79
N LEU A 224 -30.13 11.50 12.07
CA LEU A 224 -28.89 10.96 11.55
C LEU A 224 -28.34 11.82 10.43
N LEU A 225 -29.21 12.51 9.69
CA LEU A 225 -28.74 13.42 8.65
C LEU A 225 -27.97 14.59 9.24
N ALA A 226 -28.52 15.23 10.27
CA ALA A 226 -27.82 16.35 10.90
C ALA A 226 -26.53 15.89 11.56
N SER A 227 -26.40 14.59 11.84
CA SER A 227 -25.18 14.09 12.45
C SER A 227 -24.08 13.89 11.41
N VAL A 228 -24.40 13.30 10.27
CA VAL A 228 -23.40 13.12 9.23
C VAL A 228 -23.03 14.46 8.59
N GLU A 229 -24.04 15.31 8.35
CA GLU A 229 -23.77 16.61 7.75
C GLU A 229 -22.86 17.44 8.62
N THR A 230 -23.01 17.35 9.95
CA THR A 230 -22.07 18.00 10.85
C THR A 230 -20.68 17.38 10.73
N LEU A 231 -20.61 16.06 10.64
CA LEU A 231 -19.32 15.39 10.45
C LEU A 231 -18.82 15.53 9.02
N LEU A 232 -19.72 15.70 8.06
CA LEU A 232 -19.37 15.83 6.64
C LEU A 232 -20.02 17.09 6.09
N PRO A 233 -19.38 18.25 6.26
CA PRO A 233 -19.93 19.47 5.65
C PRO A 233 -20.04 19.37 4.14
N GLY A 234 -19.14 18.63 3.50
CA GLY A 234 -19.19 18.45 2.07
C GLY A 234 -20.21 17.41 1.65
N GLU A 235 -21.25 17.24 2.46
CA GLU A 235 -22.39 16.40 2.11
C GLU A 235 -23.65 17.20 1.82
N LYS A 236 -23.86 18.32 2.50
CA LYS A 236 -24.94 19.24 2.12
C LYS A 236 -24.68 19.85 0.76
N ILE A 237 -23.43 19.91 0.33
CA ILE A 237 -23.10 20.35 -1.03
C ILE A 237 -23.55 19.32 -2.04
N ARG A 238 -23.35 18.03 -1.74
CA ARG A 238 -23.78 16.98 -2.64
C ARG A 238 -25.29 16.77 -2.62
N ASN A 239 -25.96 17.16 -1.53
CA ASN A 239 -27.39 16.95 -1.39
C ASN A 239 -28.22 18.12 -1.89
N GLY A 240 -27.59 19.20 -2.32
CA GLY A 240 -28.31 20.36 -2.81
C GLY A 240 -28.79 21.33 -1.75
N SER A 241 -28.41 21.14 -0.49
CA SER A 241 -28.79 22.08 0.55
C SER A 241 -27.86 23.28 0.64
N ALA A 242 -26.73 23.25 -0.08
CA ALA A 242 -25.77 24.34 -0.04
C ALA A 242 -25.00 24.36 -1.35
N HIS A 243 -24.54 25.54 -1.75
CA HIS A 243 -23.65 25.64 -2.90
C HIS A 243 -22.41 26.46 -2.56
N VAL A 244 -22.56 27.43 -1.67
CA VAL A 244 -21.44 28.27 -1.27
C VAL A 244 -20.53 27.51 -0.32
N ALA A 245 -19.22 27.60 -0.56
CA ALA A 245 -18.23 26.95 0.26
C ALA A 245 -17.17 27.96 0.69
N PHE A 246 -16.42 27.60 1.74
CA PHE A 246 -15.37 28.45 2.28
C PHE A 246 -14.22 27.55 2.69
N LEU A 247 -13.20 27.45 1.83
CA LEU A 247 -12.10 26.54 2.07
C LEU A 247 -10.79 27.18 1.65
N THR A 248 -9.69 26.61 2.15
CA THR A 248 -8.37 27.06 1.77
C THR A 248 -8.00 26.48 0.41
N THR A 249 -6.94 27.03 -0.19
CA THR A 249 -6.52 26.57 -1.51
C THR A 249 -6.08 25.12 -1.46
N SER A 250 -5.41 24.71 -0.38
CA SER A 250 -5.01 23.31 -0.25
C SER A 250 -6.23 22.40 -0.19
N LYS A 251 -7.28 22.79 0.51
CA LYS A 251 -8.50 22.00 0.53
C LYS A 251 -9.19 21.99 -0.83
N PHE A 252 -8.99 23.05 -1.63
CA PHE A 252 -9.55 23.07 -2.97
C PHE A 252 -8.76 22.17 -3.93
N LEU A 253 -7.49 21.92 -3.63
CA LEU A 253 -6.67 21.04 -4.45
C LEU A 253 -6.59 19.62 -3.90
N LYS A 254 -7.09 19.38 -2.69
CA LYS A 254 -7.17 18.04 -2.13
C LYS A 254 -8.54 17.41 -2.27
N GLY A 255 -9.60 18.21 -2.23
CA GLY A 255 -10.96 17.70 -2.31
C GLY A 255 -11.51 17.32 -0.95
N PHE A 256 -12.83 17.41 -0.84
CA PHE A 256 -13.52 17.08 0.40
C PHE A 256 -14.41 15.85 0.20
N HIS A 257 -15.02 15.39 1.28
CA HIS A 257 -15.70 14.12 1.33
C HIS A 257 -17.22 14.30 1.42
N ASN A 258 -17.94 13.37 0.79
CA ASN A 258 -19.35 13.17 1.09
C ASN A 258 -19.53 11.69 1.44
N THR A 259 -20.78 11.25 1.56
CA THR A 259 -21.04 9.87 1.97
C THR A 259 -20.57 8.83 0.95
N ARG A 260 -20.36 9.23 -0.31
CA ARG A 260 -19.97 8.28 -1.35
C ARG A 260 -18.46 8.19 -1.51
N SER A 261 -17.79 9.29 -1.83
CA SER A 261 -16.35 9.27 -2.09
C SER A 261 -15.81 10.68 -1.90
N ARG A 262 -14.56 10.87 -2.33
CA ARG A 262 -13.90 12.17 -2.23
C ARG A 262 -14.22 13.00 -3.46
N TYR A 263 -14.79 14.18 -3.25
CA TYR A 263 -15.21 15.05 -4.35
C TYR A 263 -14.11 16.06 -4.65
N SER A 264 -13.65 16.08 -5.90
CA SER A 264 -12.60 17.00 -6.31
C SER A 264 -13.21 18.14 -7.09
N PRO A 265 -13.15 19.37 -6.59
CA PRO A 265 -13.81 20.48 -7.31
C PRO A 265 -13.17 20.81 -8.65
N LEU A 266 -11.93 20.39 -8.88
CA LEU A 266 -11.27 20.69 -10.15
C LEU A 266 -11.98 20.00 -11.31
N ARG A 267 -12.37 18.74 -11.13
CA ARG A 267 -12.95 17.98 -12.23
C ARG A 267 -14.39 18.38 -12.54
N ASP A 268 -15.00 19.23 -11.72
CA ASP A 268 -16.40 19.61 -11.89
C ASP A 268 -16.51 21.14 -11.82
N LEU A 269 -15.69 21.81 -12.62
CA LEU A 269 -15.57 23.26 -12.55
C LEU A 269 -16.46 24.00 -13.54
N SER A 270 -17.21 23.28 -14.37
CA SER A 270 -18.01 23.94 -15.39
C SER A 270 -19.15 24.71 -14.75
N GLY A 271 -19.12 26.04 -14.90
CA GLY A 271 -20.15 26.90 -14.35
C GLY A 271 -19.87 27.43 -12.96
N ALA A 272 -18.78 27.01 -12.33
CA ALA A 272 -18.45 27.50 -11.00
C ALA A 272 -18.09 28.98 -11.03
N VAL A 273 -18.03 29.58 -9.85
CA VAL A 273 -17.60 30.97 -9.68
C VAL A 273 -16.64 31.00 -8.50
N LEU A 274 -15.34 31.05 -8.79
CA LEU A 274 -14.32 31.12 -7.76
C LEU A 274 -14.09 32.57 -7.36
N ILE A 275 -13.88 32.80 -6.08
CA ILE A 275 -13.45 34.09 -5.56
C ILE A 275 -12.18 33.83 -4.77
N ILE A 276 -11.06 34.37 -5.24
CA ILE A 276 -9.78 34.12 -4.63
C ILE A 276 -9.26 35.44 -4.07
N ASP A 277 -9.15 35.51 -2.74
CA ASP A 277 -8.45 36.62 -2.12
C ASP A 277 -6.96 36.42 -2.26
N GLU A 278 -6.23 37.52 -2.47
CA GLU A 278 -4.79 37.52 -2.73
C GLU A 278 -4.42 36.44 -3.75
N ILE A 279 -4.96 36.61 -4.96
CA ILE A 279 -4.79 35.62 -6.01
C ILE A 279 -3.33 35.39 -6.35
N ASP A 280 -2.48 36.40 -6.18
CA ASP A 280 -1.07 36.25 -6.51
C ASP A 280 -0.39 35.22 -5.63
N LYS A 281 -0.82 35.11 -4.38
CA LYS A 281 -0.19 34.17 -3.45
C LYS A 281 -0.55 32.72 -3.75
N GLN A 282 -1.55 32.47 -4.58
CA GLN A 282 -1.93 31.09 -4.89
C GLN A 282 -0.95 30.43 -5.84
N ASN A 283 -0.13 31.21 -6.55
CA ASN A 283 0.90 30.60 -7.38
C ASN A 283 1.87 29.78 -6.54
N GLN A 284 2.27 30.32 -5.38
CA GLN A 284 3.11 29.55 -4.48
C GLN A 284 2.36 28.36 -3.89
N VAL A 285 1.06 28.53 -3.61
CA VAL A 285 0.29 27.47 -2.96
C VAL A 285 0.04 26.33 -3.94
N ILE A 286 -0.39 26.65 -5.17
CA ILE A 286 -0.66 25.62 -6.16
C ILE A 286 0.63 24.89 -6.52
N LEU A 287 1.73 25.63 -6.65
CA LEU A 287 3.01 25.01 -6.94
C LEU A 287 3.44 24.08 -5.81
N SER A 288 3.10 24.43 -4.57
CA SER A 288 3.42 23.56 -3.45
C SER A 288 2.63 22.25 -3.50
N GLU A 289 1.43 22.28 -4.05
CA GLU A 289 0.65 21.06 -4.21
C GLU A 289 1.15 20.24 -5.39
N LEU A 290 1.60 20.90 -6.45
CA LEU A 290 2.10 20.16 -7.62
C LEU A 290 3.43 19.49 -7.35
N CYS A 291 4.19 19.97 -6.37
CA CYS A 291 5.46 19.36 -6.02
C CYS A 291 5.31 18.20 -5.04
N LYS A 292 4.09 17.88 -4.63
CA LYS A 292 3.83 16.80 -3.70
C LYS A 292 3.47 15.49 -4.40
N GLN A 293 3.53 15.46 -5.73
CA GLN A 293 3.23 14.23 -6.47
C GLN A 293 4.27 13.16 -6.16
N GLN A 294 3.85 11.91 -6.27
CA GLN A 294 4.71 10.78 -5.92
C GLN A 294 5.56 10.33 -7.10
N ALA A 295 6.80 9.97 -6.83
CA ALA A 295 7.70 9.51 -7.86
C ALA A 295 7.30 8.12 -8.35
N GLN A 296 7.35 7.93 -9.66
CA GLN A 296 6.94 6.68 -10.28
C GLN A 296 8.14 6.04 -10.96
N ASP A 297 8.33 4.74 -10.72
CA ASP A 297 9.40 4.00 -11.39
C ASP A 297 9.05 3.84 -12.86
N LEU A 298 9.95 4.30 -13.74
CA LEU A 298 9.68 4.22 -15.17
C LEU A 298 9.91 2.80 -15.70
N ILE A 299 10.92 2.11 -15.20
CA ILE A 299 11.23 0.78 -15.71
C ILE A 299 10.12 -0.21 -15.32
N TRP A 300 9.70 -0.18 -14.06
CA TRP A 300 8.60 -1.05 -13.64
C TRP A 300 7.32 -0.71 -14.39
N ALA A 301 7.01 0.57 -14.53
CA ALA A 301 5.75 0.95 -15.16
C ALA A 301 5.71 0.53 -16.62
N ILE A 302 6.82 0.70 -17.34
CA ILE A 302 6.84 0.36 -18.76
C ILE A 302 6.85 -1.14 -18.96
N ARG A 303 7.60 -1.87 -18.11
CA ARG A 303 7.58 -3.33 -18.20
C ARG A 303 6.23 -3.89 -17.82
N THR A 304 5.58 -3.32 -16.81
CA THR A 304 4.25 -3.75 -16.42
C THR A 304 3.23 -3.46 -17.52
N LEU A 305 3.31 -2.28 -18.12
CA LEU A 305 2.38 -1.93 -19.18
C LEU A 305 2.54 -2.85 -20.38
N ARG A 306 3.78 -3.18 -20.73
CA ARG A 306 4.03 -4.02 -21.89
C ARG A 306 3.52 -5.44 -21.67
N ALA A 307 3.70 -5.98 -20.46
CA ALA A 307 3.32 -7.36 -20.19
C ALA A 307 1.81 -7.53 -20.21
N ASN A 308 1.07 -6.63 -19.55
CA ASN A 308 -0.37 -6.78 -19.46
C ASN A 308 -1.08 -6.42 -20.77
N PHE A 309 -0.57 -5.46 -21.52
CA PHE A 309 -1.26 -5.02 -22.72
C PHE A 309 -1.08 -5.98 -23.88
N ARG A 310 -0.15 -6.92 -23.80
CA ARG A 310 0.11 -7.82 -24.92
C ARG A 310 -1.08 -8.74 -25.18
N ASP A 311 -1.71 -9.27 -24.13
CA ASP A 311 -2.79 -10.22 -24.31
C ASP A 311 -4.10 -9.79 -23.66
N HIS A 312 -4.06 -9.20 -22.48
CA HIS A 312 -5.30 -8.91 -21.75
C HIS A 312 -6.17 -7.97 -22.54
N GLN A 313 -7.45 -8.31 -22.65
CA GLN A 313 -8.37 -7.61 -23.54
C GLN A 313 -9.59 -7.14 -22.76
N LEU A 314 -10.24 -6.11 -23.30
CA LEU A 314 -11.47 -5.61 -22.72
C LEU A 314 -12.66 -6.41 -23.22
N GLU A 315 -13.75 -6.35 -22.46
CA GLU A 315 -14.99 -6.98 -22.88
C GLU A 315 -15.56 -6.30 -24.11
N SER A 316 -16.43 -7.00 -24.82
CA SER A 316 -17.07 -6.48 -26.02
C SER A 316 -18.47 -5.97 -25.77
N SER A 317 -18.79 -5.62 -24.53
CA SER A 317 -20.09 -5.07 -24.20
C SER A 317 -20.20 -3.63 -24.70
N PRO A 318 -21.43 -3.11 -24.83
CA PRO A 318 -21.59 -1.72 -25.26
C PRO A 318 -20.95 -0.70 -24.33
N ARG A 319 -20.74 -1.05 -23.07
CA ARG A 319 -20.15 -0.10 -22.12
C ARG A 319 -18.68 0.16 -22.38
N TYR A 320 -18.04 -0.58 -23.28
CA TYR A 320 -16.66 -0.36 -23.65
C TYR A 320 -16.54 -0.17 -25.16
N ASP A 321 -17.54 0.48 -25.76
CA ASP A 321 -17.50 0.74 -27.19
C ASP A 321 -16.40 1.74 -27.51
N LYS A 322 -15.67 1.47 -28.60
CA LYS A 322 -14.58 2.30 -29.11
C LYS A 322 -13.59 2.73 -28.03
N ILE A 323 -13.51 1.95 -26.94
CA ILE A 323 -12.48 2.17 -25.94
C ILE A 323 -11.22 1.39 -26.27
N GLU A 324 -11.39 0.17 -26.81
CA GLU A 324 -10.24 -0.63 -27.21
C GLU A 324 -9.42 0.06 -28.29
N ASP A 325 -10.06 0.92 -29.09
CA ASP A 325 -9.34 1.63 -30.14
C ASP A 325 -8.40 2.67 -29.58
N LEU A 326 -8.76 3.31 -28.46
CA LEU A 326 -7.89 4.31 -27.86
C LEU A 326 -6.56 3.72 -27.44
N PHE A 327 -6.54 2.43 -27.10
CA PHE A 327 -5.32 1.78 -26.63
C PHE A 327 -4.56 1.07 -27.74
N GLU A 328 -5.11 0.99 -28.95
CA GLU A 328 -4.42 0.29 -30.02
C GLU A 328 -3.07 0.90 -30.38
N PRO A 329 -2.95 2.21 -30.62
CA PRO A 329 -1.61 2.77 -30.90
C PRO A 329 -0.64 2.57 -29.74
N LEU A 330 -1.13 2.59 -28.51
CA LEU A 330 -0.26 2.37 -27.37
C LEU A 330 0.26 0.95 -27.34
N ARG A 331 -0.58 -0.03 -27.72
CA ARG A 331 -0.15 -1.42 -27.73
C ARG A 331 0.97 -1.65 -28.74
N GLU A 332 0.84 -1.09 -29.95
CA GLU A 332 1.89 -1.24 -30.94
C GLU A 332 3.17 -0.55 -30.48
N ARG A 333 3.05 0.65 -29.91
CA ARG A 333 4.22 1.36 -29.41
C ARG A 333 4.88 0.59 -28.28
N LEU A 334 4.08 0.00 -27.39
CA LEU A 334 4.63 -0.78 -26.29
C LEU A 334 5.39 -1.99 -26.80
N GLU A 335 4.86 -2.67 -27.83
CA GLU A 335 5.57 -3.80 -28.40
C GLU A 335 6.84 -3.35 -29.12
N GLU A 336 6.74 -2.28 -29.91
CA GLU A 336 7.93 -1.76 -30.60
C GLU A 336 8.96 -1.26 -29.61
N PHE A 337 8.52 -0.59 -28.54
CA PHE A 337 9.45 -0.10 -27.53
C PHE A 337 10.14 -1.26 -26.82
N GLY A 338 9.39 -2.31 -26.48
CA GLY A 338 9.99 -3.45 -25.81
C GLY A 338 10.98 -4.19 -26.68
N THR A 339 10.69 -4.28 -27.98
CA THR A 339 11.62 -4.96 -28.89
C THR A 339 12.88 -4.15 -29.11
N ASN A 340 12.75 -2.82 -29.16
CA ASN A 340 13.91 -1.98 -29.42
C ASN A 340 14.90 -1.99 -28.26
N TRP A 341 14.39 -1.80 -27.04
CA TRP A 341 15.23 -1.70 -25.86
C TRP A 341 15.36 -3.01 -25.10
N ASN A 342 14.72 -4.09 -25.58
CA ASN A 342 14.81 -5.42 -24.98
C ASN A 342 14.34 -5.40 -23.51
N LEU A 343 13.05 -5.11 -23.37
CA LEU A 343 12.45 -4.99 -22.04
C LEU A 343 12.30 -6.32 -21.33
N ALA A 344 12.55 -7.44 -22.00
CA ALA A 344 12.52 -8.72 -21.32
C ALA A 344 13.61 -8.84 -20.27
N PHE A 345 14.68 -8.07 -20.39
CA PHE A 345 15.76 -8.06 -19.41
C PHE A 345 15.54 -6.94 -18.40
N ALA A 346 16.32 -6.99 -17.33
CA ALA A 346 16.33 -5.94 -16.32
C ALA A 346 17.48 -4.98 -16.59
N PHE A 347 17.37 -3.78 -16.01
CA PHE A 347 18.35 -2.73 -16.22
C PHE A 347 19.34 -2.66 -15.06
N ASN A 348 20.58 -2.33 -15.37
CA ASN A 348 21.62 -2.22 -14.35
C ASN A 348 22.77 -1.40 -14.91
N THR A 349 23.36 -0.58 -14.05
CA THR A 349 24.47 0.27 -14.44
C THR A 349 25.80 -0.38 -14.08
N GLU A 350 26.69 -0.47 -15.06
CA GLU A 350 28.03 -1.02 -14.86
C GLU A 350 29.06 -0.04 -15.37
N GLY A 351 30.05 0.25 -14.54
CA GLY A 351 31.14 1.13 -14.91
C GLY A 351 31.56 2.03 -13.76
N ALA A 352 32.75 2.60 -13.92
CA ALA A 352 33.28 3.54 -12.94
C ALA A 352 32.51 4.87 -13.00
N ASN A 353 32.56 5.60 -11.89
CA ASN A 353 31.88 6.88 -11.74
C ASN A 353 30.36 6.75 -11.91
N LEU A 354 29.82 5.55 -11.67
CA LEU A 354 28.38 5.32 -11.80
C LEU A 354 27.76 4.70 -10.56
N ASN A 355 28.55 4.28 -9.58
CA ASN A 355 28.03 3.69 -8.35
C ASN A 355 28.22 4.56 -7.12
N GLU A 356 29.27 5.37 -7.08
CA GLU A 356 29.44 6.29 -5.95
C GLU A 356 28.46 7.45 -5.98
N ARG A 357 27.89 7.76 -7.15
CA ARG A 357 26.92 8.83 -7.30
C ARG A 357 25.91 8.41 -8.37
N PRO A 358 24.62 8.40 -8.03
CA PRO A 358 23.60 8.10 -9.04
C PRO A 358 23.39 9.26 -9.99
N VAL A 359 22.90 8.95 -11.18
CA VAL A 359 22.72 9.95 -12.22
C VAL A 359 21.35 10.58 -12.10
N ARG A 360 21.27 11.87 -12.41
CA ARG A 360 20.01 12.61 -12.40
C ARG A 360 19.85 13.28 -13.76
N LEU A 361 18.75 13.00 -14.44
CA LEU A 361 18.53 13.52 -15.78
C LEU A 361 17.32 14.45 -15.75
N PHE A 362 17.58 15.75 -15.71
CA PHE A 362 16.56 16.77 -15.80
C PHE A 362 16.21 17.00 -17.27
N SER A 363 14.95 17.31 -17.54
CA SER A 363 14.54 17.56 -18.91
C SER A 363 13.34 18.50 -18.93
N ASP A 364 13.44 19.55 -19.75
CA ASP A 364 12.32 20.44 -20.01
C ASP A 364 11.26 19.75 -20.85
N ARG A 365 11.63 18.66 -21.52
CA ARG A 365 10.88 17.88 -22.49
C ARG A 365 10.83 18.54 -23.86
N SER A 366 11.34 19.77 -24.02
CA SER A 366 11.41 20.38 -25.34
C SER A 366 12.83 20.64 -25.81
N PHE A 367 13.60 21.46 -25.09
CA PHE A 367 14.96 21.73 -25.55
C PHE A 367 15.99 21.94 -24.45
N THR A 368 15.64 21.80 -23.17
CA THR A 368 16.59 21.97 -22.07
C THR A 368 16.78 20.62 -21.41
N HIS A 369 17.84 19.91 -21.82
CA HIS A 369 18.13 18.58 -21.31
C HIS A 369 19.50 18.61 -20.65
N VAL A 370 19.53 18.36 -19.34
CA VAL A 370 20.75 18.39 -18.55
C VAL A 370 20.92 17.03 -17.87
N SER A 371 22.14 16.52 -17.87
CA SER A 371 22.45 15.25 -17.25
C SER A 371 23.48 15.46 -16.15
N SER A 372 23.27 14.77 -15.03
CA SER A 372 24.22 14.85 -13.93
C SER A 372 25.50 14.08 -14.23
N ALA A 373 25.46 13.16 -15.17
CA ALA A 373 26.67 12.45 -15.57
C ALA A 373 27.53 13.32 -16.47
N THR A 374 28.84 13.31 -16.22
CA THR A 374 29.75 14.18 -16.97
C THR A 374 29.79 13.82 -18.45
N HIS A 375 29.78 12.52 -18.78
CA HIS A 375 29.82 12.06 -20.16
C HIS A 375 28.56 11.28 -20.48
N LYS A 376 28.15 11.32 -21.74
CA LYS A 376 26.90 10.71 -22.17
C LYS A 376 26.88 9.23 -21.84
N LEU A 377 25.72 8.76 -21.37
CA LEU A 377 25.53 7.38 -20.97
C LEU A 377 24.76 6.64 -22.05
N SER A 378 25.33 5.54 -22.53
CA SER A 378 24.68 4.68 -23.49
C SER A 378 23.94 3.55 -22.78
N LEU A 379 23.05 2.89 -23.52
CA LEU A 379 22.25 1.80 -22.97
C LEU A 379 22.28 0.64 -23.94
N LYS A 380 22.96 -0.43 -23.55
CA LYS A 380 23.20 -1.58 -24.42
C LYS A 380 22.48 -2.81 -23.88
N SER A 381 21.77 -3.50 -24.75
CA SER A 381 21.06 -4.73 -24.39
C SER A 381 22.00 -5.91 -24.59
N ASP A 382 22.43 -6.51 -23.48
CA ASP A 382 23.34 -7.66 -23.54
C ASP A 382 22.51 -8.92 -23.65
N PHE A 383 22.57 -9.57 -24.81
CA PHE A 383 21.81 -10.80 -25.02
C PHE A 383 22.45 -12.01 -24.33
N LEU A 384 23.77 -11.99 -24.16
CA LEU A 384 24.43 -13.09 -23.48
C LEU A 384 24.14 -13.07 -21.98
N ARG A 385 24.23 -11.90 -21.35
CA ARG A 385 23.97 -11.75 -19.94
C ARG A 385 22.49 -11.57 -19.62
N ARG A 386 21.65 -11.41 -20.64
CA ARG A 386 20.22 -11.17 -20.46
C ARG A 386 19.97 -9.98 -19.55
N LYS A 387 20.79 -8.95 -19.69
CA LYS A 387 20.69 -7.74 -18.90
C LYS A 387 20.82 -6.52 -19.80
N ASN A 388 20.14 -5.44 -19.42
CA ASN A 388 20.29 -4.15 -20.08
C ASN A 388 21.26 -3.32 -19.25
N LEU A 389 22.36 -2.90 -19.86
CA LEU A 389 23.47 -2.28 -19.14
C LEU A 389 23.58 -0.81 -19.54
N ILE A 390 23.29 0.07 -18.58
CA ILE A 390 23.57 1.49 -18.73
C ILE A 390 25.04 1.73 -18.44
N PHE A 391 25.78 2.24 -19.42
CA PHE A 391 27.22 2.40 -19.29
C PHE A 391 27.65 3.74 -19.87
N SER A 392 28.82 4.20 -19.44
CA SER A 392 29.44 5.42 -19.94
C SER A 392 30.49 5.03 -20.99
N ASP A 393 30.31 5.53 -22.21
CA ASP A 393 31.23 5.24 -23.29
C ASP A 393 32.12 6.46 -23.53
N GLU A 394 33.43 6.25 -23.40
CA GLU A 394 34.40 7.34 -23.56
C GLU A 394 34.82 7.52 -25.01
N LYS A 395 33.84 7.68 -25.89
CA LYS A 395 34.10 7.86 -27.31
C LYS A 395 32.91 8.50 -28.02
N ILE A 401 27.21 11.27 -32.96
CA ILE A 401 26.61 10.84 -31.70
C ILE A 401 25.80 9.57 -31.92
N GLU A 402 25.95 8.62 -31.00
CA GLU A 402 25.23 7.34 -31.06
C GLU A 402 23.77 7.59 -30.70
N LYS A 403 23.00 8.03 -31.70
CA LYS A 403 21.59 8.31 -31.48
C LYS A 403 20.85 7.07 -31.00
N HIS A 404 21.10 5.94 -31.63
CA HIS A 404 20.46 4.68 -31.24
C HIS A 404 21.14 4.15 -29.98
N GLY A 405 20.40 4.14 -28.87
CA GLY A 405 20.93 3.59 -27.64
C GLY A 405 21.60 4.57 -26.72
N LEU A 406 20.90 5.66 -26.38
CA LEU A 406 21.34 6.59 -25.36
C LEU A 406 20.40 6.52 -24.17
N LEU A 407 20.96 6.60 -22.96
CA LEU A 407 20.14 6.51 -21.76
C LEU A 407 19.10 7.61 -21.73
N THR A 408 19.48 8.83 -22.10
CA THR A 408 18.54 9.94 -22.14
C THR A 408 17.42 9.68 -23.14
N ARG A 409 17.76 9.09 -24.29
CA ARG A 409 16.74 8.79 -25.29
C ARG A 409 15.76 7.75 -24.78
N PHE A 410 16.24 6.75 -24.04
CA PHE A 410 15.36 5.73 -23.49
C PHE A 410 14.39 6.33 -22.48
N VAL A 411 14.91 7.13 -21.55
CA VAL A 411 14.09 7.71 -20.50
C VAL A 411 13.07 8.67 -21.09
N ASN A 412 13.47 9.45 -22.08
CA ASN A 412 12.53 10.36 -22.73
C ASN A 412 11.42 9.60 -23.43
N GLU A 413 11.75 8.52 -24.13
CA GLU A 413 10.73 7.71 -24.78
C GLU A 413 9.87 7.00 -23.74
N ALA A 414 10.48 6.50 -22.66
CA ALA A 414 9.71 5.83 -21.62
C ALA A 414 8.76 6.80 -20.93
N ASP A 415 9.20 8.04 -20.71
CA ASP A 415 8.32 9.05 -20.12
C ASP A 415 7.14 9.34 -21.03
N VAL A 416 7.38 9.46 -22.34
CA VAL A 416 6.31 9.77 -23.27
C VAL A 416 5.27 8.67 -23.27
N ILE A 417 5.71 7.41 -23.23
CA ILE A 417 4.75 6.31 -23.22
C ILE A 417 3.96 6.28 -21.92
N TYR A 418 4.63 6.53 -20.79
CA TYR A 418 3.92 6.52 -19.52
C TYR A 418 2.86 7.61 -19.46
N GLN A 419 3.21 8.82 -19.90
CA GLN A 419 2.21 9.89 -19.97
C GLN A 419 1.20 9.63 -21.07
N TRP A 420 1.57 8.82 -22.06
CA TRP A 420 0.60 8.41 -23.09
C TRP A 420 -0.47 7.51 -22.50
N PHE A 421 -0.06 6.54 -21.67
CA PHE A 421 -1.05 5.68 -21.01
C PHE A 421 -1.96 6.50 -20.10
N LEU A 422 -1.36 7.35 -19.25
CA LEU A 422 -2.15 8.19 -18.38
C LEU A 422 -3.04 9.14 -19.17
N GLY A 423 -2.52 9.67 -20.28
CA GLY A 423 -3.36 10.48 -21.14
C GLY A 423 -4.47 9.68 -21.80
N THR A 424 -4.15 8.49 -22.29
CA THR A 424 -5.17 7.60 -22.84
C THR A 424 -6.15 7.15 -21.77
N MET A 425 -5.66 6.91 -20.55
CA MET A 425 -6.54 6.57 -19.44
C MET A 425 -7.59 7.64 -19.21
N ARG A 426 -7.22 8.91 -19.38
CA ARG A 426 -8.17 9.99 -19.19
C ARG A 426 -9.22 10.02 -20.30
N LYS A 427 -8.79 9.75 -21.53
CA LYS A 427 -9.74 9.71 -22.65
C LYS A 427 -10.67 8.52 -22.53
N ALA A 428 -10.15 7.38 -22.06
CA ALA A 428 -11.00 6.20 -21.89
C ALA A 428 -12.07 6.43 -20.82
N VAL A 429 -11.70 7.12 -19.74
CA VAL A 429 -12.66 7.42 -18.68
C VAL A 429 -13.78 8.32 -19.22
N PHE A 430 -13.41 9.33 -20.01
CA PHE A 430 -14.41 10.18 -20.63
C PHE A 430 -15.22 9.40 -21.66
N GLN A 431 -14.55 8.53 -22.43
CA GLN A 431 -15.27 7.71 -23.39
C GLN A 431 -16.25 6.77 -22.68
N TYR A 432 -15.83 6.20 -21.56
CA TYR A 432 -16.72 5.34 -20.77
C TYR A 432 -17.96 6.10 -20.32
N TRP A 433 -17.81 7.38 -19.99
CA TRP A 433 -18.96 8.10 -19.40
C TRP A 433 -19.91 8.58 -20.48
N GLU A 434 -19.59 8.39 -21.75
CA GLU A 434 -20.60 8.81 -22.77
C GLU A 434 -21.27 7.55 -23.34
N ASN A 435 -20.76 6.38 -22.98
CA ASN A 435 -21.39 5.10 -23.40
C ASN A 435 -22.36 4.70 -22.29
N VAL A 436 -22.23 5.32 -21.12
CA VAL A 436 -23.05 4.92 -19.95
C VAL A 436 -23.83 6.12 -19.43
N ARG A 437 -23.73 7.26 -20.09
CA ARG A 437 -24.40 8.49 -19.58
C ARG A 437 -25.91 8.32 -19.71
N GLY A 438 -26.39 7.87 -20.88
CA GLY A 438 -27.84 7.61 -21.05
C GLY A 438 -28.09 6.20 -21.54
N LEU A 439 -27.16 5.65 -22.33
CA LEU A 439 -27.30 4.28 -22.90
C LEU A 439 -27.35 3.25 -21.76
N GLU A 440 -26.68 3.53 -20.64
CA GLU A 440 -26.81 2.61 -19.49
C GLU A 440 -28.30 2.57 -19.11
N ILE A 441 -28.97 3.73 -19.16
CA ILE A 441 -30.43 3.81 -18.86
C ILE A 441 -30.66 3.52 -17.37
N GLU A 442 -30.96 4.54 -16.58
CA GLU A 442 -31.24 4.36 -15.13
C GLU A 442 -30.07 3.61 -14.46
N VAL A 443 -30.37 2.54 -13.71
CA VAL A 443 -29.33 1.75 -13.00
C VAL A 443 -28.70 2.61 -11.89
N ARG A 444 -27.93 3.63 -12.27
CA ARG A 444 -27.23 4.46 -11.26
C ARG A 444 -27.45 5.95 -11.57
N GLU A 445 -27.78 6.75 -10.56
CA GLU A 445 -27.91 8.21 -10.75
C GLU A 445 -26.49 8.77 -10.91
N ASN A 446 -26.10 9.74 -10.07
CA ASN A 446 -24.70 10.23 -10.13
C ASN A 446 -24.17 10.12 -11.56
N ARG A 447 -24.85 10.74 -12.52
CA ARG A 447 -24.38 10.69 -13.93
C ARG A 447 -23.42 11.86 -14.16
N SER A 448 -22.16 11.72 -13.76
CA SER A 448 -21.20 12.84 -13.86
C SER A 448 -19.76 12.34 -13.95
N LEU A 449 -18.95 12.99 -14.77
CA LEU A 449 -17.57 12.52 -14.95
C LEU A 449 -16.92 12.49 -13.57
N GLU A 450 -17.51 13.14 -12.57
CA GLU A 450 -16.92 12.95 -11.26
C GLU A 450 -17.42 11.68 -10.58
N GLY A 451 -18.72 11.39 -10.71
CA GLY A 451 -19.29 10.21 -10.09
C GLY A 451 -18.92 8.92 -10.80
N THR A 452 -18.91 8.95 -12.12
CA THR A 452 -18.54 7.79 -12.93
C THR A 452 -17.04 7.54 -12.93
N PHE A 453 -16.24 8.57 -12.63
CA PHE A 453 -14.80 8.48 -12.80
C PHE A 453 -14.19 7.35 -11.99
N GLN A 454 -14.64 7.17 -10.75
CA GLN A 454 -14.04 6.12 -9.91
C GLN A 454 -14.38 4.74 -10.44
N GLU A 455 -15.61 4.54 -10.93
CA GLU A 455 -15.98 3.25 -11.49
C GLU A 455 -15.25 3.00 -12.81
N ALA A 456 -15.24 3.99 -13.70
CA ALA A 456 -14.65 3.80 -15.02
C ALA A 456 -13.16 3.50 -14.91
N VAL A 457 -12.49 4.05 -13.91
CA VAL A 457 -11.10 3.69 -13.66
C VAL A 457 -11.00 2.25 -13.18
N GLN A 458 -11.97 1.82 -12.36
CA GLN A 458 -11.93 0.46 -11.81
C GLN A 458 -12.12 -0.59 -12.89
N SER A 459 -13.15 -0.41 -13.72
CA SER A 459 -13.48 -1.43 -14.72
C SER A 459 -12.37 -1.59 -15.74
N LEU A 460 -11.75 -0.49 -16.16
CA LEU A 460 -10.73 -0.57 -17.20
C LEU A 460 -9.42 -1.11 -16.65
N LEU A 461 -9.07 -0.75 -15.41
CA LEU A 461 -7.82 -1.24 -14.84
C LEU A 461 -7.94 -2.69 -14.40
N THR A 462 -9.16 -3.17 -14.19
CA THR A 462 -9.35 -4.57 -13.81
C THR A 462 -9.28 -5.48 -15.03
N HIS A 463 -9.90 -5.08 -16.14
CA HIS A 463 -9.87 -5.89 -17.35
C HIS A 463 -8.45 -6.06 -17.87
N PHE A 464 -7.66 -5.00 -17.82
CA PHE A 464 -6.26 -5.03 -18.25
C PHE A 464 -5.32 -5.54 -17.17
N ASN A 465 -5.83 -5.85 -15.98
CA ASN A 465 -5.03 -6.36 -14.88
C ASN A 465 -3.99 -5.32 -14.43
N LEU A 466 -4.37 -4.05 -14.45
CA LEU A 466 -3.49 -2.94 -14.13
C LEU A 466 -3.98 -2.22 -12.88
N GLN A 467 -4.37 -2.98 -11.86
CA GLN A 467 -4.84 -2.38 -10.61
C GLN A 467 -3.73 -1.72 -9.81
N GLU A 468 -2.46 -1.93 -10.17
CA GLU A 468 -1.37 -1.24 -9.49
C GLU A 468 -1.24 0.21 -9.94
N PHE A 469 -1.96 0.61 -10.98
CA PHE A 469 -1.92 1.98 -11.49
C PHE A 469 -3.13 2.80 -11.05
N GLU A 470 -3.89 2.32 -10.06
CA GLU A 470 -5.07 3.06 -9.62
C GLU A 470 -4.68 4.39 -8.99
N SER A 471 -3.73 4.36 -8.05
CA SER A 471 -3.33 5.60 -7.38
C SER A 471 -2.72 6.59 -8.36
N ALA A 472 -1.85 6.11 -9.26
CA ALA A 472 -1.23 7.00 -10.24
C ALA A 472 -2.28 7.63 -11.15
N VAL A 473 -3.30 6.87 -11.54
CA VAL A 473 -4.36 7.41 -12.37
C VAL A 473 -5.21 8.40 -11.58
N TYR A 474 -5.46 8.10 -10.30
CA TYR A 474 -6.27 8.99 -9.48
C TYR A 474 -5.57 10.33 -9.26
N GLU A 475 -4.26 10.30 -8.99
CA GLU A 475 -3.51 11.54 -8.78
C GLU A 475 -3.44 12.38 -10.04
N SER A 476 -3.25 11.74 -11.20
CA SER A 476 -3.11 12.49 -12.44
C SER A 476 -4.34 13.32 -12.74
N PHE A 477 -5.51 12.87 -12.27
CA PHE A 477 -6.71 13.69 -12.40
C PHE A 477 -6.68 14.89 -11.48
N ASP A 478 -6.05 14.76 -10.30
CA ASP A 478 -5.91 15.91 -9.40
C ASP A 478 -4.94 16.93 -9.96
N THR A 479 -4.24 16.62 -11.04
CA THR A 479 -3.36 17.55 -11.73
C THR A 479 -3.89 17.92 -13.12
N ARG A 480 -4.16 16.91 -13.95
CA ARG A 480 -4.56 17.12 -15.34
C ARG A 480 -6.02 16.79 -15.58
N GLY A 481 -6.82 16.61 -14.53
CA GLY A 481 -8.25 16.41 -14.70
C GLY A 481 -8.95 17.59 -15.32
N LEU A 482 -8.37 18.78 -15.11
CA LEU A 482 -8.91 20.02 -15.71
C LEU A 482 -8.63 19.93 -17.20
N ARG A 483 -7.93 18.87 -17.62
CA ARG A 483 -7.71 18.64 -19.07
C ARG A 483 -8.46 17.35 -19.44
N GLN A 484 -9.69 17.45 -19.97
CA GLN A 484 -10.53 16.26 -20.32
C GLN A 484 -11.38 15.85 -19.11
N ALA A 490 0.93 17.86 -27.77
CA ALA A 490 1.78 19.07 -27.76
C ALA A 490 3.22 18.68 -28.08
N ASN A 491 4.16 19.58 -27.81
CA ASN A 491 5.58 19.31 -28.15
C ASN A 491 5.66 18.93 -29.64
N LYS A 492 4.83 19.55 -30.49
CA LYS A 492 4.77 19.12 -31.92
C LYS A 492 5.22 20.23 -32.86
N LEU A 493 5.95 21.23 -32.38
CA LEU A 493 6.33 22.37 -33.25
C LEU A 493 5.18 22.68 -34.20
N SER A 494 4.00 22.10 -33.95
CA SER A 494 2.84 22.39 -34.77
C SER A 494 1.65 22.86 -33.94
N SER A 495 1.85 23.05 -32.64
CA SER A 495 0.82 23.57 -31.74
C SER A 495 1.49 24.54 -30.77
N SER A 496 0.69 25.11 -29.88
CA SER A 496 1.20 26.09 -28.93
C SER A 496 2.21 25.43 -28.01
N LYS A 497 3.49 25.69 -28.23
CA LYS A 497 4.55 25.17 -27.39
C LYS A 497 4.90 26.18 -26.32
N SER A 498 4.84 25.74 -25.06
CA SER A 498 5.18 26.58 -23.93
C SER A 498 5.51 25.67 -22.76
N TYR A 499 6.27 26.20 -21.81
CA TYR A 499 6.59 25.44 -20.60
C TYR A 499 5.41 25.34 -19.66
N HIS A 500 4.48 26.28 -19.70
CA HIS A 500 3.40 26.37 -18.73
C HIS A 500 2.34 25.30 -18.91
N HIS A 501 2.42 24.49 -19.97
CA HIS A 501 1.54 23.34 -20.07
C HIS A 501 2.28 22.10 -20.52
N THR A 502 3.59 22.25 -20.81
CA THR A 502 4.43 21.08 -21.05
C THR A 502 4.97 20.52 -19.74
N GLY A 503 5.72 21.32 -19.02
CA GLY A 503 6.22 20.96 -17.71
C GLY A 503 7.66 20.51 -17.75
N LEU A 504 8.09 19.89 -16.66
CA LEU A 504 9.46 19.41 -16.51
C LEU A 504 9.44 18.02 -15.89
N LYS A 505 10.53 17.29 -16.09
CA LYS A 505 10.66 15.93 -15.58
C LYS A 505 12.05 15.73 -15.01
N LEU A 506 12.10 15.21 -13.78
CA LEU A 506 13.36 14.91 -13.11
C LEU A 506 13.40 13.41 -12.85
N VAL A 507 14.50 12.78 -13.26
CA VAL A 507 14.63 11.32 -13.21
C VAL A 507 15.85 10.98 -12.38
N GLU A 508 15.68 10.04 -11.46
CA GLU A 508 16.74 9.55 -10.59
C GLU A 508 16.94 8.07 -10.89
N VAL A 509 18.14 7.69 -11.31
CA VAL A 509 18.46 6.32 -11.70
C VAL A 509 19.46 5.77 -10.70
N ALA A 510 18.98 5.09 -9.68
CA ALA A 510 19.84 4.50 -8.66
C ALA A 510 19.45 3.05 -8.46
N HIS A 511 20.33 2.31 -7.79
CA HIS A 511 20.08 0.90 -7.56
C HIS A 511 18.87 0.71 -6.66
N ASN A 512 18.11 -0.36 -6.93
CA ASN A 512 16.89 -0.62 -6.19
C ASN A 512 17.20 -0.96 -4.73
N GLN A 513 16.14 -0.98 -3.92
CA GLN A 513 16.29 -1.19 -2.48
C GLN A 513 16.47 -2.68 -2.19
N GLY A 514 17.54 -3.01 -1.47
CA GLY A 514 17.83 -4.36 -1.08
C GLY A 514 18.60 -5.17 -2.10
N THR A 515 18.32 -4.99 -3.39
CA THR A 515 19.01 -5.71 -4.45
C THR A 515 20.10 -4.83 -5.04
N ARG A 516 21.26 -5.42 -5.26
CA ARG A 516 22.46 -4.69 -5.64
C ARG A 516 22.75 -4.74 -7.14
N ASP A 517 21.88 -5.38 -7.93
CA ASP A 517 22.12 -5.49 -9.37
C ASP A 517 20.88 -5.17 -10.19
N THR A 518 20.12 -4.14 -9.81
CA THR A 518 19.05 -3.61 -10.63
C THR A 518 18.88 -2.14 -10.29
N VAL A 519 18.36 -1.37 -11.25
CA VAL A 519 18.15 0.06 -11.07
C VAL A 519 16.73 0.41 -11.46
N ASN A 520 16.25 1.54 -10.93
CA ASN A 520 14.92 2.03 -11.20
C ASN A 520 14.96 3.52 -11.47
N CYS A 521 14.14 3.96 -12.43
CA CYS A 521 14.07 5.35 -12.84
C CYS A 521 12.92 6.01 -12.10
N LYS A 522 13.21 6.54 -10.92
CA LYS A 522 12.21 7.26 -10.12
C LYS A 522 11.99 8.62 -10.75
N ALA A 523 11.06 8.70 -11.69
CA ALA A 523 10.78 9.94 -12.41
C ALA A 523 9.78 10.76 -11.63
N SER A 524 10.17 11.98 -11.27
CA SER A 524 9.29 12.95 -10.65
C SER A 524 8.89 13.99 -11.68
N PHE A 525 7.59 14.19 -11.86
CA PHE A 525 7.07 15.01 -12.92
C PHE A 525 6.51 16.32 -12.38
N LEU A 526 6.47 17.32 -13.26
CA LEU A 526 5.68 18.54 -13.07
C LEU A 526 4.95 18.73 -14.39
N ASN A 527 3.80 18.10 -14.53
CA ASN A 527 3.15 18.05 -15.84
C ASN A 527 2.55 19.37 -16.26
N THR A 528 2.50 20.36 -15.37
CA THR A 528 2.00 21.69 -15.71
C THR A 528 2.53 22.68 -14.69
N SER A 529 2.16 23.94 -14.87
CA SER A 529 2.55 25.02 -13.99
C SER A 529 1.32 25.66 -13.37
N PRO A 530 1.47 26.34 -12.23
CA PRO A 530 0.32 27.02 -11.63
C PRO A 530 -0.35 28.00 -12.58
N SER A 531 0.42 28.64 -13.46
CA SER A 531 -0.19 29.44 -14.51
C SER A 531 -0.97 28.58 -15.48
N GLY A 532 -0.42 27.41 -15.82
CA GLY A 532 -1.17 26.47 -16.66
C GLY A 532 -2.40 25.94 -15.94
N VAL A 533 -2.27 25.62 -14.66
CA VAL A 533 -3.41 25.12 -13.89
C VAL A 533 -4.51 26.16 -13.85
N LEU A 534 -4.15 27.42 -13.65
CA LEU A 534 -5.16 28.48 -13.66
C LEU A 534 -5.85 28.59 -15.01
N ALA A 535 -5.08 28.48 -16.10
CA ALA A 535 -5.68 28.56 -17.44
C ALA A 535 -6.59 27.38 -17.69
N ASP A 536 -6.20 26.18 -17.27
CA ASP A 536 -7.08 25.02 -17.39
C ASP A 536 -8.35 25.20 -16.57
N MET A 537 -8.24 25.83 -15.40
CA MET A 537 -9.43 26.09 -14.59
C MET A 537 -10.38 27.03 -15.31
N VAL A 538 -9.85 28.05 -16.00
CA VAL A 538 -10.71 28.96 -16.75
C VAL A 538 -11.25 28.28 -18.00
N ASP A 539 -10.43 27.47 -18.67
CA ASP A 539 -10.88 26.79 -19.87
C ASP A 539 -11.91 25.71 -19.57
N ALA A 540 -11.95 25.21 -18.34
CA ALA A 540 -12.99 24.26 -17.95
C ALA A 540 -14.35 24.92 -17.86
N GLY A 541 -14.41 26.23 -17.66
CA GLY A 541 -15.66 26.96 -17.54
C GLY A 541 -15.85 27.75 -16.28
N ALA A 542 -14.83 27.83 -15.42
CA ALA A 542 -14.93 28.55 -14.16
C ALA A 542 -14.71 30.04 -14.37
N VAL A 543 -15.50 30.85 -13.69
CA VAL A 543 -15.35 32.30 -13.72
C VAL A 543 -14.60 32.71 -12.46
N ILE A 544 -13.33 33.07 -12.61
CA ILE A 544 -12.43 33.31 -11.49
C ILE A 544 -12.33 34.81 -11.25
N LEU A 545 -12.41 35.21 -9.99
CA LEU A 545 -12.22 36.59 -9.57
C LEU A 545 -10.93 36.67 -8.75
N GLY A 546 -10.00 37.50 -9.20
CA GLY A 546 -8.75 37.67 -8.48
C GLY A 546 -8.68 39.02 -7.80
N ILE A 547 -8.76 39.03 -6.48
CA ILE A 547 -8.81 40.27 -5.71
C ILE A 547 -7.51 40.39 -4.93
N SER A 548 -6.61 41.23 -5.42
CA SER A 548 -5.33 41.50 -4.78
C SER A 548 -4.77 42.80 -5.35
N ALA A 549 -4.12 43.58 -4.48
CA ALA A 549 -3.54 44.84 -4.94
C ALA A 549 -2.46 44.60 -5.99
N THR A 550 -1.56 43.67 -5.72
CA THR A 550 -0.55 43.26 -6.70
C THR A 550 -1.00 42.03 -7.48
N ALA A 551 -2.21 42.07 -8.03
CA ALA A 551 -2.72 40.96 -8.81
C ALA A 551 -2.19 40.93 -10.23
N ARG A 552 -1.62 42.03 -10.70
CA ARG A 552 -1.10 42.13 -12.06
C ARG A 552 0.36 42.55 -12.06
N ALA A 553 1.11 42.11 -11.06
CA ALA A 553 2.54 42.42 -10.99
C ALA A 553 3.27 41.79 -12.16
N ASP A 554 4.43 42.36 -12.48
CA ASP A 554 5.20 41.95 -13.65
C ASP A 554 6.27 40.93 -13.28
N THR A 555 5.97 40.06 -12.33
CA THR A 555 6.87 38.98 -11.95
C THR A 555 6.23 37.64 -12.28
N VAL A 556 7.06 36.61 -12.40
CA VAL A 556 6.59 35.26 -12.69
C VAL A 556 6.90 34.28 -11.57
N ILE A 557 7.72 34.67 -10.60
CA ILE A 557 7.98 33.80 -9.46
C ILE A 557 6.89 33.95 -8.41
N HIS A 558 6.72 35.16 -7.89
CA HIS A 558 5.65 35.44 -6.93
C HIS A 558 4.38 35.93 -7.62
N ASN A 559 3.97 35.24 -8.69
CA ASN A 559 2.78 35.59 -9.45
C ASN A 559 2.54 34.60 -10.58
N PHE A 560 1.43 34.75 -11.27
CA PHE A 560 1.15 33.98 -12.48
C PHE A 560 1.76 34.68 -13.69
N ASP A 561 2.20 33.87 -14.66
CA ASP A 561 2.70 34.41 -15.92
C ASP A 561 1.53 35.01 -16.68
N PHE A 562 1.45 36.34 -16.71
CA PHE A 562 0.31 37.02 -17.32
C PHE A 562 0.54 37.36 -18.77
N LYS A 563 1.68 36.99 -19.35
CA LYS A 563 1.84 37.04 -20.79
C LYS A 563 1.44 35.73 -21.44
N TYR A 564 1.76 34.61 -20.78
CA TYR A 564 1.24 33.32 -21.24
C TYR A 564 -0.27 33.24 -21.06
N LEU A 565 -0.76 33.66 -19.90
CA LEU A 565 -2.20 33.68 -19.66
C LEU A 565 -2.91 34.64 -20.59
N ASN A 566 -2.19 35.61 -21.16
CA ASN A 566 -2.79 36.50 -22.15
C ASN A 566 -2.85 35.86 -23.53
N GLU A 567 -1.82 35.08 -23.87
CA GLU A 567 -1.79 34.42 -25.17
C GLU A 567 -2.75 33.23 -25.22
N ARG A 568 -2.98 32.57 -24.09
CA ARG A 568 -3.83 31.37 -24.07
C ARG A 568 -5.29 31.73 -23.88
N LEU A 569 -5.59 32.50 -22.83
CA LEU A 569 -6.97 32.92 -22.60
C LEU A 569 -7.43 33.89 -23.67
N GLY A 570 -6.56 34.79 -24.10
CA GLY A 570 -6.93 35.74 -25.13
C GLY A 570 -7.85 36.82 -24.62
N ASN A 571 -9.12 36.77 -25.02
CA ASN A 571 -10.10 37.75 -24.59
C ASN A 571 -10.82 37.35 -23.31
N LYS A 572 -10.64 36.11 -22.84
CA LYS A 572 -11.27 35.70 -21.60
C LYS A 572 -10.60 36.33 -20.38
N LEU A 573 -9.32 36.67 -20.50
CA LEU A 573 -8.63 37.41 -19.45
C LEU A 573 -9.11 38.86 -19.53
N LEU A 574 -10.22 39.13 -18.83
CA LEU A 574 -10.93 40.39 -19.01
C LEU A 574 -10.09 41.58 -18.58
N SER A 575 -9.51 41.51 -17.39
CA SER A 575 -8.76 42.62 -16.80
C SER A 575 -9.49 43.95 -16.87
N LEU A 576 -8.74 45.04 -16.99
CA LEU A 576 -9.21 46.39 -16.70
C LEU A 576 -8.32 47.37 -17.44
N SER A 577 -8.26 48.61 -16.93
CA SER A 577 -7.43 49.71 -17.44
C SER A 577 -8.04 50.42 -18.63
N ARG A 578 -9.36 50.39 -18.74
CA ARG A 578 -10.08 51.40 -19.49
C ARG A 578 -10.32 52.58 -18.54
N GLU A 579 -11.22 53.49 -18.90
CA GLU A 579 -11.54 54.62 -18.02
C GLU A 579 -12.00 54.18 -16.63
N GLN A 580 -12.26 52.89 -16.42
CA GLN A 580 -12.61 52.41 -15.09
C GLN A 580 -11.46 52.56 -14.11
N LYS A 581 -10.24 52.24 -14.53
CA LYS A 581 -9.10 52.38 -13.64
C LYS A 581 -8.92 53.82 -13.18
N GLN A 582 -9.37 54.79 -13.98
CA GLN A 582 -9.39 56.18 -13.52
C GLN A 582 -10.53 56.41 -12.55
N ARG A 583 -11.67 55.74 -12.75
CA ARG A 583 -12.80 55.90 -11.85
C ARG A 583 -12.48 55.39 -10.46
N VAL A 584 -11.76 54.27 -10.36
CA VAL A 584 -11.42 53.71 -9.06
C VAL A 584 -10.51 54.67 -8.28
N ASN A 585 -9.56 55.30 -8.98
CA ASN A 585 -8.62 56.20 -8.29
C ASN A 585 -9.36 57.36 -7.64
N ASN A 586 -10.38 57.89 -8.30
CA ASN A 586 -11.14 58.99 -7.71
C ASN A 586 -11.84 58.56 -6.43
N TYR A 587 -12.40 57.34 -6.43
CA TYR A 587 -13.02 56.83 -5.21
C TYR A 587 -11.99 56.59 -4.11
N TYR A 588 -10.85 55.97 -4.45
CA TYR A 588 -9.84 55.70 -3.43
C TYR A 588 -9.25 57.00 -2.90
N HIS A 589 -9.05 57.99 -3.77
CA HIS A 589 -8.56 59.29 -3.32
C HIS A 589 -9.57 59.95 -2.37
N SER A 590 -10.86 59.74 -2.63
CA SER A 590 -11.89 60.33 -1.77
C SER A 590 -11.82 59.82 -0.34
N ARG A 591 -11.60 58.51 -0.17
CA ARG A 591 -11.59 57.91 1.17
C ARG A 591 -10.21 57.91 1.81
N ARG A 592 -9.18 58.38 1.12
CA ARG A 592 -7.83 58.47 1.66
C ARG A 592 -7.19 59.80 1.26
N ASN A 593 -7.94 60.88 1.41
CA ASN A 593 -7.46 62.21 1.00
C ASN A 593 -6.37 62.65 1.97
N TYR A 594 -5.12 62.48 1.57
CA TYR A 594 -3.96 62.76 2.41
C TYR A 594 -3.46 64.19 2.27
N LYS A 595 -4.11 65.03 1.49
CA LYS A 595 -3.56 66.35 1.21
C LYS A 595 -4.52 67.50 1.53
N ASP A 596 -5.82 67.33 1.28
CA ASP A 596 -6.76 68.41 1.53
C ASP A 596 -7.10 68.55 3.01
N ASN A 597 -6.77 67.56 3.82
CA ASN A 597 -7.05 67.59 5.25
C ASN A 597 -5.81 67.92 6.08
N GLY A 598 -4.74 68.38 5.46
CA GLY A 598 -3.53 68.74 6.17
C GLY A 598 -2.58 67.59 6.46
N VAL A 599 -2.93 66.37 6.08
CA VAL A 599 -2.03 65.24 6.30
C VAL A 599 -0.78 65.41 5.44
N VAL A 600 0.34 64.90 5.94
CA VAL A 600 1.62 64.97 5.25
C VAL A 600 2.32 63.63 5.37
N LEU A 601 2.78 63.10 4.22
CA LEU A 601 3.64 61.92 4.18
C LEU A 601 5.08 62.38 4.01
N THR A 602 5.83 62.35 5.10
CA THR A 602 7.26 62.68 5.06
C THR A 602 8.04 61.41 4.79
N VAL A 603 8.71 61.36 3.65
CA VAL A 603 9.47 60.19 3.23
C VAL A 603 10.96 60.55 3.25
N LYS A 604 11.75 59.73 3.94
CA LYS A 604 13.20 59.93 4.02
C LYS A 604 13.88 58.60 3.73
N TYR A 605 14.63 58.55 2.64
CA TYR A 605 15.36 57.35 2.26
C TYR A 605 16.61 57.26 3.12
N LEU A 606 16.52 56.48 4.20
CA LEU A 606 17.62 56.40 5.15
C LEU A 606 18.81 55.66 4.53
N ASN A 607 20.00 55.98 5.04
CA ASN A 607 21.24 55.42 4.55
C ASN A 607 22.01 54.80 5.72
N SER A 608 23.00 53.99 5.40
CA SER A 608 23.81 53.30 6.41
C SER A 608 24.76 54.31 7.04
N ARG A 609 24.21 55.13 7.95
CA ARG A 609 24.99 56.12 8.65
C ARG A 609 25.88 55.44 9.69
N ASP A 610 27.13 55.16 9.28
CA ASP A 610 28.02 54.36 10.12
C ASP A 610 28.42 55.12 11.38
N ALA A 611 28.76 56.40 11.25
CA ALA A 611 29.21 57.17 12.41
C ALA A 611 28.12 57.29 13.46
N PHE A 612 26.86 57.21 13.04
CA PHE A 612 25.74 57.27 13.98
C PHE A 612 25.77 56.09 14.93
N LEU A 613 26.14 54.91 14.43
CA LEU A 613 26.15 53.72 15.28
C LEU A 613 27.32 53.71 16.25
N ASP A 614 28.49 54.19 15.80
CA ASP A 614 29.67 54.15 16.66
C ASP A 614 29.48 54.95 17.93
N ALA A 615 28.90 56.15 17.81
CA ALA A 615 28.60 56.95 18.99
C ALA A 615 27.61 56.25 19.91
N LEU A 616 26.57 55.63 19.32
CA LEU A 616 25.59 54.92 20.12
C LEU A 616 26.14 53.63 20.70
N LEU A 617 26.98 52.92 19.93
CA LEU A 617 27.49 51.64 20.41
C LEU A 617 28.38 51.79 21.63
N GLU A 618 29.25 52.81 21.63
CA GLU A 618 30.14 53.00 22.77
C GLU A 618 29.37 53.45 24.00
N GLU A 619 28.33 54.26 23.82
CA GLU A 619 27.60 54.82 24.95
C GLU A 619 26.88 53.73 25.72
N TYR A 620 26.37 52.70 25.03
CA TYR A 620 25.63 51.63 25.68
C TYR A 620 26.46 50.96 26.78
N LYS A 621 27.68 50.54 26.44
CA LYS A 621 28.61 49.99 27.42
C LYS A 621 30.00 50.56 27.18
N PRO A 622 30.28 51.78 27.70
CA PRO A 622 31.61 52.38 27.57
C PRO A 622 32.60 51.88 28.61
N GLU A 623 32.64 50.56 28.80
CA GLU A 623 33.53 49.92 29.75
C GLU A 623 34.58 49.05 29.10
N ALA A 624 34.31 48.53 27.91
CA ALA A 624 35.23 47.64 27.22
C ALA A 624 36.25 48.46 26.42
N ARG A 625 37.00 47.77 25.55
CA ARG A 625 38.13 48.38 24.87
C ARG A 625 37.74 49.08 23.57
N SER A 626 37.05 48.41 22.66
CA SER A 626 36.76 48.99 21.35
C SER A 626 35.43 48.46 20.84
N SER A 627 34.91 49.15 19.82
CA SER A 627 33.62 48.79 19.23
C SER A 627 33.62 47.36 18.71
N HIS A 628 34.77 46.90 18.21
CA HIS A 628 34.85 45.56 17.63
C HIS A 628 34.59 44.46 18.65
N PHE A 629 34.77 44.73 19.93
CA PHE A 629 34.42 43.75 20.95
C PHE A 629 32.95 43.85 21.33
N ILE A 630 32.40 45.06 21.33
CA ILE A 630 30.98 45.26 21.67
C ILE A 630 30.11 44.47 20.71
N LEU A 631 30.38 44.57 19.41
CA LEU A 631 29.65 43.76 18.45
C LEU A 631 29.96 42.29 18.63
N ASN A 632 31.22 41.95 18.94
CA ASN A 632 31.62 40.55 19.04
C ASN A 632 30.90 39.84 20.18
N HIS A 633 30.93 40.42 21.38
CA HIS A 633 30.38 39.76 22.56
C HIS A 633 29.23 40.52 23.19
N TYR A 634 29.41 41.82 23.45
CA TYR A 634 28.33 42.59 24.08
C TYR A 634 27.09 42.61 23.21
N LEU A 635 27.26 42.74 21.88
CA LEU A 635 26.17 42.46 20.97
C LEU A 635 26.07 40.98 20.63
N GLY A 636 27.15 40.22 20.82
CA GLY A 636 27.11 38.79 20.60
C GLY A 636 26.92 38.37 19.16
N ILE A 637 27.55 39.06 18.22
CA ILE A 637 27.59 38.64 16.83
C ILE A 637 29.05 38.62 16.39
N ALA A 638 29.46 37.50 15.79
CA ALA A 638 30.87 37.28 15.49
C ALA A 638 31.36 38.23 14.41
N GLU A 639 32.65 38.13 14.10
CA GLU A 639 33.30 38.98 13.11
C GLU A 639 33.23 38.40 11.70
N SER A 640 32.20 37.61 11.41
CA SER A 640 32.00 37.11 10.05
C SER A 640 31.16 38.06 9.22
N GLU A 641 30.15 38.70 9.84
CA GLU A 641 29.19 39.53 9.10
C GLU A 641 29.49 41.01 9.26
N GLN A 642 29.40 41.46 10.51
CA GLN A 642 29.69 42.87 10.89
C GLN A 642 29.09 43.86 9.90
N ALA A 643 29.66 43.97 8.71
CA ALA A 643 29.23 45.00 7.77
C ALA A 643 27.75 44.88 7.46
N PHE A 644 27.25 43.67 7.28
CA PHE A 644 25.80 43.49 7.15
C PHE A 644 25.10 43.85 8.44
N VAL A 645 25.61 43.35 9.58
CA VAL A 645 25.00 43.66 10.87
C VAL A 645 24.98 45.15 11.10
N ARG A 646 26.12 45.82 10.91
CA ARG A 646 26.18 47.27 11.05
C ARG A 646 25.22 47.96 10.08
N SER A 647 25.08 47.42 8.87
CA SER A 647 24.17 48.04 7.90
C SER A 647 22.73 48.01 8.39
N TRP A 648 22.25 46.85 8.83
CA TRP A 648 20.87 46.75 9.30
C TRP A 648 20.71 47.14 10.76
N LEU A 649 21.79 47.34 11.50
CA LEU A 649 21.71 47.84 12.86
C LEU A 649 22.03 49.32 12.97
N SER A 650 22.23 50.01 11.85
CA SER A 650 22.40 51.46 11.83
C SER A 650 21.18 52.18 11.26
N LYS A 651 20.62 51.65 10.17
CA LYS A 651 19.39 52.22 9.65
C LYS A 651 18.20 51.90 10.53
N LEU A 652 18.28 50.81 11.30
CA LEU A 652 17.20 50.45 12.20
C LEU A 652 17.02 51.48 13.30
N LEU A 653 18.12 51.86 13.95
CA LEU A 653 18.03 52.83 15.04
C LEU A 653 17.86 54.26 14.50
N ALA A 654 18.44 54.56 13.34
CA ALA A 654 18.35 55.91 12.81
C ALA A 654 16.90 56.31 12.53
N SER A 655 16.11 55.37 12.03
CA SER A 655 14.67 55.64 11.87
C SER A 655 13.97 55.67 13.22
N ILE A 656 14.47 54.92 14.20
CA ILE A 656 13.88 54.92 15.53
C ILE A 656 14.05 56.29 16.18
N LYS A 657 15.24 56.88 16.05
CA LYS A 657 15.50 58.19 16.64
C LYS A 657 14.57 59.25 16.03
N ALA A 658 14.43 59.24 14.70
CA ALA A 658 13.56 60.23 14.06
C ALA A 658 12.11 60.03 14.45
N PHE A 659 11.71 58.79 14.78
CA PHE A 659 10.38 58.56 15.29
C PHE A 659 10.20 59.16 16.69
N ILE A 660 11.16 58.90 17.58
CA ILE A 660 11.11 59.48 18.91
C ILE A 660 11.28 61.00 18.86
N SER A 661 12.03 61.49 17.87
CA SER A 661 12.20 62.93 17.73
C SER A 661 10.89 63.64 17.46
N SER A 662 10.04 63.05 16.64
CA SER A 662 8.73 63.63 16.37
C SER A 662 7.79 63.33 17.53
N PRO A 663 7.24 64.35 18.20
CA PRO A 663 6.34 64.07 19.33
C PRO A 663 4.92 63.72 18.93
N ASP A 664 4.49 64.10 17.73
CA ASP A 664 3.12 63.87 17.30
C ASP A 664 2.86 62.44 16.86
N ASN A 665 3.89 61.63 16.67
CA ASN A 665 3.76 60.26 16.23
C ASN A 665 3.88 59.31 17.41
N ARG A 666 3.09 58.25 17.40
CA ARG A 666 3.01 57.34 18.55
C ARG A 666 3.26 55.89 18.19
N TYR A 667 2.82 55.44 17.02
CA TYR A 667 2.83 54.02 16.65
C TYR A 667 3.85 53.81 15.54
N MET A 668 4.85 52.96 15.80
CA MET A 668 5.86 52.60 14.82
C MET A 668 5.81 51.10 14.58
N LEU A 669 5.84 50.70 13.30
CA LEU A 669 5.93 49.30 12.91
C LEU A 669 7.14 49.18 11.99
N SER A 670 8.30 48.89 12.58
CA SER A 670 9.53 48.71 11.82
C SER A 670 9.46 47.34 11.15
N LEU A 671 9.14 47.34 9.85
CA LEU A 671 8.96 46.11 9.10
C LEU A 671 10.34 45.56 8.74
N LEU A 672 10.95 44.90 9.72
CA LEU A 672 12.28 44.34 9.55
C LEU A 672 12.18 43.09 8.67
N ASN A 673 13.29 42.36 8.56
CA ASN A 673 13.34 41.15 7.76
C ASN A 673 13.47 39.91 8.61
N ARG A 674 14.45 39.85 9.49
CA ARG A 674 14.63 38.73 10.40
C ARG A 674 13.95 39.03 11.73
N THR A 675 13.40 38.00 12.36
CA THR A 675 12.73 38.17 13.66
C THR A 675 13.75 37.93 14.76
N LEU A 676 14.19 39.04 15.36
CA LEU A 676 15.10 38.96 16.49
C LEU A 676 14.31 38.83 17.79
N ASP A 677 14.11 37.59 18.23
CA ASP A 677 13.27 37.36 19.40
C ASP A 677 14.02 36.79 20.59
N THR A 678 14.65 35.63 20.43
CA THR A 678 15.40 34.99 21.51
C THR A 678 16.84 34.70 21.14
N THR A 679 17.09 34.11 19.97
CA THR A 679 18.46 33.80 19.57
C THR A 679 19.27 35.08 19.38
N ARG A 680 18.60 36.15 18.98
CA ARG A 680 19.21 37.46 18.85
C ARG A 680 18.85 38.40 20.00
N GLN A 681 18.37 37.86 21.11
CA GLN A 681 17.90 38.70 22.22
C GLN A 681 19.02 39.59 22.74
N ASN A 682 20.27 39.14 22.64
CA ASN A 682 21.39 39.99 23.02
C ASN A 682 21.54 41.20 22.10
N ILE A 683 21.05 41.11 20.86
CA ILE A 683 20.88 42.31 20.04
C ILE A 683 19.78 43.20 20.61
N ASN A 684 18.70 42.59 21.10
CA ASN A 684 17.49 43.33 21.44
C ASN A 684 17.71 44.31 22.57
N ASP A 685 18.53 43.96 23.57
CA ASP A 685 18.75 44.88 24.68
C ASP A 685 19.46 46.14 24.23
N PHE A 686 20.25 46.07 23.15
CA PHE A 686 20.86 47.27 22.59
C PHE A 686 19.79 48.20 22.04
N ILE A 687 18.83 47.65 21.29
CA ILE A 687 17.74 48.47 20.77
C ILE A 687 16.85 48.95 21.90
N GLN A 688 16.62 48.09 22.91
CA GLN A 688 15.84 48.51 24.06
C GLN A 688 16.52 49.67 24.78
N PHE A 689 17.84 49.61 24.92
CA PHE A 689 18.58 50.73 25.50
C PHE A 689 18.46 51.98 24.63
N CYS A 690 18.54 51.82 23.31
CA CYS A 690 18.49 52.97 22.41
C CYS A 690 17.15 53.70 22.51
N CYS A 691 16.05 52.95 22.53
CA CYS A 691 14.74 53.57 22.75
C CYS A 691 14.67 54.21 24.12
N ASP A 692 15.16 53.51 25.15
CA ASP A 692 15.17 54.08 26.49
C ASP A 692 16.10 55.29 26.58
N LYS A 693 17.26 55.22 25.93
CA LYS A 693 18.16 56.37 25.93
C LYS A 693 17.52 57.58 25.26
N TRP A 694 16.94 57.38 24.07
CA TRP A 694 16.30 58.49 23.37
C TRP A 694 14.95 58.86 23.98
N ALA A 695 14.42 58.05 24.90
CA ALA A 695 13.19 58.41 25.58
C ALA A 695 13.43 59.54 26.58
N LYS A 696 14.49 59.44 27.38
CA LYS A 696 14.79 60.49 28.35
C LYS A 696 15.26 61.78 27.67
N GLU A 697 16.02 61.65 26.57
CA GLU A 697 16.45 62.84 25.85
C GLU A 697 15.28 63.58 25.24
N PHE A 698 14.15 62.90 25.01
CA PHE A 698 12.95 63.52 24.48
C PHE A 698 11.75 63.30 25.40
N ASN A 699 12.02 63.16 26.70
CA ASN A 699 11.03 63.10 27.79
C ASN A 699 9.73 62.39 27.38
N VAL A 700 9.88 61.18 26.84
CA VAL A 700 8.76 60.34 26.46
C VAL A 700 8.91 58.99 27.15
N LYS A 701 7.77 58.29 27.26
CA LYS A 701 7.71 56.98 27.91
C LYS A 701 7.51 55.94 26.81
N THR A 702 8.59 55.29 26.41
CA THR A 702 8.60 54.38 25.27
C THR A 702 8.74 52.94 25.74
N LYS A 703 7.89 52.06 25.21
CA LYS A 703 7.97 50.62 25.45
C LYS A 703 7.86 49.91 24.11
N THR A 704 8.69 48.89 23.91
CA THR A 704 8.78 48.18 22.65
C THR A 704 8.26 46.76 22.78
N PHE A 705 7.86 46.19 21.64
CA PHE A 705 7.42 44.81 21.55
C PHE A 705 8.36 44.08 20.59
N PHE A 706 9.36 43.40 21.16
CA PHE A 706 10.32 42.65 20.37
C PHE A 706 9.74 41.31 19.93
N GLY A 707 10.37 40.71 18.93
CA GLY A 707 10.08 39.34 18.53
C GLY A 707 8.64 39.04 18.16
N VAL A 708 8.03 39.89 17.33
CA VAL A 708 6.63 39.69 16.94
C VAL A 708 6.64 38.76 15.73
N ASN A 709 6.66 37.47 16.03
CA ASN A 709 6.58 36.42 15.01
C ASN A 709 5.17 35.83 14.97
N ALA A 710 4.98 34.87 14.07
CA ALA A 710 3.63 34.36 13.79
C ALA A 710 2.98 33.75 15.02
N ASP A 711 3.77 33.21 15.94
CA ASP A 711 3.20 32.63 17.14
C ASP A 711 2.79 33.69 18.15
N TRP A 712 3.37 34.89 18.06
CA TRP A 712 3.18 35.90 19.10
C TRP A 712 1.74 36.39 19.18
N MET A 713 1.09 36.60 18.03
CA MET A 713 -0.30 37.04 18.05
C MET A 713 -1.28 35.92 18.36
N ARG A 714 -0.79 34.69 18.52
CA ARG A 714 -1.63 33.58 18.95
C ARG A 714 -1.54 33.31 20.45
N LEU A 715 -0.33 33.31 21.01
CA LEU A 715 -0.18 33.08 22.45
C LEU A 715 -0.44 34.38 23.22
N VAL A 716 0.39 35.40 23.01
CA VAL A 716 0.20 36.67 23.69
C VAL A 716 -1.03 37.39 23.14
N GLY A 717 -1.22 37.36 21.82
CA GLY A 717 -2.30 38.08 21.19
C GLY A 717 -1.90 39.47 20.79
N TYR A 718 -2.20 39.86 19.55
CA TYR A 718 -1.83 41.18 19.06
C TYR A 718 -2.56 42.30 19.77
N ASP A 719 -3.63 42.00 20.51
CA ASP A 719 -4.37 43.04 21.22
C ASP A 719 -3.57 43.63 22.38
N GLU A 720 -2.44 43.02 22.75
CA GLU A 720 -1.60 43.62 23.78
C GLU A 720 -1.08 44.99 23.35
N ILE A 721 -0.63 45.10 22.10
CA ILE A 721 -0.22 46.39 21.57
C ILE A 721 -1.42 47.30 21.38
N SER A 722 -2.57 46.73 20.98
CA SER A 722 -3.76 47.52 20.73
C SER A 722 -4.25 48.20 22.01
N LYS A 723 -4.26 47.47 23.13
CA LYS A 723 -4.74 48.05 24.37
C LYS A 723 -3.72 49.00 24.98
N HIS A 724 -2.43 48.71 24.80
CA HIS A 724 -1.40 49.57 25.38
C HIS A 724 -1.46 50.99 24.84
N LEU A 725 -1.86 51.16 23.58
CA LEU A 725 -2.01 52.50 23.02
C LEU A 725 -3.33 53.15 23.40
N ASN A 726 -4.23 52.42 24.06
CA ASN A 726 -5.51 52.96 24.51
C ASN A 726 -5.48 53.42 25.96
N THR A 727 -4.58 52.87 26.77
CA THR A 727 -4.47 53.20 28.18
C THR A 727 -3.17 53.91 28.52
N GLU A 728 -2.03 53.34 28.15
CA GLU A 728 -0.74 53.95 28.43
C GLU A 728 -0.50 55.16 27.52
N LEU A 729 0.34 56.07 27.99
CA LEU A 729 0.70 57.27 27.25
C LEU A 729 2.18 57.21 26.88
N GLY A 730 2.47 57.41 25.61
CA GLY A 730 3.85 57.40 25.17
C GLY A 730 3.96 56.85 23.76
N LYS A 731 5.10 56.22 23.49
CA LYS A 731 5.44 55.70 22.17
C LYS A 731 5.67 54.20 22.24
N VAL A 732 5.30 53.51 21.17
CA VAL A 732 5.50 52.08 21.04
C VAL A 732 6.10 51.79 19.68
N VAL A 733 7.12 50.94 19.65
CA VAL A 733 7.80 50.55 18.42
C VAL A 733 7.69 49.05 18.30
N VAL A 734 6.98 48.57 17.28
CA VAL A 734 6.76 47.16 17.07
C VAL A 734 7.80 46.64 16.07
N PHE A 735 8.37 45.48 16.35
CA PHE A 735 9.41 44.88 15.52
C PHE A 735 8.86 43.59 14.91
N SER A 736 8.35 43.69 13.69
CA SER A 736 7.83 42.54 12.95
C SER A 736 8.67 42.32 11.69
N THR A 737 8.28 41.32 10.90
CA THR A 737 8.93 41.00 9.65
C THR A 737 7.91 41.01 8.52
N TYR A 738 8.41 40.92 7.29
CA TYR A 738 7.54 40.91 6.13
C TYR A 738 6.63 39.69 6.12
N ALA A 739 7.19 38.52 6.41
CA ALA A 739 6.39 37.30 6.43
C ALA A 739 5.46 37.28 7.64
N SER A 740 5.97 37.71 8.80
CA SER A 740 5.18 37.63 10.03
C SER A 740 4.02 38.61 10.03
N MET A 741 4.02 39.61 9.14
CA MET A 741 2.91 40.53 9.07
C MET A 741 1.68 39.87 8.45
N GLY A 742 1.89 39.01 7.46
CA GLY A 742 0.77 38.28 6.88
C GLY A 742 -0.23 39.20 6.20
N ALA A 743 -1.43 38.68 6.01
CA ALA A 743 -2.53 39.41 5.37
C ALA A 743 -3.66 39.72 6.32
N GLY A 744 -4.19 38.72 7.01
CA GLY A 744 -5.29 38.95 7.94
C GLY A 744 -4.91 39.56 9.26
N LYS A 745 -3.62 39.64 9.57
CA LYS A 745 -3.15 40.22 10.83
C LYS A 745 -3.28 41.74 10.74
N ASN A 746 -4.39 42.26 11.27
CA ASN A 746 -4.67 43.69 11.16
C ASN A 746 -3.87 44.43 12.22
N PRO A 747 -3.02 45.38 11.84
CA PRO A 747 -2.28 46.18 12.83
C PRO A 747 -3.07 47.42 13.26
N ASP A 748 -4.20 47.19 13.90
CA ASP A 748 -5.09 48.24 14.35
C ASP A 748 -4.84 48.56 15.82
N TYR A 749 -5.54 49.58 16.32
CA TYR A 749 -5.59 49.88 17.75
C TYR A 749 -6.68 50.90 17.98
N ALA A 750 -7.31 50.81 19.15
CA ALA A 750 -8.39 51.72 19.53
C ALA A 750 -7.81 52.99 20.12
N VAL A 751 -8.34 54.14 19.71
CA VAL A 751 -7.78 55.43 20.05
C VAL A 751 -8.54 56.02 21.23
N ASN A 752 -7.80 56.51 22.22
CA ASN A 752 -8.36 57.30 23.32
C ASN A 752 -7.91 58.74 23.13
N LEU A 753 -8.88 59.63 22.92
CA LEU A 753 -8.58 61.03 22.63
C LEU A 753 -7.88 61.73 23.80
N ALA A 754 -8.01 61.19 25.02
CA ALA A 754 -7.34 61.79 26.17
C ALA A 754 -5.82 61.72 26.01
N LEU A 755 -5.30 60.59 25.54
CA LEU A 755 -3.88 60.42 25.33
C LEU A 755 -3.41 60.81 23.94
N GLU A 756 -4.34 61.13 23.03
CA GLU A 756 -3.99 61.48 21.67
C GLU A 756 -4.06 63.00 21.43
N GLY A 757 -5.19 63.61 21.75
CA GLY A 757 -5.37 65.03 21.54
C GLY A 757 -6.02 65.34 20.20
N GLU A 758 -5.45 66.30 19.47
CA GLU A 758 -5.94 66.65 18.14
C GLU A 758 -4.95 66.27 17.04
N SER A 759 -3.97 65.43 17.34
CA SER A 759 -3.05 64.94 16.32
C SER A 759 -3.72 64.04 15.30
N LEU A 760 -4.93 63.57 15.58
CA LEU A 760 -5.70 62.76 14.65
C LEU A 760 -6.59 63.66 13.81
N ILE A 761 -6.79 63.29 12.55
CA ILE A 761 -7.69 63.99 11.65
C ILE A 761 -8.36 62.96 10.73
N SER A 762 -9.62 63.19 10.40
CA SER A 762 -10.37 62.27 9.56
C SER A 762 -10.18 62.63 8.09
N VAL A 763 -9.81 61.62 7.30
CA VAL A 763 -9.49 61.86 5.90
C VAL A 763 -10.54 61.29 5.02
N ALA A 764 -11.39 60.43 5.55
CA ALA A 764 -12.32 59.73 4.66
C ALA A 764 -13.40 60.60 4.18
N ASP A 765 -13.06 61.64 3.46
CA ASP A 765 -14.08 62.56 3.07
C ASP A 765 -15.05 62.69 4.19
N VAL A 766 -14.54 62.64 5.41
CA VAL A 766 -15.40 62.66 6.58
C VAL A 766 -16.37 61.49 6.50
N THR A 767 -17.56 61.69 5.94
CA THR A 767 -18.53 60.63 5.79
C THR A 767 -18.45 59.45 6.72
N TYR A 768 -18.06 58.31 6.18
CA TYR A 768 -18.02 57.07 6.95
C TYR A 768 -16.76 56.93 7.78
N GLN A 771 -16.56 53.09 15.00
CA GLN A 771 -16.16 53.50 16.35
C GLN A 771 -15.02 54.50 16.17
N LEU A 772 -13.86 54.30 16.79
CA LEU A 772 -12.71 55.18 16.58
C LEU A 772 -11.47 54.30 16.61
N ARG A 773 -10.90 54.05 15.43
CA ARG A 773 -9.73 53.20 15.27
C ARG A 773 -8.71 53.90 14.38
N SER A 774 -7.43 53.65 14.64
CA SER A 774 -6.34 54.16 13.84
C SER A 774 -5.33 53.05 13.58
N ASP A 775 -4.21 53.40 12.94
CA ASP A 775 -3.20 52.43 12.56
C ASP A 775 -1.83 53.06 12.71
N ILE A 776 -0.81 52.40 12.16
CA ILE A 776 0.55 52.90 12.25
C ILE A 776 0.69 54.20 11.46
N ASP A 777 1.56 55.07 11.94
CA ASP A 777 1.84 56.34 11.28
C ASP A 777 3.32 56.55 11.00
N SER A 778 4.14 55.52 11.16
CA SER A 778 5.55 55.59 10.78
C SER A 778 6.08 54.17 10.68
N ILE A 779 6.57 53.79 9.50
CA ILE A 779 7.02 52.43 9.22
C ILE A 779 8.43 52.49 8.67
N TYR A 780 9.30 51.62 9.17
CA TYR A 780 10.63 51.44 8.61
C TYR A 780 10.60 50.22 7.69
N LEU A 781 10.97 50.42 6.43
CA LEU A 781 10.90 49.37 5.41
C LEU A 781 12.31 48.96 5.02
N GLU A 782 12.71 47.75 5.43
CA GLU A 782 13.99 47.20 5.05
C GLU A 782 13.88 46.53 3.69
N LYS A 783 15.03 46.37 3.03
CA LYS A 783 15.04 45.74 1.71
C LYS A 783 14.54 44.31 1.82
N PRO A 784 13.53 43.92 1.04
CA PRO A 784 13.03 42.55 1.12
C PRO A 784 14.08 41.54 0.66
N THR A 785 14.49 40.69 1.60
CA THR A 785 15.49 39.65 1.36
C THR A 785 14.86 38.45 0.68
N GLN A 786 15.51 37.29 0.80
CA GLN A 786 15.37 36.15 -0.11
C GLN A 786 13.97 35.99 -0.66
N LEU A 787 13.88 35.91 -2.00
CA LEU A 787 12.63 35.96 -2.72
C LEU A 787 12.37 34.74 -3.59
N LEU A 788 13.25 33.75 -3.57
CA LEU A 788 13.02 32.53 -4.34
C LEU A 788 12.13 31.59 -3.54
N LEU A 789 11.01 31.17 -4.15
CA LEU A 789 10.11 30.25 -3.47
C LEU A 789 10.84 28.95 -3.13
N SER A 790 10.50 28.39 -1.97
CA SER A 790 11.09 27.14 -1.53
C SER A 790 9.99 26.23 -0.98
N ASP A 791 10.22 24.92 -1.07
CA ASP A 791 9.32 23.92 -0.52
C ASP A 791 10.15 22.95 0.31
N ASP A 792 9.86 22.90 1.60
CA ASP A 792 10.61 22.07 2.54
C ASP A 792 9.92 20.75 2.82
N TYR A 793 8.89 20.40 2.04
CA TYR A 793 8.19 19.14 2.24
C TYR A 793 9.14 17.95 2.06
N SER A 794 9.96 17.99 1.02
CA SER A 794 11.00 16.99 0.81
C SER A 794 12.05 17.57 -0.12
N HIS A 795 13.18 16.88 -0.21
CA HIS A 795 14.23 17.34 -1.11
C HIS A 795 13.79 17.28 -2.57
N THR A 796 13.07 16.21 -2.94
CA THR A 796 12.55 16.13 -4.30
C THR A 796 11.52 17.22 -4.56
N ALA A 797 10.63 17.47 -3.59
CA ALA A 797 9.66 18.55 -3.74
C ALA A 797 10.35 19.91 -3.78
N ASN A 798 11.51 20.04 -3.15
CA ASN A 798 12.29 21.26 -3.28
C ASN A 798 12.94 21.35 -4.66
N GLN A 799 13.31 20.20 -5.24
CA GLN A 799 13.94 20.21 -6.55
C GLN A 799 12.97 20.67 -7.63
N LEU A 800 11.73 20.18 -7.60
CA LEU A 800 10.75 20.58 -8.59
C LEU A 800 10.45 22.08 -8.50
N CYS A 801 10.35 22.60 -7.28
CA CYS A 801 10.09 24.03 -7.13
C CYS A 801 11.24 24.87 -7.67
N GLN A 802 12.48 24.42 -7.43
CA GLN A 802 13.63 25.16 -7.93
C GLN A 802 13.71 25.14 -9.45
N PHE A 803 13.42 23.98 -10.06
CA PHE A 803 13.50 23.89 -11.51
C PHE A 803 12.33 24.58 -12.20
N HIS A 804 11.17 24.65 -11.53
CA HIS A 804 10.06 25.40 -12.09
C HIS A 804 10.40 26.88 -12.23
N GLN A 805 11.05 27.45 -11.21
CA GLN A 805 11.37 28.87 -11.24
C GLN A 805 12.36 29.21 -12.34
N ILE A 806 13.36 28.34 -12.54
CA ILE A 806 14.36 28.59 -13.58
C ILE A 806 13.72 28.54 -14.96
N LEU A 807 12.85 27.57 -15.18
CA LEU A 807 12.21 27.42 -16.49
C LEU A 807 11.07 28.40 -16.69
N SER A 808 10.57 29.01 -15.62
CA SER A 808 9.54 30.03 -15.76
C SER A 808 10.12 31.40 -16.00
N LEU A 809 11.38 31.63 -15.60
CA LEU A 809 12.09 32.84 -15.97
C LEU A 809 12.56 32.78 -17.42
N GLN A 810 13.02 31.61 -17.86
CA GLN A 810 13.47 31.46 -19.24
C GLN A 810 12.32 31.50 -20.22
N GLU A 811 11.16 30.95 -19.84
CA GLU A 811 10.00 30.99 -20.72
C GLU A 811 9.45 32.40 -20.90
N ASN A 812 9.80 33.32 -20.00
CA ASN A 812 9.26 34.68 -20.05
C ASN A 812 10.16 35.65 -20.79
N GLY A 813 11.40 35.28 -21.08
CA GLY A 813 12.36 36.18 -21.68
C GLY A 813 13.22 36.94 -20.69
N GLU A 814 13.01 36.75 -19.39
CA GLU A 814 13.86 37.43 -18.41
C GLU A 814 15.25 36.82 -18.36
N LEU A 815 15.38 35.55 -18.70
CA LEU A 815 16.67 34.88 -18.75
C LEU A 815 16.96 34.45 -20.18
N SER A 816 18.14 34.79 -20.67
CA SER A 816 18.59 34.27 -21.94
C SER A 816 18.83 32.77 -21.84
N PRO A 817 18.55 32.01 -22.90
CA PRO A 817 18.69 30.55 -22.81
C PRO A 817 20.08 30.09 -22.45
N LYS A 818 21.11 30.89 -22.74
CA LYS A 818 22.46 30.56 -22.31
C LYS A 818 22.56 30.51 -20.79
N SER A 819 21.94 31.49 -20.11
CA SER A 819 22.05 31.57 -18.66
C SER A 819 21.12 30.59 -17.96
N ALA A 820 19.94 30.34 -18.52
CA ALA A 820 19.00 29.42 -17.89
C ALA A 820 19.55 28.00 -17.87
N GLU A 821 20.20 27.58 -18.96
CA GLU A 821 20.84 26.26 -18.97
C GLU A 821 21.98 26.21 -17.97
N ASN A 822 22.74 27.30 -17.85
CA ASN A 822 23.81 27.34 -16.85
C ASN A 822 23.24 27.26 -15.45
N TRP A 823 22.10 27.90 -15.19
CA TRP A 823 21.48 27.83 -13.88
C TRP A 823 20.94 26.42 -13.61
N CYS A 824 20.26 25.82 -14.60
CA CYS A 824 19.70 24.47 -14.40
C CYS A 824 20.80 23.42 -14.26
N ARG A 825 21.91 23.61 -14.98
CA ARG A 825 23.01 22.66 -14.85
C ARG A 825 23.64 22.73 -13.46
N GLN A 826 23.79 23.95 -12.92
CA GLN A 826 24.31 24.08 -11.56
C GLN A 826 23.28 23.65 -10.53
N GLN A 827 22.00 23.88 -10.79
CA GLN A 827 20.96 23.46 -9.87
C GLN A 827 20.94 21.95 -9.69
N LEU A 828 21.17 21.20 -10.77
CA LEU A 828 21.22 19.76 -10.68
C LEU A 828 22.39 19.28 -9.83
N MET A 829 23.59 19.81 -10.11
CA MET A 829 24.77 19.38 -9.39
C MET A 829 24.73 19.72 -7.91
N GLY A 830 23.96 20.73 -7.53
CA GLY A 830 23.90 21.18 -6.15
C GLY A 830 24.53 22.54 -5.98
N MET A 831 23.71 23.58 -5.85
CA MET A 831 24.19 24.93 -5.72
C MET A 831 23.79 25.49 -4.36
N SER A 832 24.64 26.38 -3.84
CA SER A 832 24.35 27.03 -2.57
C SER A 832 23.11 27.90 -2.70
N ARG A 833 22.36 28.02 -1.61
CA ARG A 833 21.18 28.87 -1.60
C ARG A 833 21.54 30.31 -1.93
N GLU A 834 22.78 30.70 -1.68
CA GLU A 834 23.23 32.05 -2.06
C GLU A 834 23.22 32.21 -3.57
N ARG A 835 23.84 31.28 -4.29
CA ARG A 835 23.93 31.40 -5.74
C ARG A 835 22.56 31.35 -6.42
N SER A 836 21.60 30.67 -5.81
CA SER A 836 20.24 30.69 -6.34
C SER A 836 19.70 32.12 -6.32
N LEU A 837 19.96 32.86 -5.25
CA LEU A 837 19.48 34.24 -5.17
C LEU A 837 20.34 35.19 -5.99
N GLN A 838 21.63 34.92 -6.12
CA GLN A 838 22.47 35.77 -6.95
C GLN A 838 22.04 35.73 -8.41
N GLN A 839 21.71 34.53 -8.90
CA GLN A 839 21.21 34.41 -10.27
C GLN A 839 19.86 35.09 -10.44
N TYR A 840 19.02 35.05 -9.41
CA TYR A 840 17.73 35.72 -9.49
C TYR A 840 17.88 37.24 -9.44
N HIS A 841 18.94 37.73 -8.80
CA HIS A 841 19.11 39.18 -8.66
C HIS A 841 19.45 39.85 -9.98
N GLN A 842 20.22 39.17 -10.84
CA GLN A 842 20.64 39.79 -12.09
C GLN A 842 19.50 40.01 -13.06
N THR A 843 18.34 39.40 -12.82
CA THR A 843 17.22 39.55 -13.73
C THR A 843 16.37 40.75 -13.33
N SER A 844 15.66 41.29 -14.32
CA SER A 844 14.69 42.35 -14.05
C SER A 844 13.45 41.83 -13.34
N ASP A 845 13.30 40.50 -13.26
CA ASP A 845 12.20 39.92 -12.51
C ASP A 845 12.29 40.24 -11.03
N TYR A 846 13.52 40.22 -10.48
CA TYR A 846 13.71 40.48 -9.06
C TYR A 846 13.32 41.90 -8.69
N GLN A 847 13.43 42.85 -9.62
CA GLN A 847 13.11 44.23 -9.30
C GLN A 847 11.61 44.44 -9.15
N SER A 848 10.81 43.77 -9.97
CA SER A 848 9.36 43.87 -9.82
C SER A 848 8.82 42.97 -8.72
N ALA A 849 9.67 42.13 -8.12
CA ALA A 849 9.25 41.31 -7.00
C ALA A 849 9.39 42.05 -5.68
N VAL A 850 10.51 42.74 -5.49
CA VAL A 850 10.67 43.55 -4.27
C VAL A 850 9.70 44.70 -4.25
N ARG A 851 9.39 45.29 -5.41
CA ARG A 851 8.40 46.34 -5.49
C ARG A 851 6.97 45.81 -5.39
N LYS A 852 6.81 44.51 -5.13
CA LYS A 852 5.53 43.91 -4.79
C LYS A 852 5.38 43.76 -3.28
N TYR A 853 6.47 43.46 -2.59
CA TYR A 853 6.44 43.42 -1.13
C TYR A 853 6.17 44.81 -0.56
N ILE A 854 6.91 45.81 -1.02
CA ILE A 854 6.74 47.17 -0.53
C ILE A 854 5.33 47.67 -0.77
N GLU A 855 4.78 47.40 -1.96
CA GLU A 855 3.47 47.91 -2.29
C GLU A 855 2.38 47.28 -1.44
N GLN A 856 2.63 46.09 -0.89
CA GLN A 856 1.70 45.48 0.05
C GLN A 856 2.05 45.74 1.49
N ALA A 857 3.33 45.78 1.84
CA ALA A 857 3.77 46.12 3.18
C ALA A 857 3.49 47.58 3.53
N VAL A 858 2.96 48.36 2.59
CA VAL A 858 2.59 49.73 2.83
C VAL A 858 1.09 49.97 2.73
N GLY A 859 0.39 49.22 1.89
CA GLY A 859 -1.06 49.30 1.84
C GLY A 859 -1.77 48.61 2.98
N ARG A 860 -1.06 47.76 3.74
CA ARG A 860 -1.69 47.12 4.89
C ARG A 860 -1.84 48.07 6.07
N ALA A 861 -0.97 49.08 6.15
CA ALA A 861 -1.08 50.11 7.18
C ALA A 861 -1.86 51.32 6.67
N GLY A 862 -3.02 51.09 6.08
CA GLY A 862 -3.84 52.16 5.56
C GLY A 862 -5.32 51.91 5.69
N ARG A 863 -5.70 51.01 6.60
CA ARG A 863 -7.07 50.52 6.65
C ARG A 863 -8.00 51.41 7.46
N THR A 864 -7.49 52.48 8.06
CA THR A 864 -8.32 53.40 8.82
C THR A 864 -8.42 54.75 8.13
N SER A 865 -9.18 55.65 8.73
CA SER A 865 -9.33 57.01 8.23
C SER A 865 -8.72 58.07 9.14
N LEU A 866 -8.77 57.87 10.46
CA LEU A 866 -8.10 58.77 11.40
C LEU A 866 -6.60 58.54 11.30
N LYS A 867 -5.88 59.53 10.77
CA LYS A 867 -4.44 59.45 10.64
C LYS A 867 -3.81 60.73 11.15
N ARG A 868 -2.57 60.61 11.63
CA ARG A 868 -1.79 61.76 12.03
C ARG A 868 -1.41 62.59 10.82
N LYS A 869 -1.03 63.84 11.07
CA LYS A 869 -0.61 64.73 10.00
C LYS A 869 0.87 64.59 9.66
N GLN A 870 1.59 63.68 10.31
CA GLN A 870 3.03 63.53 10.15
C GLN A 870 3.38 62.06 9.96
N ILE A 871 2.69 61.40 9.03
CA ILE A 871 2.97 59.99 8.74
C ILE A 871 4.35 59.91 8.11
N LEU A 872 5.33 59.41 8.89
CA LEU A 872 6.70 59.28 8.42
C LEU A 872 6.91 57.92 7.76
N LEU A 873 7.88 57.88 6.85
CA LEU A 873 8.28 56.62 6.20
C LEU A 873 9.78 56.65 6.00
N PHE A 874 10.48 55.68 6.60
CA PHE A 874 11.92 55.54 6.45
C PHE A 874 12.20 54.20 5.78
N VAL A 875 12.93 54.23 4.67
CA VAL A 875 13.21 53.02 3.90
C VAL A 875 14.72 52.89 3.70
N ASP A 876 15.16 51.68 3.40
CA ASP A 876 16.57 51.39 3.27
C ASP A 876 17.17 52.11 2.06
N SER A 877 18.47 52.38 2.15
CA SER A 877 19.18 52.99 1.03
C SER A 877 19.30 52.03 -0.14
N GLY A 878 19.32 50.73 0.12
CA GLY A 878 19.36 49.72 -0.92
C GLY A 878 18.09 49.57 -1.72
N LEU A 879 17.14 50.51 -1.56
CA LEU A 879 15.88 50.48 -2.29
C LEU A 879 15.61 51.75 -3.09
N LYS A 880 16.45 52.78 -2.97
CA LYS A 880 16.23 54.00 -3.74
C LYS A 880 16.36 53.73 -5.24
N GLU A 881 17.40 53.00 -5.64
CA GLU A 881 17.57 52.70 -7.06
C GLU A 881 16.45 51.83 -7.59
N ILE A 882 16.02 50.83 -6.81
CA ILE A 882 14.96 49.94 -7.24
C ILE A 882 13.64 50.70 -7.38
N LEU A 883 13.31 51.52 -6.38
CA LEU A 883 12.05 52.24 -6.41
C LEU A 883 12.02 53.35 -7.44
N ALA A 884 13.17 53.77 -7.97
CA ALA A 884 13.19 54.76 -9.03
C ALA A 884 12.85 54.17 -10.39
N GLU A 885 12.78 52.85 -10.51
CA GLU A 885 12.45 52.19 -11.76
C GLU A 885 10.96 51.92 -11.93
N GLU A 886 10.14 52.20 -10.92
CA GLU A 886 8.71 51.96 -11.03
C GLU A 886 8.10 52.90 -12.05
N SER A 887 7.41 52.34 -13.04
CA SER A 887 6.85 53.17 -14.10
C SER A 887 5.45 52.71 -14.55
N ARG A 888 4.75 51.92 -13.75
CA ARG A 888 3.43 51.47 -14.15
C ARG A 888 2.43 52.61 -14.02
N ASP A 889 1.19 52.34 -14.40
CA ASP A 889 0.13 53.33 -14.33
C ASP A 889 -0.18 53.66 -12.88
N PRO A 890 -0.19 54.93 -12.49
CA PRO A 890 -0.47 55.27 -11.08
C PRO A 890 -1.94 55.44 -10.79
N SER A 891 -2.80 54.96 -11.70
CA SER A 891 -4.24 55.15 -11.55
C SER A 891 -4.87 54.20 -10.54
N LEU A 892 -4.07 53.35 -9.89
CA LEU A 892 -4.54 52.59 -8.74
C LEU A 892 -3.54 52.58 -7.60
N PHE A 893 -2.42 53.28 -7.76
CA PHE A 893 -1.37 53.25 -6.76
C PHE A 893 -1.83 53.92 -5.48
N SER A 894 -1.41 53.35 -4.35
CA SER A 894 -1.80 53.89 -3.06
C SER A 894 -1.13 55.25 -2.83
N HIS A 895 -1.75 56.05 -1.97
CA HIS A 895 -1.18 57.35 -1.63
C HIS A 895 0.17 57.21 -0.97
N GLU A 896 0.33 56.21 -0.10
CA GLU A 896 1.59 56.04 0.61
C GLU A 896 2.66 55.46 -0.30
N TYR A 897 2.28 54.63 -1.27
CA TYR A 897 3.27 54.11 -2.19
C TYR A 897 3.66 55.13 -3.25
N VAL A 898 2.71 55.99 -3.65
CA VAL A 898 3.05 57.07 -4.58
C VAL A 898 4.09 57.98 -3.96
N ALA A 899 3.85 58.43 -2.73
CA ALA A 899 4.80 59.32 -2.07
C ALA A 899 6.14 58.63 -1.83
N LEU A 900 6.14 57.29 -1.77
CA LEU A 900 7.39 56.56 -1.61
C LEU A 900 8.16 56.47 -2.91
N VAL A 901 7.52 56.74 -4.06
CA VAL A 901 8.17 56.56 -5.35
C VAL A 901 8.61 57.90 -5.92
N ASN A 902 7.89 58.98 -5.58
CA ASN A 902 8.29 60.29 -6.07
C ASN A 902 9.61 60.75 -5.48
N LYS A 903 9.84 60.46 -4.19
CA LYS A 903 11.07 60.90 -3.55
C LYS A 903 12.29 60.28 -4.20
N ALA A 904 12.21 58.99 -4.52
CA ALA A 904 13.30 58.35 -5.25
C ALA A 904 13.33 58.80 -6.71
N LYS A 905 12.20 59.23 -7.25
CA LYS A 905 12.12 59.78 -8.60
C LYS A 905 12.58 61.23 -8.66
N SER A 906 12.87 61.85 -7.52
CA SER A 906 13.22 63.27 -7.49
C SER A 906 14.54 63.53 -8.22
N ALA A 907 15.44 62.55 -8.28
CA ALA A 907 16.75 62.73 -8.89
C ALA A 907 16.66 62.69 -10.42
N GLY A 908 15.86 63.62 -10.95
CA GLY A 908 15.69 63.72 -12.39
C GLY A 908 15.07 62.46 -12.97
N LYS A 909 15.52 62.10 -14.16
CA LYS A 909 15.08 60.88 -14.82
C LYS A 909 16.31 60.04 -15.14
N SER A 910 16.22 58.74 -14.86
CA SER A 910 17.30 57.80 -15.10
C SER A 910 16.87 56.81 -16.16
N ILE A 911 17.79 56.51 -17.09
CA ILE A 911 17.48 55.58 -18.16
C ILE A 911 17.23 54.19 -17.59
N VAL A 912 16.26 53.49 -18.16
CA VAL A 912 15.91 52.15 -17.72
C VAL A 912 16.37 51.16 -18.78
N GLU A 913 16.31 49.88 -18.43
CA GLU A 913 16.67 48.83 -19.37
C GLU A 913 15.71 48.73 -20.54
N ASP A 914 14.55 49.37 -20.46
CA ASP A 914 13.50 49.26 -21.48
C ASP A 914 13.10 47.80 -21.67
N ARG A 915 12.55 47.25 -20.59
CA ARG A 915 12.40 45.81 -20.36
C ARG A 915 12.02 45.04 -21.62
N ALA A 916 11.24 45.65 -22.50
CA ALA A 916 10.86 45.00 -23.74
C ALA A 916 12.06 44.72 -24.64
N VAL A 917 13.01 45.66 -24.72
CA VAL A 917 14.11 45.50 -25.68
C VAL A 917 15.04 44.37 -25.26
N ARG A 918 15.28 44.22 -23.95
CA ARG A 918 16.10 43.10 -23.50
C ARG A 918 15.33 41.80 -23.44
N ARG A 919 13.99 41.89 -23.43
CA ARG A 919 13.19 40.67 -23.46
C ARG A 919 13.12 40.08 -24.86
N LEU A 920 13.11 40.93 -25.89
CA LEU A 920 13.09 40.45 -27.26
C LEU A 920 14.39 39.73 -27.62
N PHE A 921 15.52 40.23 -27.10
CA PHE A 921 16.80 39.61 -27.41
C PHE A 921 16.86 38.18 -26.87
N ASN A 922 16.33 37.97 -25.68
CA ASN A 922 16.28 36.61 -25.11
C ASN A 922 15.16 35.79 -25.74
N LEU A 923 14.02 36.41 -26.03
CA LEU A 923 12.88 35.64 -26.53
C LEU A 923 13.08 35.22 -27.97
N ALA A 924 13.84 35.99 -28.75
CA ALA A 924 14.22 35.53 -30.08
C ALA A 924 15.26 34.43 -30.00
N GLN A 925 16.14 34.49 -28.99
CA GLN A 925 17.10 33.41 -28.79
C GLN A 925 16.39 32.12 -28.40
N ARG A 926 15.36 32.20 -27.57
CA ARG A 926 14.57 31.02 -27.24
C ARG A 926 13.38 30.88 -28.19
N ASN A 927 13.66 31.10 -29.47
CA ASN A 927 12.78 30.67 -30.55
C ASN A 927 13.60 30.12 -31.70
N ASN A 928 14.92 30.21 -31.62
CA ASN A 928 15.86 29.57 -32.51
C ASN A 928 16.39 28.27 -31.93
N LYS A 929 16.82 28.30 -30.67
CA LYS A 929 17.29 27.08 -30.01
C LYS A 929 16.20 26.02 -29.95
N ASP A 930 14.93 26.45 -29.85
CA ASP A 930 13.85 25.49 -29.93
C ASP A 930 13.77 24.87 -31.31
N GLY A 931 13.94 25.69 -32.36
CA GLY A 931 13.94 25.15 -33.71
C GLY A 931 15.11 24.22 -33.96
N MET A 932 16.31 24.63 -33.56
CA MET A 932 17.49 23.81 -33.76
C MET A 932 17.40 22.48 -33.02
N LEU A 933 16.76 22.48 -31.85
CA LEU A 933 16.70 21.25 -31.06
C LEU A 933 15.57 20.34 -31.52
N SER A 934 14.44 20.93 -31.94
CA SER A 934 13.32 20.11 -32.39
C SER A 934 13.54 19.57 -33.80
N ILE A 935 14.14 20.37 -34.68
CA ILE A 935 14.43 19.90 -36.04
C ILE A 935 15.41 18.74 -36.01
N LYS A 936 16.42 18.82 -35.13
CA LYS A 936 17.38 17.72 -35.02
C LYS A 936 16.71 16.43 -34.56
N ALA A 937 15.49 16.51 -34.04
CA ALA A 937 14.77 15.30 -33.65
C ALA A 937 13.79 14.86 -34.72
N LEU A 938 13.10 15.81 -35.35
CA LEU A 938 12.15 15.45 -36.40
C LEU A 938 12.85 14.88 -37.62
N VAL A 939 14.00 15.45 -37.99
CA VAL A 939 14.77 14.91 -39.11
C VAL A 939 15.34 13.55 -38.77
N HIS A 940 15.92 13.40 -37.57
CA HIS A 940 16.49 12.13 -37.16
C HIS A 940 15.42 11.04 -37.13
N ARG A 941 14.22 11.36 -36.64
CA ARG A 941 13.15 10.37 -36.61
C ARG A 941 12.68 10.03 -38.02
N LEU A 942 12.72 11.00 -38.94
CA LEU A 942 12.38 10.73 -40.33
C LEU A 942 13.44 9.92 -41.06
N HIS A 943 14.64 9.78 -40.47
CA HIS A 943 15.70 8.96 -41.03
C HIS A 943 15.82 7.61 -40.34
N ASN A 944 14.72 7.11 -39.79
CA ASN A 944 14.66 5.78 -39.20
C ASN A 944 13.56 4.99 -39.90
N GLN A 945 13.87 3.76 -40.30
CA GLN A 945 12.94 2.95 -41.04
C GLN A 945 11.86 2.39 -40.12
N PRO A 946 10.55 2.62 -40.41
CA PRO A 946 10.10 3.64 -41.37
C PRO A 946 9.63 4.96 -40.73
N ALA A 947 8.99 5.83 -41.51
CA ALA A 947 8.50 7.11 -41.01
C ALA A 947 7.01 7.00 -40.71
N SER A 948 6.64 7.33 -39.48
CA SER A 948 5.24 7.23 -39.08
C SER A 948 4.40 8.27 -39.81
N LYS A 949 3.09 8.01 -39.86
CA LYS A 949 2.17 8.93 -40.53
C LYS A 949 2.15 10.29 -39.83
N SER A 950 2.36 10.30 -38.52
CA SER A 950 2.43 11.57 -37.80
C SER A 950 3.69 12.35 -38.18
N ASP A 951 4.85 11.67 -38.18
CA ASP A 951 6.12 12.36 -38.39
C ASP A 951 6.19 13.02 -39.75
N ILE A 952 5.65 12.36 -40.78
CA ILE A 952 5.62 13.00 -42.10
C ILE A 952 4.66 14.17 -42.10
N GLN A 953 3.55 14.07 -41.36
CA GLN A 953 2.61 15.17 -41.28
C GLN A 953 3.23 16.41 -40.64
N GLU A 954 4.13 16.22 -39.67
CA GLU A 954 4.86 17.35 -39.11
C GLU A 954 5.69 18.05 -40.17
N TRP A 955 6.37 17.25 -41.01
CA TRP A 955 7.28 17.82 -42.00
C TRP A 955 6.54 18.66 -43.03
N GLN A 956 5.39 18.19 -43.50
CA GLN A 956 4.61 18.96 -44.46
C GLN A 956 4.13 20.28 -43.86
N ASP A 957 3.60 20.24 -42.63
CA ASP A 957 3.03 21.43 -42.04
C ASP A 957 4.10 22.49 -41.76
N ILE A 958 5.31 22.05 -41.39
CA ILE A 958 6.39 22.99 -41.14
C ILE A 958 6.72 23.78 -42.40
N ARG A 959 6.90 23.07 -43.52
CA ARG A 959 7.20 23.77 -44.77
C ARG A 959 5.98 24.50 -45.30
N THR A 960 4.78 23.93 -45.12
CA THR A 960 3.57 24.59 -45.61
C THR A 960 3.34 25.91 -44.88
N GLN A 961 3.57 25.95 -43.57
CA GLN A 961 3.39 27.18 -42.83
C GLN A 961 4.49 28.18 -43.12
N LEU A 962 5.73 27.71 -43.23
CA LEU A 962 6.85 28.61 -43.51
C LEU A 962 6.78 29.21 -44.89
N LEU A 963 6.10 28.54 -45.83
CA LEU A 963 6.02 28.96 -47.21
C LEU A 963 4.83 29.87 -47.49
N ARG A 964 3.63 29.47 -47.05
CA ARG A 964 2.45 30.30 -47.29
C ARG A 964 2.51 31.58 -46.45
N TYR A 965 2.84 31.46 -45.17
CA TYR A 965 2.95 32.60 -44.26
C TYR A 965 4.42 32.80 -43.89
N PRO A 966 5.22 33.46 -44.72
CA PRO A 966 6.61 33.70 -44.34
C PRO A 966 6.78 34.81 -43.31
N THR A 967 5.75 35.64 -43.11
CA THR A 967 5.79 36.69 -42.11
C THR A 967 4.36 36.96 -41.66
N VAL A 968 4.15 37.02 -40.35
CA VAL A 968 2.82 37.17 -39.78
C VAL A 968 2.80 38.39 -38.88
N ALA A 969 1.62 39.00 -38.75
CA ALA A 969 1.48 40.20 -37.94
C ALA A 969 1.32 39.86 -36.46
N PHE A 970 0.26 39.14 -36.12
CA PHE A 970 0.00 38.79 -34.74
C PHE A 970 1.00 37.72 -34.29
N GLN A 971 1.22 37.66 -32.98
CA GLN A 971 2.00 36.55 -32.43
C GLN A 971 1.19 35.28 -32.61
N PRO A 972 1.60 34.39 -33.51
CA PRO A 972 0.77 33.21 -33.80
C PRO A 972 0.73 32.26 -32.61
N GLU A 973 -0.37 31.53 -32.52
CA GLU A 973 -0.56 30.58 -31.42
C GLU A 973 -0.24 29.15 -31.80
N ARG A 974 -0.26 28.81 -33.09
CA ARG A 974 -0.04 27.42 -33.49
C ARG A 974 1.44 27.14 -33.75
N PHE A 975 2.03 27.84 -34.72
CA PHE A 975 3.46 27.70 -35.02
C PHE A 975 4.14 28.94 -34.45
N ASN A 976 4.48 28.89 -33.16
CA ASN A 976 5.08 30.02 -32.48
C ASN A 976 6.56 29.84 -32.17
N ARG A 977 7.12 28.67 -32.42
CA ARG A 977 8.55 28.43 -32.21
C ARG A 977 9.34 28.49 -33.51
N LEU A 978 8.70 28.76 -34.63
CA LEU A 978 9.38 29.03 -35.89
C LEU A 978 9.32 30.50 -36.26
N TYR A 979 9.00 31.36 -35.31
CA TYR A 979 8.91 32.80 -35.53
C TYR A 979 9.60 33.53 -34.39
N LEU A 980 10.21 34.67 -34.70
CA LEU A 980 10.73 35.59 -33.71
C LEU A 980 10.53 37.01 -34.21
N GLN A 981 10.12 37.90 -33.31
CA GLN A 981 9.78 39.27 -33.67
C GLN A 981 10.98 40.19 -33.48
N SER A 982 11.01 41.25 -34.29
CA SER A 982 12.19 42.08 -34.46
C SER A 982 11.96 43.50 -33.97
N MET A 983 13.05 44.21 -33.69
CA MET A 983 12.95 45.65 -33.54
C MET A 983 12.78 46.32 -34.88
N THR A 984 13.22 45.67 -35.95
CA THR A 984 12.93 46.09 -37.31
C THR A 984 11.53 45.60 -37.69
N LYS A 985 11.18 45.68 -38.96
CA LYS A 985 9.88 45.21 -39.41
C LYS A 985 10.02 44.62 -40.80
N GLY A 986 9.48 43.42 -40.98
CA GLY A 986 9.57 42.70 -42.24
C GLY A 986 10.81 41.86 -42.41
N TYR A 987 11.84 42.06 -41.58
CA TYR A 987 13.10 41.33 -41.70
C TYR A 987 13.92 41.62 -40.44
N TYR A 988 15.12 41.06 -40.41
CA TYR A 988 16.06 41.30 -39.32
C TYR A 988 17.42 40.73 -39.72
N ARG A 989 18.36 40.80 -38.80
CA ARG A 989 19.72 40.30 -39.01
C ARG A 989 20.15 39.47 -37.81
N TYR A 990 20.99 38.47 -38.07
CA TYR A 990 21.47 37.57 -37.03
C TYR A 990 22.95 37.32 -37.23
N GLN A 991 23.55 36.59 -36.30
CA GLN A 991 24.94 36.18 -36.38
C GLN A 991 25.12 34.89 -35.61
N GLY A 992 25.42 33.81 -36.31
CA GLY A 992 25.62 32.51 -35.68
C GLY A 992 25.54 31.36 -36.65
N ASN A 993 26.28 30.29 -36.39
CA ASN A 993 26.31 29.15 -37.30
C ASN A 993 25.11 28.23 -37.06
N LEU A 994 24.40 27.88 -38.13
CA LEU A 994 23.22 27.06 -38.02
C LEU A 994 23.51 25.63 -37.63
N ASP A 995 24.74 25.16 -37.82
CA ASP A 995 25.11 23.78 -37.51
C ASP A 995 25.88 23.66 -36.21
N GLY A 996 26.04 24.75 -35.46
CA GLY A 996 26.81 24.71 -34.23
C GLY A 996 25.98 24.76 -32.97
N ASP A 997 26.38 25.63 -32.04
CA ASP A 997 25.72 25.71 -30.74
C ASP A 997 24.61 26.75 -30.79
N PRO A 998 23.36 26.38 -30.46
CA PRO A 998 22.28 27.37 -30.45
C PRO A 998 22.34 28.34 -29.29
N ASN A 999 23.24 28.12 -28.32
CA ASN A 999 23.42 29.04 -27.21
C ASN A 999 24.32 30.21 -27.54
N SER A 1000 25.04 30.15 -28.66
CA SER A 1000 26.00 31.18 -29.03
C SER A 1000 25.47 32.12 -30.11
N PHE A 1001 24.15 32.13 -30.34
CA PHE A 1001 23.58 32.97 -31.38
C PHE A 1001 23.39 34.39 -30.88
N GLU A 1002 23.67 35.35 -31.74
CA GLU A 1002 23.26 36.74 -31.55
C GLU A 1002 22.22 37.12 -32.60
N PHE A 1003 21.68 38.31 -32.44
CA PHE A 1003 20.44 38.68 -33.13
C PHE A 1003 20.48 40.18 -33.41
N PHE A 1004 19.29 40.77 -33.52
CA PHE A 1004 19.10 42.17 -33.85
C PHE A 1004 20.13 43.05 -33.15
N ASP A 1005 20.84 43.85 -33.95
CA ASP A 1005 21.91 44.72 -33.40
C ASP A 1005 22.99 43.86 -32.72
N ARG A 1006 23.90 44.50 -32.00
CA ARG A 1006 25.06 43.82 -31.41
C ARG A 1006 25.99 43.30 -32.50
N VAL A 1007 25.52 43.38 -33.75
CA VAL A 1007 26.20 42.88 -34.95
C VAL A 1007 25.61 43.60 -36.15
N PRO A 1008 25.96 44.87 -36.38
CA PRO A 1008 25.39 45.58 -37.54
C PRO A 1008 25.66 44.88 -38.87
N TYR A 1009 26.80 44.21 -38.99
CA TYR A 1009 27.15 43.44 -40.18
C TYR A 1009 26.97 41.96 -39.84
N GLY A 1010 25.89 41.37 -40.34
CA GLY A 1010 25.62 39.97 -40.08
C GLY A 1010 24.79 39.38 -41.21
N ASP A 1011 24.22 38.21 -40.93
CA ASP A 1011 23.39 37.54 -41.92
C ASP A 1011 21.97 38.08 -41.87
N MET A 1012 21.51 38.63 -42.98
CA MET A 1012 20.19 39.24 -43.06
C MET A 1012 19.19 38.19 -43.53
N VAL A 1013 17.98 38.25 -42.96
CA VAL A 1013 16.96 37.25 -43.22
C VAL A 1013 15.81 37.92 -43.95
N SER A 1014 16.13 38.93 -44.76
CA SER A 1014 15.13 39.62 -45.55
C SER A 1014 14.70 38.78 -46.75
N GLU A 1015 13.57 39.17 -47.33
CA GLU A 1015 13.09 38.49 -48.53
C GLU A 1015 14.04 38.71 -49.70
N GLU A 1016 14.69 39.87 -49.76
CA GLU A 1016 15.61 40.17 -50.84
C GLU A 1016 16.90 39.35 -50.78
N ASP A 1017 17.15 38.66 -49.66
CA ASP A 1017 18.34 37.84 -49.54
C ASP A 1017 18.14 36.45 -50.13
N CYS A 1018 16.94 35.89 -49.98
CA CYS A 1018 16.66 34.55 -50.52
C CYS A 1018 16.40 34.55 -52.02
N SER A 1019 16.42 35.72 -52.66
CA SER A 1019 16.25 35.87 -54.10
C SER A 1019 14.86 35.44 -54.57
N LEU A 1020 13.85 35.56 -53.70
CA LEU A 1020 12.48 35.36 -54.16
C LEU A 1020 12.07 36.40 -55.19
N ALA A 1021 12.72 37.57 -55.20
CA ALA A 1021 12.43 38.57 -56.21
C ALA A 1021 12.80 38.07 -57.60
N THR A 1022 13.93 37.37 -57.72
CA THR A 1022 14.32 36.81 -59.01
C THR A 1022 13.50 35.58 -59.36
N LEU A 1023 13.00 34.84 -58.37
CA LEU A 1023 12.18 33.67 -58.65
C LEU A 1023 10.78 34.03 -59.11
N VAL A 1024 10.38 35.30 -58.99
CA VAL A 1024 9.06 35.72 -59.43
C VAL A 1024 9.08 36.59 -60.68
N GLN A 1025 10.25 37.05 -61.11
CA GLN A 1025 10.33 37.79 -62.36
C GLN A 1025 9.93 36.90 -63.54
N ASN A 1026 10.28 35.62 -63.48
CA ASN A 1026 9.89 34.66 -64.50
C ASN A 1026 8.57 34.02 -64.09
N GLN A 1027 7.53 34.25 -64.89
CA GLN A 1027 6.22 33.69 -64.58
C GLN A 1027 6.12 32.24 -65.06
N TYR A 1028 7.10 31.43 -64.67
CA TYR A 1028 7.07 29.99 -64.92
C TYR A 1028 6.68 29.20 -63.67
N VAL A 1029 7.08 29.70 -62.50
CA VAL A 1029 6.62 29.15 -61.24
C VAL A 1029 5.51 30.02 -60.63
N ARG A 1030 5.43 31.29 -61.00
CA ARG A 1030 4.40 32.19 -60.51
C ARG A 1030 2.98 31.64 -60.67
N PRO A 1031 2.55 31.13 -61.83
CA PRO A 1031 1.22 30.50 -61.87
C PRO A 1031 1.09 29.31 -60.95
N TRP A 1032 2.18 28.58 -60.72
CA TRP A 1032 2.16 27.50 -59.73
C TRP A 1032 2.19 28.05 -58.31
N PHE A 1033 3.02 29.07 -58.08
CA PHE A 1033 3.26 29.56 -56.72
C PHE A 1033 2.03 30.24 -56.12
N GLU A 1034 1.30 31.01 -56.93
CA GLU A 1034 0.18 31.79 -56.41
C GLU A 1034 -1.12 31.02 -56.32
N ARG A 1035 -1.22 29.82 -56.90
CA ARG A 1035 -2.46 29.07 -56.80
C ARG A 1035 -2.45 28.09 -55.64
N LYS A 1036 -1.27 27.61 -55.24
CA LYS A 1036 -1.16 26.78 -54.04
C LYS A 1036 -1.01 27.63 -52.78
N GLY A 1037 -0.88 28.94 -52.92
CA GLY A 1037 -0.91 29.86 -51.80
C GLY A 1037 0.44 30.37 -51.35
N PHE A 1038 1.53 29.75 -51.79
CA PHE A 1038 2.85 30.15 -51.31
C PHE A 1038 3.14 31.60 -51.69
N ALA A 1039 3.56 32.38 -50.70
CA ALA A 1039 3.74 33.81 -50.91
C ALA A 1039 4.86 34.09 -51.89
N CYS A 1040 4.66 35.12 -52.72
CA CYS A 1040 5.69 35.60 -53.63
C CYS A 1040 6.45 36.80 -53.07
N SER A 1041 5.79 37.61 -52.24
CA SER A 1041 6.41 38.76 -51.59
C SER A 1041 6.14 38.66 -50.10
N TRP A 1042 7.16 38.99 -49.30
CA TRP A 1042 6.99 38.98 -47.86
C TRP A 1042 6.24 40.23 -47.40
N GLN A 1043 5.33 40.06 -46.45
CA GLN A 1043 4.70 41.21 -45.83
C GLN A 1043 5.70 41.94 -44.96
N LYS A 1044 5.32 43.15 -44.55
CA LYS A 1044 6.19 44.03 -43.76
C LYS A 1044 5.82 44.03 -42.29
N GLU A 1045 5.45 42.86 -41.75
CA GLU A 1045 5.07 42.73 -40.37
C GLU A 1045 6.28 42.37 -39.50
N ALA A 1046 6.04 42.26 -38.19
CA ALA A 1046 7.14 42.22 -37.23
C ALA A 1046 7.62 40.81 -36.95
N ASN A 1047 6.72 39.82 -36.98
CA ASN A 1047 7.10 38.46 -36.67
C ASN A 1047 7.79 37.82 -37.87
N VAL A 1048 9.07 37.46 -37.71
CA VAL A 1048 9.87 36.92 -38.79
C VAL A 1048 10.36 35.53 -38.40
N MET A 1049 10.62 34.72 -39.42
CA MET A 1049 11.04 33.33 -39.21
C MET A 1049 12.40 33.27 -38.53
N THR A 1050 12.56 32.28 -37.65
CA THR A 1050 13.83 32.06 -37.00
C THR A 1050 14.86 31.55 -38.02
N PRO A 1051 16.15 31.85 -37.83
CA PRO A 1051 17.14 31.50 -38.86
C PRO A 1051 17.23 30.02 -39.17
N ILE A 1052 17.10 29.15 -38.17
CA ILE A 1052 17.21 27.71 -38.43
C ILE A 1052 16.01 27.24 -39.25
N MET A 1053 14.85 27.85 -39.04
CA MET A 1053 13.67 27.49 -39.83
C MET A 1053 13.61 28.28 -41.13
N PHE A 1054 14.57 29.17 -41.37
CA PHE A 1054 14.68 29.85 -42.65
C PHE A 1054 15.73 29.19 -43.53
N THR A 1055 16.96 29.09 -43.02
CA THR A 1055 18.06 28.55 -43.81
C THR A 1055 17.87 27.05 -44.07
N ASN A 1056 17.52 26.28 -43.05
CA ASN A 1056 17.52 24.83 -43.17
C ASN A 1056 16.22 24.25 -43.70
N ILE A 1057 15.14 25.04 -43.75
CA ILE A 1057 13.88 24.51 -44.26
C ILE A 1057 13.38 25.36 -45.42
N TYR A 1058 13.26 26.68 -45.21
CA TYR A 1058 12.63 27.54 -46.20
C TYR A 1058 13.40 27.54 -47.51
N LYS A 1059 14.73 27.64 -47.45
CA LYS A 1059 15.53 27.55 -48.66
C LYS A 1059 15.39 26.17 -49.30
N GLY A 1060 15.34 25.12 -48.47
CA GLY A 1060 15.06 23.80 -49.00
C GLY A 1060 13.66 23.65 -49.54
N ALA A 1061 12.70 24.33 -48.91
CA ALA A 1061 11.30 24.20 -49.33
C ALA A 1061 11.05 24.95 -50.64
N LEU A 1062 11.70 26.10 -50.82
CA LEU A 1062 11.50 26.87 -52.05
C LEU A 1062 12.00 26.09 -53.26
N GLY A 1063 13.08 25.33 -53.11
CA GLY A 1063 13.59 24.55 -54.21
C GLY A 1063 12.62 23.49 -54.69
N GLU A 1064 12.00 22.76 -53.76
CA GLU A 1064 11.10 21.68 -54.14
C GLU A 1064 9.92 22.20 -54.94
N GLN A 1065 9.33 23.33 -54.54
CA GLN A 1065 8.19 23.86 -55.26
C GLN A 1065 8.60 24.51 -56.57
N ALA A 1066 9.74 25.22 -56.59
CA ALA A 1066 10.15 25.93 -57.79
C ALA A 1066 10.65 24.95 -58.86
N VAL A 1067 11.48 23.98 -58.46
CA VAL A 1067 12.02 23.03 -59.42
C VAL A 1067 10.90 22.20 -60.05
N GLU A 1068 9.99 21.70 -59.21
CA GLU A 1068 8.97 20.79 -59.72
C GLU A 1068 7.87 21.53 -60.48
N ALA A 1069 7.73 22.84 -60.26
CA ALA A 1069 6.73 23.61 -60.99
C ALA A 1069 7.10 23.74 -62.46
N VAL A 1070 8.35 24.11 -62.75
CA VAL A 1070 8.76 24.25 -64.15
C VAL A 1070 8.79 22.89 -64.83
N LEU A 1071 9.17 21.84 -64.09
CA LEU A 1071 9.17 20.50 -64.66
C LEU A 1071 7.76 19.96 -64.87
N THR A 1072 6.75 20.57 -64.22
CA THR A 1072 5.38 20.11 -64.40
C THR A 1072 4.86 20.45 -65.80
N ALA A 1073 5.09 21.68 -66.26
CA ALA A 1073 4.57 22.10 -67.55
C ALA A 1073 5.28 21.41 -68.70
N PHE A 1074 6.40 20.72 -68.42
CA PHE A 1074 7.13 19.99 -69.44
C PHE A 1074 6.91 18.48 -69.35
N ASP A 1075 5.74 18.05 -68.87
CA ASP A 1075 5.31 16.66 -68.92
C ASP A 1075 6.24 15.74 -68.13
N PHE A 1076 6.32 15.98 -66.84
CA PHE A 1076 7.08 15.13 -65.93
C PHE A 1076 6.20 14.62 -64.79
N THR A 1077 6.58 13.49 -64.22
CA THR A 1077 5.85 12.87 -63.13
C THR A 1077 6.50 13.19 -61.80
N PHE A 1078 5.68 13.45 -60.80
CA PHE A 1078 6.13 13.67 -59.43
C PHE A 1078 5.27 12.84 -58.50
N GLU A 1079 5.89 11.88 -57.81
CA GLU A 1079 5.18 10.96 -56.94
C GLU A 1079 5.81 10.99 -55.56
N GLU A 1080 4.98 10.71 -54.55
CA GLU A 1080 5.44 10.74 -53.17
C GLU A 1080 6.53 9.70 -52.95
N VAL A 1081 7.63 10.12 -52.36
CA VAL A 1081 8.67 9.16 -51.97
C VAL A 1081 8.10 8.22 -50.92
N PRO A 1082 8.35 6.91 -51.00
CA PRO A 1082 7.71 5.98 -50.07
C PRO A 1082 8.18 6.19 -48.64
N ASN A 1083 7.35 5.73 -47.70
CA ASN A 1083 7.66 5.87 -46.28
C ASN A 1083 8.95 5.17 -45.89
N SER A 1084 9.42 4.23 -46.71
CA SER A 1084 10.69 3.58 -46.44
C SER A 1084 11.86 4.56 -46.53
N ILE A 1085 11.91 5.34 -47.62
CA ILE A 1085 13.05 6.20 -47.90
C ILE A 1085 12.63 7.66 -47.87
N TYR A 1086 11.69 8.00 -46.99
CA TYR A 1086 11.24 9.37 -46.89
C TYR A 1086 12.38 10.29 -46.48
N GLU A 1087 12.36 11.50 -47.02
CA GLU A 1087 13.29 12.59 -46.69
C GLU A 1087 14.68 12.37 -47.28
N ARG A 1088 14.92 11.20 -47.88
CA ARG A 1088 16.16 11.00 -48.60
C ARG A 1088 16.10 11.61 -49.99
N PHE A 1089 14.91 11.80 -50.54
CA PHE A 1089 14.72 12.38 -51.86
C PHE A 1089 13.44 13.19 -51.89
N ASP A 1090 13.34 14.06 -52.90
CA ASP A 1090 12.17 14.92 -53.03
C ASP A 1090 10.97 14.17 -53.58
N ASN A 1091 11.10 13.64 -54.80
CA ASN A 1091 9.98 12.96 -55.45
C ASN A 1091 10.52 11.99 -56.49
N ARG A 1092 9.65 11.08 -56.93
CA ARG A 1092 9.97 10.12 -57.97
C ARG A 1092 9.44 10.61 -59.30
N VAL A 1093 10.25 10.45 -60.35
CA VAL A 1093 9.93 10.88 -61.70
C VAL A 1093 9.73 9.66 -62.58
N ILE A 1094 8.71 9.71 -63.43
CA ILE A 1094 8.43 8.66 -64.42
C ILE A 1094 8.09 9.36 -65.72
N PHE A 1095 9.03 9.40 -66.66
CA PHE A 1095 8.86 10.10 -67.92
C PHE A 1095 9.36 9.23 -69.07
N ALA A 1096 8.87 9.53 -70.27
CA ALA A 1096 9.27 8.88 -71.52
C ALA A 1096 8.84 7.42 -71.57
N GLY A 1097 7.83 7.06 -70.78
CA GLY A 1097 7.35 5.69 -70.76
C GLY A 1097 8.33 4.69 -70.20
N ILE A 1098 9.33 5.14 -69.46
CA ILE A 1098 10.30 4.25 -68.83
C ILE A 1098 9.76 3.85 -67.47
N GLU A 1099 9.36 2.58 -67.35
CA GLU A 1099 8.77 2.10 -66.11
C GLU A 1099 9.76 2.06 -64.95
N GLN A 1100 11.06 2.14 -65.23
CA GLN A 1100 12.06 2.12 -64.17
C GLN A 1100 11.95 3.38 -63.33
N PRO A 1101 12.15 3.29 -62.01
CA PRO A 1101 12.03 4.48 -61.16
C PRO A 1101 13.11 5.51 -61.44
N ILE A 1102 12.70 6.77 -61.53
CA ILE A 1102 13.60 7.90 -61.67
C ILE A 1102 13.31 8.88 -60.55
N TRP A 1103 14.36 9.49 -60.02
CA TRP A 1103 14.30 10.28 -58.79
C TRP A 1103 14.46 11.76 -59.10
N LEU A 1104 14.47 12.56 -58.03
CA LEU A 1104 14.48 14.02 -58.15
C LEU A 1104 15.00 14.60 -56.84
N ASP A 1105 16.08 15.37 -56.90
CA ASP A 1105 16.64 16.05 -55.75
C ASP A 1105 16.68 17.54 -56.06
N SER A 1106 16.01 18.35 -55.23
CA SER A 1106 15.76 19.75 -55.54
C SER A 1106 16.21 20.65 -54.40
N LYS A 1107 17.08 21.62 -54.70
CA LYS A 1107 17.38 22.75 -53.84
C LYS A 1107 17.36 23.99 -54.73
N TYR A 1108 16.95 25.14 -54.15
CA TYR A 1108 16.73 26.27 -55.04
C TYR A 1108 18.02 26.95 -55.46
N TRP A 1109 19.14 26.64 -54.81
CA TRP A 1109 20.46 27.10 -55.24
C TRP A 1109 21.51 26.26 -54.52
N LYS A 1110 22.74 26.35 -55.03
CA LYS A 1110 23.88 25.61 -54.48
C LYS A 1110 24.88 26.61 -53.91
N HIS A 1111 24.97 26.66 -52.58
CA HIS A 1111 26.00 27.43 -51.89
C HIS A 1111 26.95 26.53 -51.11
N GLU A 1112 26.43 25.74 -50.18
CA GLU A 1112 27.21 24.76 -49.42
C GLU A 1112 26.29 23.59 -49.11
N GLY A 1113 26.42 22.52 -49.89
CA GLY A 1113 25.55 21.36 -49.75
C GLY A 1113 26.35 20.12 -49.36
N ASN A 1114 25.69 19.24 -48.61
CA ASN A 1114 26.29 17.96 -48.21
C ASN A 1114 26.14 16.96 -49.35
N GLU A 1115 26.84 17.26 -50.44
CA GLU A 1115 26.83 16.43 -51.64
C GLU A 1115 28.18 15.75 -51.84
N SER A 1116 28.83 15.39 -50.73
CA SER A 1116 30.11 14.72 -50.79
C SER A 1116 29.94 13.29 -51.29
N SER A 1117 31.07 12.65 -51.61
CA SER A 1117 31.03 11.31 -52.20
C SER A 1117 30.36 10.30 -51.28
N GLU A 1118 30.67 10.35 -49.98
CA GLU A 1118 30.08 9.40 -49.05
C GLU A 1118 28.59 9.68 -48.85
N GLY A 1119 28.24 10.95 -48.63
CA GLY A 1119 26.83 11.29 -48.46
C GLY A 1119 26.01 11.03 -49.70
N TYR A 1120 26.57 11.31 -50.88
CA TYR A 1120 25.87 11.04 -52.12
C TYR A 1120 25.70 9.54 -52.34
N SER A 1121 26.78 8.78 -52.18
CA SER A 1121 26.74 7.35 -52.50
C SER A 1121 25.78 6.59 -51.59
N SER A 1122 25.75 6.92 -50.30
CA SER A 1122 24.79 6.29 -49.39
C SER A 1122 23.36 6.56 -49.85
N LYS A 1123 23.11 7.75 -50.38
CA LYS A 1123 21.77 8.08 -50.86
C LYS A 1123 21.40 7.22 -52.07
N ILE A 1124 22.39 6.81 -52.86
CA ILE A 1124 22.16 5.87 -53.96
C ILE A 1124 21.81 4.49 -53.42
N ALA A 1125 22.57 4.02 -52.42
CA ALA A 1125 22.50 2.62 -52.03
C ALA A 1125 21.15 2.26 -51.43
N LEU A 1126 20.54 3.19 -50.69
CA LEU A 1126 19.26 2.89 -50.04
C LEU A 1126 18.16 2.61 -51.06
N VAL A 1127 18.15 3.34 -52.17
CA VAL A 1127 17.20 3.03 -53.24
C VAL A 1127 17.60 1.76 -53.97
N GLU A 1128 18.87 1.68 -54.39
CA GLU A 1128 19.31 0.57 -55.21
C GLU A 1128 19.29 -0.76 -54.47
N GLU A 1129 19.26 -0.74 -53.14
CA GLU A 1129 19.15 -1.98 -52.38
C GLU A 1129 17.82 -2.66 -52.63
N GLU A 1130 16.74 -1.88 -52.72
CA GLU A 1130 15.40 -2.42 -52.95
C GLU A 1130 14.86 -2.14 -54.35
N PHE A 1131 15.10 -0.95 -54.89
CA PHE A 1131 14.57 -0.59 -56.20
C PHE A 1131 15.47 -1.02 -57.36
N GLY A 1132 16.59 -1.68 -57.08
CA GLY A 1132 17.46 -2.14 -58.13
C GLY A 1132 18.10 -1.02 -58.91
N PRO A 1133 17.87 -0.98 -60.22
CA PRO A 1133 18.40 0.10 -61.04
C PRO A 1133 17.50 1.32 -61.26
N SER A 1134 18.05 2.49 -60.92
CA SER A 1134 17.28 3.71 -60.98
C SER A 1134 18.16 4.85 -61.47
N LYS A 1135 17.51 5.89 -61.97
CA LYS A 1135 18.17 7.09 -62.45
C LYS A 1135 17.96 8.23 -61.46
N PHE A 1136 18.87 9.19 -61.48
CA PHE A 1136 18.95 10.22 -60.46
C PHE A 1136 19.03 11.59 -61.12
N ILE A 1137 18.09 12.46 -60.77
CA ILE A 1137 18.03 13.82 -61.30
C ILE A 1137 18.26 14.77 -60.14
N TYR A 1138 19.29 15.60 -60.26
CA TYR A 1138 19.62 16.59 -59.25
C TYR A 1138 19.67 17.96 -59.90
N VAL A 1139 18.98 18.93 -59.29
CA VAL A 1139 18.77 20.24 -59.88
C VAL A 1139 19.00 21.31 -58.82
N ASN A 1140 19.26 22.54 -59.28
CA ASN A 1140 19.58 23.63 -58.37
C ASN A 1140 18.78 24.90 -58.64
N ALA A 1141 17.73 24.78 -59.44
CA ALA A 1141 16.87 25.94 -59.77
C ALA A 1141 17.84 27.11 -59.98
N LEU A 1142 17.76 28.15 -59.16
CA LEU A 1142 18.60 29.31 -59.33
C LEU A 1142 20.08 29.04 -59.55
N GLY A 1143 20.73 29.96 -60.27
CA GLY A 1143 22.11 29.79 -60.68
C GLY A 1143 22.37 30.52 -61.97
N ASP A 1144 22.88 29.81 -62.98
CA ASP A 1144 23.07 30.37 -64.31
C ASP A 1144 22.50 29.40 -65.33
N THR A 1145 21.73 29.92 -66.28
CA THR A 1145 21.19 29.09 -67.36
C THR A 1145 22.30 28.55 -68.24
N SER A 1146 23.30 29.38 -68.55
CA SER A 1146 24.41 29.00 -69.40
C SER A 1146 25.45 28.15 -68.68
N LYS A 1147 25.22 27.81 -67.42
CA LYS A 1147 26.15 26.97 -66.68
C LYS A 1147 26.23 25.60 -67.32
N PRO A 1148 27.42 25.08 -67.61
CA PRO A 1148 27.53 23.75 -68.22
C PRO A 1148 27.11 22.66 -67.26
N ILE A 1149 26.78 21.50 -67.85
CA ILE A 1149 26.25 20.35 -67.12
C ILE A 1149 27.33 19.30 -67.00
N ARG A 1150 27.43 18.68 -65.83
CA ARG A 1150 28.41 17.63 -65.58
C ARG A 1150 27.79 16.25 -65.81
N TYR A 1151 28.60 15.21 -65.66
CA TYR A 1151 28.20 13.84 -65.94
C TYR A 1151 28.70 12.90 -64.85
N LEU A 1152 28.43 13.25 -63.59
CA LEU A 1152 28.88 12.44 -62.47
C LEU A 1152 28.34 11.01 -62.58
N ASN A 1153 29.10 10.07 -62.01
CA ASN A 1153 28.71 8.66 -62.00
C ASN A 1153 27.91 8.35 -60.74
N SER A 1154 27.72 7.07 -60.46
CA SER A 1154 27.04 6.66 -59.24
C SER A 1154 27.84 7.09 -58.00
N CYS A 1155 29.16 6.98 -58.08
CA CYS A 1155 30.04 7.36 -56.99
C CYS A 1155 30.42 8.85 -57.01
N PHE A 1156 29.61 9.66 -57.71
CA PHE A 1156 29.81 11.11 -57.76
C PHE A 1156 31.18 11.47 -58.36
N VAL A 1157 31.47 10.88 -59.51
CA VAL A 1157 32.68 11.17 -60.27
C VAL A 1157 32.29 11.35 -61.74
N GLU A 1158 32.78 12.41 -62.37
CA GLU A 1158 32.45 12.68 -63.77
C GLU A 1158 32.99 11.57 -64.66
N THR A 1159 32.18 11.17 -65.65
CA THR A 1159 32.52 10.07 -66.53
C THR A 1159 31.79 10.27 -67.86
N SER A 1160 31.75 9.22 -68.67
CA SER A 1160 31.07 9.29 -69.95
C SER A 1160 29.57 9.50 -69.73
N PRO A 1161 28.93 10.36 -70.52
CA PRO A 1161 27.51 10.67 -70.26
C PRO A 1161 26.58 9.46 -70.31
N GLN A 1162 26.81 8.53 -71.24
CA GLN A 1162 25.91 7.39 -71.37
C GLN A 1162 26.05 6.44 -70.19
N LEU A 1163 27.25 6.29 -69.65
CA LEU A 1163 27.47 5.48 -68.45
C LEU A 1163 27.33 6.29 -67.18
N ALA A 1164 27.15 7.60 -67.27
CA ALA A 1164 26.99 8.43 -66.08
C ALA A 1164 25.64 8.13 -65.41
N LYS A 1165 25.66 8.12 -64.08
CA LYS A 1165 24.44 7.89 -63.31
C LYS A 1165 23.88 9.15 -62.69
N VAL A 1166 24.57 10.29 -62.82
CA VAL A 1166 24.12 11.56 -62.27
C VAL A 1166 24.28 12.63 -63.34
N ILE A 1167 23.20 13.36 -63.62
CA ILE A 1167 23.26 14.41 -64.62
C ILE A 1167 23.67 15.75 -64.02
N GLU A 1168 23.25 16.04 -62.79
CA GLU A 1168 23.67 17.23 -62.05
C GLU A 1168 23.40 18.51 -62.86
N ILE A 1169 22.12 18.77 -63.08
CA ILE A 1169 21.72 20.00 -63.77
C ILE A 1169 22.20 21.18 -62.94
N PRO A 1170 22.95 22.11 -63.52
CA PRO A 1170 23.53 23.18 -62.69
C PRO A 1170 22.52 24.17 -62.17
N ALA A 1171 21.50 24.50 -62.97
CA ALA A 1171 20.48 25.46 -62.57
C ALA A 1171 19.31 25.34 -63.54
N LEU A 1172 18.18 25.89 -63.14
CA LEU A 1172 16.99 25.96 -63.98
C LEU A 1172 16.61 27.38 -64.38
N ILE A 1173 16.93 28.37 -63.56
CA ILE A 1173 16.68 29.78 -63.87
C ILE A 1173 17.92 30.57 -63.48
N ASP A 1174 18.37 31.44 -64.39
CA ASP A 1174 19.54 32.27 -64.11
C ASP A 1174 19.14 33.47 -63.27
N ASP A 1175 20.14 34.12 -62.68
CA ASP A 1175 19.93 35.29 -61.84
C ASP A 1175 20.07 36.60 -62.59
N SER A 1176 20.59 36.57 -63.82
CA SER A 1176 20.80 37.83 -64.55
C SER A 1176 19.48 38.52 -64.86
N ASN A 1177 18.54 37.79 -65.47
CA ASN A 1177 17.25 38.37 -65.80
C ASN A 1177 16.10 37.39 -65.57
N ALA A 1178 16.33 36.33 -64.79
CA ALA A 1178 15.31 35.33 -64.46
C ALA A 1178 14.72 34.71 -65.74
N ASP A 1179 15.59 34.01 -66.46
CA ASP A 1179 15.20 33.30 -67.67
C ASP A 1179 15.26 31.80 -67.43
N THR A 1180 14.37 31.07 -68.09
CA THR A 1180 14.33 29.62 -67.97
C THR A 1180 15.46 28.98 -68.77
N ASN A 1181 16.00 27.88 -68.23
CA ASN A 1181 17.09 27.15 -68.87
C ASN A 1181 16.48 26.06 -69.75
N ARG A 1182 15.99 26.48 -70.91
CA ARG A 1182 15.32 25.56 -71.83
C ARG A 1182 16.28 24.49 -72.35
N THR A 1183 17.50 24.90 -72.73
CA THR A 1183 18.42 23.96 -73.37
C THR A 1183 18.75 22.79 -72.44
N ALA A 1184 18.94 23.05 -71.15
CA ALA A 1184 19.23 21.99 -70.20
C ALA A 1184 18.07 21.01 -70.09
N VAL A 1185 16.83 21.53 -70.10
CA VAL A 1185 15.67 20.66 -69.99
C VAL A 1185 15.57 19.74 -71.21
N GLN A 1186 15.76 20.29 -72.41
CA GLN A 1186 15.72 19.45 -73.60
C GLN A 1186 16.83 18.41 -73.59
N GLU A 1187 18.03 18.81 -73.17
CA GLU A 1187 19.11 17.84 -73.03
C GLU A 1187 18.75 16.76 -72.00
N LEU A 1188 18.02 17.14 -70.95
CA LEU A 1188 17.54 16.17 -69.98
C LEU A 1188 16.52 15.22 -70.60
N ILE A 1189 15.67 15.75 -71.49
CA ILE A 1189 14.67 14.92 -72.15
C ILE A 1189 15.33 13.83 -72.98
N LYS A 1190 16.36 14.20 -73.75
CA LYS A 1190 17.09 13.21 -74.53
C LYS A 1190 17.90 12.27 -73.63
N TRP A 1191 18.39 12.78 -72.50
CA TRP A 1191 19.18 11.93 -71.60
C TRP A 1191 18.34 10.80 -71.04
N LEU A 1192 17.11 11.11 -70.60
CA LEU A 1192 16.24 10.07 -70.06
C LEU A 1192 15.87 9.04 -71.13
N HIS A 1193 15.56 9.49 -72.33
CA HIS A 1193 15.12 8.59 -73.39
C HIS A 1193 16.18 7.56 -73.77
N HIS A 1194 17.44 7.81 -73.45
CA HIS A 1194 18.49 6.83 -73.71
C HIS A 1194 18.24 5.54 -72.92
N SER A 1195 17.82 5.68 -71.67
CA SER A 1195 17.49 4.54 -70.79
C SER A 1195 18.57 3.46 -70.81
N MET B 6 28.59 0.03 31.60
CA MET B 6 29.79 -0.76 31.79
C MET B 6 29.50 -2.24 31.63
N ASN B 7 29.69 -2.76 30.42
CA ASN B 7 29.47 -4.17 30.17
C ASN B 7 30.54 -5.00 30.88
N VAL B 8 30.15 -6.23 31.24
CA VAL B 8 30.96 -7.09 32.09
C VAL B 8 31.49 -8.24 31.24
N SER B 9 32.79 -8.50 31.34
CA SER B 9 33.45 -9.55 30.56
C SER B 9 33.27 -10.91 31.23
N ILE B 10 33.95 -11.92 30.68
CA ILE B 10 33.81 -13.29 31.13
C ILE B 10 34.94 -13.68 32.09
N GLU B 11 35.81 -12.74 32.45
CA GLU B 11 37.00 -13.07 33.22
C GLU B 11 36.68 -13.69 34.57
N GLU B 12 35.50 -13.40 35.12
CA GLU B 12 35.14 -13.96 36.42
C GLU B 12 34.78 -15.45 36.32
N PHE B 13 34.27 -15.88 35.16
CA PHE B 13 33.94 -17.28 34.98
C PHE B 13 35.16 -18.16 34.74
N THR B 14 36.33 -17.56 34.51
CA THR B 14 37.54 -18.36 34.35
C THR B 14 37.92 -19.06 35.65
N HIS B 15 37.53 -18.51 36.79
CA HIS B 15 37.74 -19.13 38.08
C HIS B 15 36.53 -19.94 38.55
N PHE B 16 35.49 -20.03 37.72
CA PHE B 16 34.28 -20.75 38.11
C PHE B 16 34.55 -22.25 38.24
N ASP B 17 33.95 -22.86 39.25
CA ASP B 17 34.03 -24.31 39.46
C ASP B 17 32.80 -24.94 38.83
N PHE B 18 32.89 -25.21 37.52
CA PHE B 18 31.78 -25.81 36.80
C PHE B 18 31.48 -27.22 37.29
N GLN B 19 32.46 -27.90 37.91
CA GLN B 19 32.19 -29.20 38.51
C GLN B 19 31.14 -29.09 39.61
N LEU B 20 31.21 -28.03 40.41
CA LEU B 20 30.20 -27.79 41.42
C LEU B 20 28.85 -27.57 40.77
N VAL B 21 27.82 -28.23 41.30
CA VAL B 21 26.48 -28.18 40.70
C VAL B 21 25.45 -28.09 41.81
N PRO B 22 24.34 -27.38 41.55
CA PRO B 22 23.22 -27.45 42.48
C PRO B 22 22.66 -28.86 42.56
N GLU B 23 22.18 -29.22 43.74
CA GLU B 23 21.71 -30.58 43.97
C GLU B 23 20.48 -30.85 43.10
N PRO B 24 20.48 -31.90 42.29
CA PRO B 24 19.32 -32.17 41.44
C PRO B 24 18.09 -32.57 42.25
N SER B 25 16.95 -32.54 41.58
CA SER B 25 15.66 -32.88 42.15
C SER B 25 15.00 -33.96 41.31
N PRO B 26 14.10 -34.76 41.90
CA PRO B 26 13.37 -35.74 41.08
C PRO B 26 12.63 -35.10 39.91
N LEU B 27 12.17 -33.87 40.08
CA LEU B 27 11.63 -33.13 38.95
C LEU B 27 12.74 -32.64 38.02
N ASP B 28 13.90 -32.28 38.59
CA ASP B 28 15.01 -31.80 37.77
C ASP B 28 15.62 -32.94 36.95
N LEU B 29 15.71 -34.13 37.54
CA LEU B 29 16.30 -35.26 36.82
C LEU B 29 15.47 -35.67 35.61
N VAL B 30 14.15 -35.47 35.68
CA VAL B 30 13.28 -35.89 34.59
C VAL B 30 13.63 -35.17 33.30
N ILE B 31 13.86 -33.85 33.39
CA ILE B 31 14.13 -33.05 32.19
C ILE B 31 15.42 -33.52 31.52
N THR B 32 16.47 -33.75 32.31
CA THR B 32 17.75 -34.14 31.73
C THR B 32 17.77 -35.60 31.30
N GLU B 33 17.08 -36.47 32.04
CA GLU B 33 17.13 -37.90 31.76
C GLU B 33 16.59 -38.21 30.37
N SER B 34 15.47 -37.60 30.00
CA SER B 34 14.87 -37.89 28.70
C SER B 34 15.61 -37.19 27.56
N LEU B 35 16.44 -36.19 27.89
CA LEU B 35 17.13 -35.45 26.84
C LEU B 35 18.50 -36.03 26.53
N LYS B 36 19.21 -36.53 27.54
CA LYS B 36 20.55 -37.07 27.30
C LYS B 36 20.50 -38.28 26.40
N ASN B 37 19.53 -39.18 26.61
CA ASN B 37 19.42 -40.37 25.78
C ASN B 37 19.06 -40.02 24.35
N HIS B 38 18.22 -39.01 24.16
CA HIS B 38 17.83 -38.59 22.81
C HIS B 38 19.03 -38.07 22.04
N ILE B 39 19.91 -37.30 22.69
CA ILE B 39 21.08 -36.75 22.02
C ILE B 39 22.03 -37.85 21.58
N GLU B 40 22.16 -38.91 22.38
CA GLU B 40 23.05 -40.01 22.05
C GLU B 40 22.37 -41.06 21.17
N VAL B 41 21.15 -40.80 20.70
CA VAL B 41 20.43 -41.71 19.82
C VAL B 41 20.07 -41.04 18.50
N ASN B 42 19.36 -39.91 18.57
CA ASN B 42 18.87 -39.24 17.37
C ASN B 42 19.86 -38.25 16.78
N GLY B 43 21.05 -38.14 17.36
CA GLY B 43 22.04 -37.18 16.90
C GLY B 43 22.09 -35.96 17.80
N VAL B 44 22.92 -35.00 17.39
CA VAL B 44 23.14 -33.79 18.15
C VAL B 44 22.26 -32.64 17.68
N LYS B 45 22.11 -32.48 16.37
CA LYS B 45 21.37 -31.36 15.80
C LYS B 45 20.01 -31.77 15.28
N SER B 46 19.39 -32.78 15.91
CA SER B 46 18.10 -33.27 15.41
C SER B 46 16.94 -32.44 15.93
N GLY B 47 16.75 -32.41 17.25
CA GLY B 47 15.61 -31.76 17.86
C GLY B 47 14.73 -32.75 18.60
N ALA B 48 13.81 -32.18 19.38
CA ALA B 48 12.92 -32.98 20.20
C ALA B 48 11.72 -32.13 20.59
N LEU B 49 10.68 -32.80 21.08
CA LEU B 49 9.45 -32.18 21.54
C LEU B 49 9.03 -32.79 22.88
N LEU B 50 9.98 -32.86 23.80
CA LEU B 50 9.75 -33.41 25.13
C LEU B 50 8.67 -32.65 25.89
N PRO B 51 7.51 -33.26 26.14
CA PRO B 51 6.53 -32.64 27.02
C PRO B 51 6.71 -33.10 28.46
N LEU B 52 6.36 -32.27 29.41
CA LEU B 52 6.59 -32.64 30.74
C LEU B 52 5.30 -32.32 31.39
N PRO B 53 4.61 -33.31 31.97
CA PRO B 53 3.35 -33.15 32.69
C PRO B 53 3.64 -32.79 34.13
N PHE B 54 3.85 -31.50 34.45
CA PHE B 54 4.29 -31.07 35.79
C PHE B 54 3.20 -30.41 36.57
N GLN B 55 3.00 -30.77 37.85
CA GLN B 55 1.89 -30.25 38.64
C GLN B 55 2.17 -28.85 39.08
N THR B 56 1.18 -27.98 39.05
CA THR B 56 1.41 -26.55 39.33
C THR B 56 1.43 -26.17 40.79
N GLY B 57 2.54 -26.44 41.43
CA GLY B 57 2.67 -26.16 42.83
C GLY B 57 3.96 -26.81 43.29
N ILE B 58 4.26 -27.98 42.79
CA ILE B 58 5.47 -28.56 43.28
C ILE B 58 6.79 -28.13 42.58
N GLY B 59 6.78 -27.31 41.53
CA GLY B 59 8.04 -26.88 40.92
C GLY B 59 8.14 -26.65 39.42
N LYS B 60 7.09 -26.21 38.75
CA LYS B 60 7.13 -25.91 37.33
C LYS B 60 8.17 -24.82 37.08
N THR B 61 7.97 -23.58 37.52
CA THR B 61 8.95 -22.55 37.37
C THR B 61 10.19 -23.02 37.91
N TYR B 62 10.30 -23.06 39.20
CA TYR B 62 11.57 -23.40 39.70
C TYR B 62 12.34 -24.33 38.81
N THR B 63 11.75 -25.41 38.31
CA THR B 63 12.56 -26.37 37.56
C THR B 63 12.75 -25.86 36.18
N ALA B 64 11.74 -25.24 35.64
CA ALA B 64 11.85 -24.68 34.29
C ALA B 64 12.97 -23.64 34.22
N LEU B 65 12.95 -22.66 35.12
CA LEU B 65 13.96 -21.63 35.10
C LEU B 65 15.33 -22.15 35.53
N ASN B 66 15.36 -23.12 36.44
CA ASN B 66 16.64 -23.72 36.82
C ASN B 66 17.27 -24.44 35.63
N PHE B 67 16.45 -24.95 34.71
CA PHE B 67 16.99 -25.52 33.47
C PHE B 67 17.46 -24.42 32.53
N LEU B 68 16.69 -23.34 32.41
CA LEU B 68 17.10 -22.23 31.55
C LEU B 68 18.40 -21.61 32.04
N LEU B 69 18.54 -21.43 33.36
CA LEU B 69 19.80 -20.93 33.90
C LEU B 69 20.93 -21.92 33.68
N GLN B 70 20.64 -23.22 33.82
CA GLN B 70 21.69 -24.23 33.67
C GLN B 70 22.24 -24.24 32.24
N GLN B 71 21.37 -24.08 31.24
CA GLN B 71 21.85 -24.00 29.87
C GLN B 71 22.61 -22.71 29.63
N MET B 72 22.23 -21.62 30.31
CA MET B 72 22.98 -20.37 30.22
C MET B 72 24.41 -20.57 30.72
N LEU B 73 24.56 -21.25 31.85
CA LEU B 73 25.88 -21.46 32.43
C LEU B 73 26.71 -22.42 31.58
N GLU B 74 26.06 -23.43 30.99
CA GLU B 74 26.79 -24.44 30.23
C GLU B 74 27.43 -23.83 28.98
N GLN B 75 26.68 -23.01 28.25
CA GLN B 75 27.21 -22.41 27.03
C GLN B 75 28.39 -21.49 27.33
N VAL B 76 28.32 -20.77 28.45
CA VAL B 76 29.39 -19.82 28.79
C VAL B 76 30.71 -20.56 28.95
N ARG B 77 30.68 -21.77 29.52
CA ARG B 77 31.90 -22.56 29.62
C ARG B 77 32.46 -22.88 28.24
N SER B 78 31.60 -23.30 27.31
CA SER B 78 32.05 -23.59 25.96
C SER B 78 32.60 -22.34 25.28
N GLU B 79 31.90 -21.21 25.44
CA GLU B 79 32.40 -19.95 24.90
C GLU B 79 33.71 -19.55 25.56
N LEU B 80 33.83 -19.78 26.86
CA LEU B 80 35.08 -19.47 27.56
C LEU B 80 36.19 -20.43 27.14
N LYS B 81 35.88 -21.70 26.92
CA LYS B 81 36.85 -22.69 26.50
C LYS B 81 37.25 -22.54 25.04
N GLU B 82 36.48 -21.81 24.26
CA GLU B 82 36.77 -21.58 22.85
C GLU B 82 38.13 -20.91 22.66
N LYS B 88 30.28 -20.71 16.55
CA LYS B 88 30.60 -19.92 17.77
C LYS B 88 29.32 -19.24 18.25
N SER B 89 28.56 -18.66 17.32
CA SER B 89 27.30 -17.97 17.68
C SER B 89 26.66 -18.68 18.87
N LYS B 90 26.17 -17.91 19.84
CA LYS B 90 25.50 -18.50 20.99
C LYS B 90 24.19 -19.15 20.59
N ARG B 91 23.88 -20.28 21.22
CA ARG B 91 22.60 -20.93 21.00
C ARG B 91 21.50 -20.14 21.71
N LEU B 92 20.40 -19.90 20.99
CA LEU B 92 19.29 -19.14 21.55
C LEU B 92 18.51 -19.98 22.55
N LEU B 93 17.93 -19.30 23.53
CA LEU B 93 17.27 -19.97 24.66
C LEU B 93 15.93 -19.31 24.96
N TYR B 94 15.10 -19.12 23.93
CA TYR B 94 13.81 -18.45 24.10
C TYR B 94 13.02 -19.07 25.24
N TYR B 95 12.23 -18.23 25.92
CA TYR B 95 11.26 -18.67 26.91
C TYR B 95 9.93 -18.05 26.48
N VAL B 96 9.13 -18.85 25.79
CA VAL B 96 7.88 -18.39 25.19
C VAL B 96 6.74 -18.70 26.13
N THR B 97 5.89 -17.71 26.38
CA THR B 97 4.68 -17.92 27.17
C THR B 97 3.52 -17.30 26.42
N ASP B 98 2.34 -17.21 27.06
CA ASP B 98 1.18 -16.64 26.43
C ASP B 98 0.91 -15.22 26.90
N SER B 99 1.10 -14.93 28.19
CA SER B 99 0.74 -13.65 28.77
C SER B 99 1.96 -12.85 29.16
N VAL B 100 1.85 -11.52 29.00
CA VAL B 100 2.95 -10.63 29.36
C VAL B 100 3.18 -10.67 30.87
N ASP B 101 2.11 -10.78 31.65
CA ASP B 101 2.25 -10.91 33.09
C ASP B 101 3.11 -12.12 33.45
N ASN B 102 2.81 -13.27 32.84
CA ASN B 102 3.58 -14.47 33.12
C ASN B 102 5.02 -14.34 32.64
N VAL B 103 5.22 -13.68 31.48
CA VAL B 103 6.58 -13.53 30.96
C VAL B 103 7.42 -12.66 31.89
N VAL B 104 6.88 -11.53 32.33
CA VAL B 104 7.62 -10.64 33.22
C VAL B 104 7.85 -11.30 34.57
N SER B 105 6.86 -12.07 35.06
CA SER B 105 7.04 -12.78 36.31
C SER B 105 8.15 -13.82 36.20
N ALA B 106 8.20 -14.54 35.07
CA ALA B 106 9.24 -15.52 34.86
C ALA B 106 10.61 -14.87 34.80
N LYS B 107 10.72 -13.73 34.10
CA LYS B 107 12.00 -13.04 34.05
C LYS B 107 12.42 -12.54 35.43
N ALA B 108 11.48 -11.99 36.18
CA ALA B 108 11.79 -11.50 37.53
C ALA B 108 12.25 -12.63 38.43
N ASP B 109 11.59 -13.79 38.34
CA ASP B 109 12.02 -14.94 39.12
C ASP B 109 13.39 -15.41 38.69
N LEU B 110 13.68 -15.37 37.38
CA LEU B 110 15.00 -15.74 36.90
C LEU B 110 16.07 -14.82 37.48
N LEU B 111 15.85 -13.50 37.37
CA LEU B 111 16.79 -12.55 37.97
C LEU B 111 16.87 -12.76 39.47
N LYS B 112 15.74 -13.09 40.10
CA LYS B 112 15.76 -13.47 41.51
C LYS B 112 16.59 -14.73 41.72
N LEU B 113 16.43 -15.72 40.83
CA LEU B 113 17.11 -17.00 41.01
C LEU B 113 18.63 -16.85 40.92
N ILE B 114 19.10 -16.00 40.01
CA ILE B 114 20.55 -15.80 39.88
C ILE B 114 21.15 -15.24 41.16
N GLU B 115 20.36 -14.51 41.94
CA GLU B 115 20.88 -13.82 43.12
C GLU B 115 20.88 -14.72 44.36
N LYS B 116 19.72 -15.24 44.75
CA LYS B 116 19.58 -15.92 46.02
C LYS B 116 19.71 -17.44 45.93
N GLN B 117 20.11 -17.98 44.78
CA GLN B 117 20.37 -19.41 44.70
C GLN B 117 21.69 -19.72 45.37
N THR B 118 21.64 -20.57 46.40
CA THR B 118 22.82 -20.91 47.18
C THR B 118 23.02 -22.42 47.11
N VAL B 119 24.20 -22.84 46.66
CA VAL B 119 24.50 -24.26 46.53
C VAL B 119 25.13 -24.75 47.83
N LYS B 120 24.51 -25.76 48.44
CA LYS B 120 24.98 -26.36 49.69
C LYS B 120 25.12 -25.32 50.80
N GLY B 121 24.28 -24.29 50.78
CA GLY B 121 24.23 -23.30 51.84
C GLY B 121 25.12 -22.10 51.66
N GLU B 122 25.84 -21.99 50.55
CA GLU B 122 26.70 -20.83 50.31
C GLU B 122 26.38 -20.22 48.95
N PRO B 123 26.60 -18.92 48.80
CA PRO B 123 26.30 -18.28 47.51
C PRO B 123 27.11 -18.88 46.38
N ARG B 124 26.49 -18.94 45.20
CA ARG B 124 27.09 -19.54 44.02
C ARG B 124 27.65 -18.51 43.05
N PHE B 125 26.89 -17.47 42.75
CA PHE B 125 27.29 -16.45 41.80
C PHE B 125 27.82 -15.22 42.54
N THR B 126 29.05 -14.83 42.23
CA THR B 126 29.55 -13.55 42.71
C THR B 126 28.76 -12.42 42.04
N LEU B 127 28.86 -11.22 42.62
CA LEU B 127 28.05 -10.10 42.15
C LEU B 127 28.36 -9.77 40.70
N GLU B 128 29.64 -9.81 40.31
CA GLU B 128 30.01 -9.51 38.93
C GLU B 128 29.41 -10.52 37.96
N GLN B 129 29.39 -11.80 38.34
CA GLN B 129 28.76 -12.81 37.51
C GLN B 129 27.29 -12.51 37.30
N GLN B 130 26.61 -12.05 38.35
CA GLN B 130 25.20 -11.70 38.22
C GLN B 130 25.00 -10.60 37.19
N GLU B 131 25.92 -9.63 37.11
CA GLU B 131 25.81 -8.58 36.10
C GLU B 131 25.95 -9.17 34.70
N TYR B 132 26.87 -10.11 34.52
CA TYR B 132 27.04 -10.75 33.22
C TYR B 132 25.80 -11.55 32.84
N LEU B 133 25.32 -12.39 33.77
CA LEU B 133 24.17 -13.23 33.48
C LEU B 133 22.91 -12.39 33.26
N LYS B 134 22.69 -11.35 34.06
CA LYS B 134 21.55 -10.47 33.84
C LYS B 134 21.63 -9.75 32.51
N ALA B 135 22.83 -9.54 31.98
CA ALA B 135 22.99 -8.86 30.69
C ALA B 135 22.72 -9.76 29.51
N GLN B 136 22.62 -11.08 29.71
CA GLN B 136 22.28 -12.00 28.64
C GLN B 136 20.79 -12.15 28.43
N ILE B 137 19.98 -11.79 29.41
CA ILE B 137 18.53 -11.97 29.35
C ILE B 137 17.90 -10.75 28.71
N VAL B 138 16.90 -10.97 27.86
CA VAL B 138 16.15 -9.91 27.21
C VAL B 138 14.67 -10.17 27.41
N HIS B 139 13.87 -9.11 27.31
CA HIS B 139 12.44 -9.19 27.57
C HIS B 139 11.67 -8.41 26.49
N LEU B 140 11.90 -8.75 25.23
CA LEU B 140 11.34 -7.99 24.11
C LEU B 140 9.82 -7.86 24.19
N PRO B 141 9.30 -6.67 24.51
CA PRO B 141 7.85 -6.46 24.53
C PRO B 141 7.34 -5.98 23.18
N ASN B 142 6.05 -5.67 23.09
CA ASN B 142 5.54 -5.06 21.87
C ASN B 142 6.14 -3.68 21.67
N GLN B 143 5.94 -3.13 20.47
CA GLN B 143 6.56 -1.87 20.12
C GLN B 143 6.05 -0.71 20.96
N SER B 144 4.74 -0.69 21.25
CA SER B 144 4.18 0.42 22.03
C SER B 144 4.79 0.49 23.42
N GLU B 145 4.79 -0.62 24.15
CA GLU B 145 5.35 -0.62 25.49
C GLU B 145 6.87 -0.48 25.45
N GLN B 146 7.48 -0.88 24.33
CA GLN B 146 8.92 -0.68 24.18
C GLN B 146 9.28 0.80 24.19
N LEU B 147 8.46 1.62 23.52
CA LEU B 147 8.74 3.05 23.48
C LEU B 147 8.59 3.69 24.85
N LEU B 148 7.48 3.39 25.54
CA LEU B 148 7.22 3.98 26.85
C LEU B 148 7.93 3.21 27.96
N GLN B 149 9.18 2.95 27.76
CA GLN B 149 10.06 2.39 28.79
C GLN B 149 11.34 3.19 28.91
N CYS B 150 11.90 3.67 27.79
CA CYS B 150 13.14 4.42 27.81
C CYS B 150 12.88 5.87 28.18
N SER B 151 13.88 6.48 28.82
CA SER B 151 13.78 7.87 29.22
C SER B 151 13.83 8.78 28.00
N ASP B 152 13.46 10.05 28.22
CA ASP B 152 13.53 11.03 27.14
C ASP B 152 14.96 11.26 26.68
N ALA B 153 15.93 11.10 27.59
CA ALA B 153 17.33 11.27 27.22
C ALA B 153 17.81 10.17 26.29
N VAL B 154 17.35 8.94 26.51
CA VAL B 154 17.77 7.82 25.68
C VAL B 154 17.30 8.01 24.25
N LEU B 155 16.03 8.40 24.08
CA LEU B 155 15.51 8.62 22.74
C LEU B 155 16.13 9.85 22.09
N ASN B 156 16.43 10.89 22.87
CA ASN B 156 17.01 12.10 22.30
C ASN B 156 18.39 11.83 21.73
N ASP B 157 19.15 10.94 22.37
CA ASP B 157 20.45 10.57 21.85
C ASP B 157 20.33 9.87 20.49
N VAL B 158 19.30 9.02 20.33
CA VAL B 158 19.10 8.32 19.07
C VAL B 158 18.66 9.29 17.99
N LEU B 159 17.70 10.16 18.30
CA LEU B 159 17.19 11.10 17.31
C LEU B 159 18.28 12.07 16.86
N ILE B 160 19.07 12.57 17.80
CA ILE B 160 20.17 13.46 17.45
C ILE B 160 21.28 12.69 16.75
N GLY B 161 21.64 11.51 17.29
CA GLY B 161 22.75 10.76 16.74
C GLY B 161 22.50 10.12 15.40
N PHE B 162 21.26 10.13 14.91
CA PHE B 162 20.93 9.58 13.61
C PHE B 162 20.44 10.63 12.63
N ASN B 163 20.53 11.91 12.99
CA ASN B 163 20.16 13.04 12.14
C ASN B 163 18.67 13.00 11.74
N LEU B 164 17.82 12.38 12.55
CA LEU B 164 16.39 12.34 12.27
C LEU B 164 15.66 13.56 12.81
N ASN B 165 16.32 14.45 13.54
CA ASN B 165 15.68 15.64 14.05
C ASN B 165 15.41 16.69 12.97
N ALA B 166 15.91 16.47 11.76
CA ALA B 166 15.77 17.43 10.67
C ALA B 166 14.53 17.20 9.81
N GLU B 167 13.69 16.24 10.17
CA GLU B 167 12.45 15.98 9.45
C GLU B 167 11.27 16.54 10.23
N ARG B 168 10.32 17.12 9.48
CA ARG B 168 9.14 17.70 10.11
C ARG B 168 8.30 16.64 10.81
N ASP B 169 8.13 15.47 10.18
CA ASP B 169 7.24 14.46 10.72
C ASP B 169 7.81 13.80 11.97
N VAL B 170 9.11 13.48 11.96
CA VAL B 170 9.71 12.79 13.10
C VAL B 170 9.65 13.65 14.34
N GLN B 171 10.03 14.94 14.22
CA GLN B 171 10.02 15.81 15.38
C GLN B 171 8.61 16.18 15.80
N ALA B 172 7.68 16.27 14.86
CA ALA B 172 6.29 16.56 15.22
C ALA B 172 5.69 15.41 16.03
N GLU B 173 5.96 14.16 15.61
CA GLU B 173 5.46 13.01 16.36
C GLU B 173 6.12 12.92 17.73
N TRP B 174 7.46 13.03 17.76
CA TRP B 174 8.17 12.87 19.03
C TRP B 174 7.82 13.97 20.02
N SER B 175 7.45 15.16 19.51
CA SER B 175 6.95 16.21 20.41
C SER B 175 5.65 15.78 21.08
N ALA B 176 4.75 15.16 20.31
CA ALA B 176 3.49 14.70 20.88
C ALA B 176 3.70 13.57 21.87
N ILE B 177 4.61 12.64 21.56
CA ILE B 177 4.88 11.53 22.47
C ILE B 177 5.46 12.05 23.78
N SER B 178 6.43 12.96 23.69
CA SER B 178 6.98 13.56 24.90
C SER B 178 5.96 14.45 25.59
N GLY B 179 5.10 15.10 24.80
CA GLY B 179 4.05 15.91 25.39
C GLY B 179 3.02 15.09 26.15
N LEU B 180 2.68 13.92 25.63
CA LEU B 180 1.66 13.09 26.28
C LEU B 180 2.25 12.29 27.44
N ARG B 181 3.42 11.68 27.24
CA ARG B 181 4.01 10.86 28.29
C ARG B 181 4.40 11.68 29.51
N ARG B 182 4.51 13.00 29.36
CA ARG B 182 4.72 13.86 30.53
C ARG B 182 3.44 14.07 31.31
N HIS B 183 2.29 14.11 30.62
CA HIS B 183 0.99 14.25 31.28
C HIS B 183 0.37 12.88 31.47
N ALA B 184 1.08 12.04 32.23
CA ALA B 184 0.66 10.66 32.48
C ALA B 184 -0.30 10.57 33.66
N SER B 185 -0.52 9.34 34.14
CA SER B 185 -1.26 9.05 35.37
C SER B 185 -2.75 9.28 35.23
N ASN B 186 -3.28 9.17 34.02
CA ASN B 186 -4.72 9.21 33.79
C ASN B 186 -5.09 8.17 32.73
N PRO B 187 -5.90 7.17 33.07
CA PRO B 187 -6.23 6.10 32.10
C PRO B 187 -6.72 6.60 30.76
N GLU B 188 -7.41 7.74 30.70
CA GLU B 188 -7.85 8.27 29.43
C GLU B 188 -6.66 8.63 28.53
N VAL B 189 -5.67 9.32 29.10
CA VAL B 189 -4.43 9.57 28.37
C VAL B 189 -3.69 8.25 28.13
N LYS B 190 -3.69 7.34 29.09
CA LYS B 190 -2.84 6.13 28.92
C LYS B 190 -3.22 5.37 27.65
N ILE B 191 -4.48 5.35 27.27
CA ILE B 191 -4.92 4.51 26.11
C ILE B 191 -4.41 5.07 24.79
N SER B 192 -4.10 6.37 24.72
CA SER B 192 -3.69 6.99 23.43
C SER B 192 -2.18 7.16 23.37
N LEU B 193 -1.52 7.16 24.51
CA LEU B 193 -0.04 7.20 24.48
C LEU B 193 0.46 5.85 23.95
N ASN B 194 -0.34 4.78 24.04
CA ASN B 194 0.14 3.46 23.62
C ASN B 194 -0.07 3.26 22.13
N ARG B 195 -1.22 3.67 21.60
CA ARG B 195 -1.41 3.64 20.16
C ARG B 195 -0.41 4.57 19.47
N GLN B 196 -0.23 5.77 20.00
CA GLN B 196 0.71 6.71 19.41
C GLN B 196 2.13 6.19 19.51
N ALA B 197 2.48 5.55 20.62
CA ALA B 197 3.85 5.07 20.81
C ALA B 197 4.20 4.00 19.78
N GLY B 198 3.24 3.12 19.47
CA GLY B 198 3.52 2.06 18.51
C GLY B 198 3.80 2.59 17.13
N TYR B 199 2.97 3.52 16.65
CA TYR B 199 3.14 4.05 15.31
C TYR B 199 4.47 4.78 15.16
N PHE B 200 4.82 5.58 16.16
CA PHE B 200 6.10 6.28 16.11
C PHE B 200 7.27 5.32 16.15
N TYR B 201 7.15 4.24 16.92
CA TYR B 201 8.23 3.26 17.00
C TYR B 201 8.50 2.61 15.65
N ARG B 202 7.45 2.27 14.91
CA ARG B 202 7.65 1.71 13.58
C ARG B 202 8.41 2.67 12.68
N ASN B 203 7.91 3.91 12.59
CA ASN B 203 8.54 4.89 11.70
C ASN B 203 9.96 5.20 12.12
N LEU B 204 10.20 5.34 13.42
CA LEU B 204 11.54 5.65 13.91
C LEU B 204 12.52 4.52 13.57
N ILE B 205 12.11 3.27 13.80
CA ILE B 205 12.96 2.14 13.46
C ILE B 205 13.07 1.98 11.95
N ASP B 206 11.98 2.22 11.24
CA ASP B 206 12.01 2.09 9.78
C ASP B 206 13.03 3.06 9.17
N ARG B 207 13.03 4.32 9.64
CA ARG B 207 14.05 5.25 9.21
C ARG B 207 15.42 4.89 9.74
N LEU B 208 15.49 4.36 10.97
CA LEU B 208 16.75 3.90 11.51
C LEU B 208 17.33 2.76 10.69
N GLN B 209 16.47 1.89 10.17
CA GLN B 209 16.95 0.77 9.36
C GLN B 209 17.25 1.21 7.93
N LYS B 210 16.54 2.22 7.43
CA LYS B 210 16.86 2.74 6.10
C LYS B 210 18.20 3.45 6.09
N LYS B 211 18.50 4.22 7.14
CA LYS B 211 19.77 4.94 7.24
C LYS B 211 20.93 4.04 7.63
N GLN B 212 20.67 2.80 8.05
CA GLN B 212 21.73 1.91 8.51
C GLN B 212 22.04 0.80 7.54
N LYS B 213 21.08 0.36 6.74
CA LYS B 213 21.29 -0.78 5.84
C LYS B 213 22.04 -0.39 4.56
N GLY B 214 22.18 0.89 4.27
CA GLY B 214 22.81 1.31 3.03
C GLY B 214 23.81 2.43 3.16
N ALA B 215 24.90 2.34 2.39
CA ALA B 215 25.90 3.38 2.27
C ALA B 215 26.47 3.80 3.62
N ASP B 216 25.95 4.89 4.19
CA ASP B 216 26.43 5.35 5.48
C ASP B 216 26.02 4.37 6.57
N ARG B 217 26.95 4.11 7.48
CA ARG B 217 26.71 3.17 8.59
C ARG B 217 27.37 3.75 9.84
N VAL B 218 26.53 4.15 10.81
CA VAL B 218 27.06 4.67 12.06
C VAL B 218 27.71 3.55 12.84
N LEU B 219 28.93 3.78 13.30
CA LEU B 219 29.66 2.81 14.11
C LEU B 219 29.16 2.93 15.55
N LEU B 220 28.21 2.09 15.92
CA LEU B 220 27.58 2.19 17.24
C LEU B 220 28.58 1.91 18.34
N SER B 221 28.64 2.81 19.33
CA SER B 221 29.49 2.65 20.49
C SER B 221 29.09 3.68 21.53
N GLY B 222 29.55 3.47 22.76
CA GLY B 222 29.30 4.43 23.82
C GLY B 222 27.82 4.56 24.15
N SER B 223 27.41 5.80 24.44
CA SER B 223 26.03 6.03 24.84
C SER B 223 25.07 5.84 23.68
N LEU B 224 25.55 5.94 22.44
CA LEU B 224 24.68 5.65 21.30
C LEU B 224 24.32 4.18 21.24
N LEU B 225 25.25 3.31 21.63
CA LEU B 225 24.94 1.88 21.70
C LEU B 225 23.89 1.59 22.77
N ALA B 226 24.08 2.16 23.97
CA ALA B 226 23.13 1.93 25.04
C ALA B 226 21.75 2.48 24.68
N SER B 227 21.71 3.66 24.06
CA SER B 227 20.43 4.23 23.65
C SER B 227 19.77 3.40 22.56
N VAL B 228 20.57 2.91 21.60
CA VAL B 228 20.01 2.11 20.52
C VAL B 228 19.67 0.69 20.95
N GLU B 229 20.39 0.15 21.93
CA GLU B 229 20.05 -1.18 22.46
C GLU B 229 18.85 -1.13 23.40
N THR B 230 18.70 -0.05 24.16
CA THR B 230 17.51 0.10 24.99
C THR B 230 16.24 0.21 24.14
N LEU B 231 16.31 0.99 23.06
CA LEU B 231 15.17 1.10 22.16
C LEU B 231 14.99 -0.15 21.32
N LEU B 232 16.08 -0.88 21.06
CA LEU B 232 16.05 -2.09 20.24
C LEU B 232 16.71 -3.22 21.03
N PRO B 233 15.97 -3.85 21.94
CA PRO B 233 16.54 -5.02 22.63
C PRO B 233 16.88 -6.16 21.69
N GLY B 234 16.13 -6.30 20.58
CA GLY B 234 16.47 -7.28 19.58
C GLY B 234 17.83 -7.06 18.96
N GLU B 235 18.37 -5.84 19.06
CA GLU B 235 19.74 -5.59 18.61
C GLU B 235 20.74 -6.31 19.50
N LYS B 236 20.44 -6.41 20.80
CA LYS B 236 21.36 -7.08 21.72
C LYS B 236 21.59 -8.53 21.30
N ILE B 237 20.56 -9.17 20.75
CA ILE B 237 20.73 -10.53 20.23
C ILE B 237 21.55 -10.51 18.95
N ARG B 238 21.21 -9.59 18.03
CA ARG B 238 21.96 -9.51 16.78
C ARG B 238 23.39 -9.03 17.00
N ASN B 239 23.60 -8.12 17.96
CA ASN B 239 24.95 -7.62 18.23
C ASN B 239 25.85 -8.79 18.63
N GLY B 240 25.37 -9.68 19.48
CA GLY B 240 26.11 -10.88 19.79
C GLY B 240 26.32 -11.14 21.26
N SER B 241 25.77 -10.30 22.14
CA SER B 241 25.79 -10.56 23.59
C SER B 241 24.35 -10.56 24.10
N ALA B 242 23.66 -11.68 23.88
CA ALA B 242 22.37 -11.96 24.51
C ALA B 242 22.00 -13.42 24.26
N HIS B 243 21.82 -14.20 25.34
CA HIS B 243 21.30 -15.55 25.19
C HIS B 243 19.79 -15.57 25.10
N VAL B 244 19.13 -15.19 26.19
CA VAL B 244 17.75 -15.53 26.43
C VAL B 244 16.84 -14.41 25.97
N ALA B 245 15.69 -14.77 25.43
CA ALA B 245 14.63 -13.84 25.14
C ALA B 245 13.42 -14.24 25.96
N PHE B 246 12.74 -13.26 26.54
CA PHE B 246 11.52 -13.51 27.31
C PHE B 246 10.39 -12.79 26.60
N LEU B 247 9.69 -13.52 25.75
CA LEU B 247 8.65 -12.96 24.91
C LEU B 247 7.44 -13.88 24.91
N THR B 248 6.31 -13.33 24.52
CA THR B 248 5.09 -14.12 24.43
C THR B 248 5.09 -14.89 23.11
N THR B 249 4.07 -15.74 22.92
CA THR B 249 3.99 -16.50 21.69
C THR B 249 3.73 -15.59 20.50
N SER B 250 2.91 -14.56 20.67
CA SER B 250 2.61 -13.65 19.57
C SER B 250 3.88 -12.93 19.10
N LYS B 251 4.70 -12.47 20.04
CA LYS B 251 5.96 -11.84 19.65
C LYS B 251 6.92 -12.84 19.01
N PHE B 252 6.83 -14.11 19.39
CA PHE B 252 7.67 -15.13 18.79
C PHE B 252 7.24 -15.42 17.36
N LEU B 253 5.94 -15.29 17.08
CA LEU B 253 5.44 -15.58 15.74
C LEU B 253 5.54 -14.38 14.81
N LYS B 254 5.62 -13.16 15.36
CA LYS B 254 5.70 -11.96 14.55
C LYS B 254 7.12 -11.44 14.37
N GLY B 255 8.06 -11.87 15.21
CA GLY B 255 9.43 -11.43 15.11
C GLY B 255 9.66 -10.08 15.76
N PHE B 256 10.94 -9.75 15.92
CA PHE B 256 11.34 -8.52 16.59
C PHE B 256 12.46 -7.84 15.80
N HIS B 257 12.44 -6.51 15.83
CA HIS B 257 13.39 -5.71 15.07
C HIS B 257 14.75 -5.69 15.75
N ASN B 258 15.80 -5.78 14.94
CA ASN B 258 17.13 -5.35 15.31
C ASN B 258 17.48 -4.13 14.45
N THR B 259 18.72 -3.66 14.55
CA THR B 259 19.09 -2.43 13.86
C THR B 259 19.06 -2.55 12.35
N ARG B 260 18.99 -3.76 11.81
CA ARG B 260 19.01 -3.97 10.36
C ARG B 260 17.64 -4.24 9.77
N SER B 261 16.94 -5.28 10.25
CA SER B 261 15.65 -5.66 9.69
C SER B 261 14.81 -6.30 10.79
N ARG B 262 13.75 -6.99 10.39
CA ARG B 262 12.85 -7.67 11.32
C ARG B 262 13.27 -9.14 11.41
N TYR B 263 13.85 -9.53 12.54
CA TYR B 263 14.32 -10.89 12.71
C TYR B 263 13.18 -11.81 13.14
N SER B 264 13.05 -12.94 12.46
CA SER B 264 12.00 -13.91 12.72
C SER B 264 12.61 -15.18 13.28
N PRO B 265 12.28 -15.58 14.52
CA PRO B 265 12.91 -16.79 15.09
C PRO B 265 12.45 -18.08 14.46
N LEU B 266 11.36 -18.05 13.67
CA LEU B 266 10.88 -19.27 13.03
C LEU B 266 11.82 -19.76 11.92
N ARG B 267 12.60 -18.87 11.32
CA ARG B 267 13.53 -19.26 10.28
C ARG B 267 14.91 -19.61 10.80
N ASP B 268 15.16 -19.46 12.11
CA ASP B 268 16.48 -19.70 12.69
C ASP B 268 16.26 -20.59 13.92
N LEU B 269 15.57 -21.71 13.70
CA LEU B 269 15.23 -22.60 14.79
C LEU B 269 16.27 -23.68 15.04
N SER B 270 17.28 -23.80 14.18
CA SER B 270 18.28 -24.85 14.35
C SER B 270 19.12 -24.56 15.59
N GLY B 271 18.89 -25.31 16.65
CA GLY B 271 19.58 -25.11 17.91
C GLY B 271 18.78 -24.41 18.98
N ALA B 272 17.59 -23.90 18.67
CA ALA B 272 16.78 -23.22 19.65
C ALA B 272 16.38 -24.20 20.76
N VAL B 273 16.16 -23.65 21.96
CA VAL B 273 15.89 -24.45 23.14
C VAL B 273 14.57 -24.01 23.78
N LEU B 274 13.58 -23.68 22.95
CA LEU B 274 12.29 -23.16 23.41
C LEU B 274 11.81 -23.84 24.69
N ILE B 275 11.32 -23.03 25.63
CA ILE B 275 10.99 -23.48 26.97
C ILE B 275 9.50 -23.14 27.16
N ILE B 276 8.72 -23.30 26.09
CA ILE B 276 7.32 -22.95 26.08
C ILE B 276 6.62 -23.42 27.34
N ASP B 277 5.93 -22.50 28.02
CA ASP B 277 5.19 -22.78 29.24
C ASP B 277 3.72 -22.84 28.93
N GLU B 278 2.99 -23.68 29.67
CA GLU B 278 1.59 -24.02 29.39
C GLU B 278 1.40 -24.29 27.89
N ILE B 279 2.10 -25.33 27.43
CA ILE B 279 2.25 -25.60 26.00
C ILE B 279 0.91 -25.85 25.34
N ASP B 280 -0.05 -26.46 26.04
CA ASP B 280 -1.33 -26.77 25.42
C ASP B 280 -2.08 -25.51 25.02
N LYS B 281 -1.89 -24.41 25.75
CA LYS B 281 -2.60 -23.17 25.44
C LYS B 281 -2.06 -22.52 24.17
N GLN B 282 -0.84 -22.85 23.75
CA GLN B 282 -0.27 -22.22 22.56
C GLN B 282 -0.90 -22.74 21.28
N ASN B 283 -1.64 -23.84 21.33
CA ASN B 283 -2.36 -24.30 20.15
C ASN B 283 -3.39 -23.28 19.70
N GLN B 284 -4.09 -22.68 20.65
CA GLN B 284 -5.06 -21.63 20.31
C GLN B 284 -4.36 -20.33 19.95
N VAL B 285 -3.19 -20.08 20.53
CA VAL B 285 -2.47 -18.84 20.24
C VAL B 285 -1.86 -18.89 18.85
N ILE B 286 -1.21 -20.01 18.51
CA ILE B 286 -0.64 -20.16 17.17
C ILE B 286 -1.74 -20.14 16.12
N LEU B 287 -2.88 -20.74 16.43
CA LEU B 287 -4.00 -20.73 15.49
C LEU B 287 -4.51 -19.31 15.27
N SER B 288 -4.35 -18.43 16.25
CA SER B 288 -4.77 -17.04 16.08
C SER B 288 -3.86 -16.29 15.12
N GLU B 289 -2.59 -16.68 15.05
CA GLU B 289 -1.68 -16.07 14.08
C GLU B 289 -1.93 -16.60 12.68
N LEU B 290 -2.29 -17.88 12.57
CA LEU B 290 -2.53 -18.47 11.26
C LEU B 290 -3.84 -17.98 10.65
N CYS B 291 -4.84 -17.72 11.47
CA CYS B 291 -6.11 -17.20 11.00
C CYS B 291 -6.08 -15.69 10.79
N LYS B 292 -4.89 -15.09 10.77
CA LYS B 292 -4.73 -13.65 10.68
C LYS B 292 -3.85 -13.28 9.49
N GLN B 293 -3.99 -14.02 8.40
CA GLN B 293 -3.23 -13.78 7.18
C GLN B 293 -4.11 -13.07 6.16
N GLN B 294 -3.46 -12.43 5.20
CA GLN B 294 -4.17 -11.62 4.22
C GLN B 294 -4.76 -12.50 3.12
N ALA B 295 -6.00 -12.18 2.72
CA ALA B 295 -6.65 -12.91 1.65
C ALA B 295 -6.18 -12.39 0.29
N GLN B 296 -5.89 -13.31 -0.62
CA GLN B 296 -5.29 -12.99 -1.89
C GLN B 296 -6.26 -13.27 -3.02
N ASP B 297 -6.37 -12.32 -3.95
CA ASP B 297 -7.16 -12.54 -5.16
C ASP B 297 -6.50 -13.59 -6.04
N LEU B 298 -7.21 -14.67 -6.33
CA LEU B 298 -6.64 -15.73 -7.15
C LEU B 298 -6.62 -15.36 -8.62
N ILE B 299 -7.65 -14.65 -9.10
CA ILE B 299 -7.71 -14.30 -10.51
C ILE B 299 -6.62 -13.29 -10.85
N TRP B 300 -6.48 -12.24 -10.03
CA TRP B 300 -5.43 -11.26 -10.27
C TRP B 300 -4.06 -11.89 -10.17
N ALA B 301 -3.83 -12.73 -9.15
CA ALA B 301 -2.51 -13.31 -8.96
C ALA B 301 -2.12 -14.22 -10.10
N ILE B 302 -3.07 -15.02 -10.59
CA ILE B 302 -2.78 -15.96 -11.68
C ILE B 302 -2.58 -15.21 -12.99
N ARG B 303 -3.40 -14.19 -13.24
CA ARG B 303 -3.20 -13.39 -14.45
C ARG B 303 -1.90 -12.61 -14.40
N THR B 304 -1.54 -12.07 -13.23
CA THR B 304 -0.28 -11.36 -13.10
C THR B 304 0.90 -12.30 -13.28
N LEU B 305 0.82 -13.51 -12.70
CA LEU B 305 1.90 -14.47 -12.85
C LEU B 305 2.07 -14.90 -14.29
N ARG B 306 0.95 -15.12 -14.99
CA ARG B 306 1.01 -15.56 -16.38
C ARG B 306 1.64 -14.51 -17.28
N ALA B 307 1.29 -13.24 -17.07
CA ALA B 307 1.78 -12.18 -17.95
C ALA B 307 3.27 -11.91 -17.72
N ASN B 308 3.70 -11.86 -16.47
CA ASN B 308 5.08 -11.54 -16.13
C ASN B 308 6.01 -12.74 -16.20
N PHE B 309 5.59 -13.83 -16.86
CA PHE B 309 6.42 -15.02 -16.96
C PHE B 309 6.63 -15.52 -18.38
N ARG B 310 5.79 -15.13 -19.33
CA ARG B 310 5.93 -15.65 -20.69
C ARG B 310 7.26 -15.24 -21.31
N ASP B 311 7.65 -13.98 -21.13
CA ASP B 311 9.00 -13.56 -21.51
C ASP B 311 9.47 -12.47 -20.54
N HIS B 312 10.01 -12.91 -19.41
CA HIS B 312 10.66 -12.02 -18.46
C HIS B 312 11.88 -12.79 -17.94
N GLN B 313 13.00 -12.62 -18.62
CA GLN B 313 14.17 -13.43 -18.33
C GLN B 313 14.81 -12.97 -17.03
N LEU B 314 15.67 -13.83 -16.50
CA LEU B 314 16.45 -13.55 -15.31
C LEU B 314 17.93 -13.60 -15.68
N GLU B 315 18.72 -12.69 -15.11
CA GLU B 315 20.09 -12.50 -15.56
C GLU B 315 20.89 -13.79 -15.44
N SER B 316 21.67 -14.09 -16.49
CA SER B 316 22.50 -15.28 -16.53
C SER B 316 23.86 -14.95 -15.93
N SER B 317 23.98 -15.13 -14.63
CA SER B 317 25.20 -14.90 -13.89
C SER B 317 25.37 -16.02 -12.86
N PRO B 318 26.59 -16.22 -12.34
CA PRO B 318 26.78 -17.25 -11.32
C PRO B 318 25.96 -17.02 -10.05
N ARG B 319 25.48 -15.80 -9.83
CA ARG B 319 24.65 -15.49 -8.66
C ARG B 319 23.21 -15.95 -8.82
N TYR B 320 22.84 -16.50 -9.98
CA TYR B 320 21.47 -16.96 -10.19
C TYR B 320 21.43 -18.32 -10.90
N ASP B 321 22.48 -19.11 -10.79
CA ASP B 321 22.49 -20.42 -11.43
C ASP B 321 21.48 -21.34 -10.77
N LYS B 322 20.85 -22.18 -11.60
CA LYS B 322 19.83 -23.17 -11.23
C LYS B 322 18.51 -22.54 -10.77
N ILE B 323 18.43 -21.22 -10.70
CA ILE B 323 17.16 -20.60 -10.31
C ILE B 323 16.22 -20.51 -11.50
N GLU B 324 16.77 -20.35 -12.71
CA GLU B 324 15.92 -20.31 -13.90
C GLU B 324 15.22 -21.63 -14.15
N ASP B 325 15.75 -22.74 -13.61
CA ASP B 325 15.17 -24.05 -13.82
C ASP B 325 14.01 -24.35 -12.88
N LEU B 326 14.03 -23.79 -11.67
CA LEU B 326 12.94 -24.04 -10.73
C LEU B 326 11.62 -23.47 -11.25
N PHE B 327 11.68 -22.45 -12.10
CA PHE B 327 10.49 -21.80 -12.62
C PHE B 327 10.06 -22.33 -13.99
N GLU B 328 10.84 -23.22 -14.59
CA GLU B 328 10.45 -23.76 -15.90
C GLU B 328 9.15 -24.55 -15.84
N PRO B 329 8.96 -25.53 -14.95
CA PRO B 329 7.65 -26.22 -14.91
C PRO B 329 6.51 -25.28 -14.59
N LEU B 330 6.74 -24.28 -13.75
CA LEU B 330 5.71 -23.28 -13.48
C LEU B 330 5.42 -22.45 -14.73
N ARG B 331 6.45 -22.16 -15.52
CA ARG B 331 6.26 -21.38 -16.74
C ARG B 331 5.34 -22.11 -17.72
N GLU B 332 5.59 -23.41 -17.93
CA GLU B 332 4.76 -24.17 -18.85
C GLU B 332 3.34 -24.33 -18.32
N ARG B 333 3.20 -24.61 -17.02
CA ARG B 333 1.87 -24.77 -16.44
C ARG B 333 1.06 -23.48 -16.53
N LEU B 334 1.71 -22.34 -16.33
CA LEU B 334 1.02 -21.06 -16.45
C LEU B 334 0.53 -20.83 -17.87
N GLU B 335 1.33 -21.23 -18.86
CA GLU B 335 0.90 -21.12 -20.25
C GLU B 335 -0.25 -22.08 -20.56
N GLU B 336 -0.14 -23.33 -20.10
CA GLU B 336 -1.21 -24.29 -20.30
C GLU B 336 -2.47 -23.87 -19.57
N PHE B 337 -2.32 -23.37 -18.33
CA PHE B 337 -3.47 -22.91 -17.56
C PHE B 337 -4.17 -21.74 -18.25
N GLY B 338 -3.39 -20.78 -18.76
CA GLY B 338 -3.98 -19.64 -19.43
C GLY B 338 -4.70 -20.01 -20.71
N THR B 339 -4.17 -21.01 -21.42
CA THR B 339 -4.80 -21.43 -22.67
C THR B 339 -6.09 -22.20 -22.40
N ASN B 340 -6.12 -23.03 -21.35
CA ASN B 340 -7.30 -23.84 -21.08
C ASN B 340 -8.47 -22.99 -20.63
N TRP B 341 -8.24 -22.09 -19.68
CA TRP B 341 -9.31 -21.27 -19.10
C TRP B 341 -9.44 -19.90 -19.75
N ASN B 342 -8.60 -19.60 -20.75
CA ASN B 342 -8.66 -18.35 -21.51
C ASN B 342 -8.49 -17.15 -20.57
N LEU B 343 -7.28 -17.07 -20.00
CA LEU B 343 -6.97 -16.02 -19.04
C LEU B 343 -6.84 -14.64 -19.68
N ALA B 344 -6.83 -14.55 -21.01
CA ALA B 344 -6.81 -13.25 -21.66
C ALA B 344 -8.08 -12.44 -21.39
N PHE B 345 -9.17 -13.09 -20.97
CA PHE B 345 -10.41 -12.42 -20.64
C PHE B 345 -10.52 -12.26 -19.12
N ALA B 346 -11.43 -11.40 -18.71
CA ALA B 346 -11.71 -11.23 -17.28
C ALA B 346 -12.92 -12.08 -16.89
N PHE B 347 -12.94 -12.50 -15.63
CA PHE B 347 -13.99 -13.36 -15.12
C PHE B 347 -15.17 -12.55 -14.60
N ASN B 348 -16.37 -13.10 -14.76
CA ASN B 348 -17.58 -12.44 -14.31
C ASN B 348 -18.69 -13.46 -14.22
N THR B 349 -19.54 -13.31 -13.21
CA THR B 349 -20.66 -14.22 -13.03
C THR B 349 -21.73 -13.95 -14.07
N GLU B 350 -22.76 -14.80 -14.05
CA GLU B 350 -23.86 -14.73 -15.02
C GLU B 350 -24.98 -15.59 -14.44
N GLY B 351 -26.11 -15.62 -15.13
CA GLY B 351 -27.16 -16.53 -14.72
C GLY B 351 -27.83 -16.14 -13.42
N ALA B 352 -28.67 -15.11 -13.45
CA ALA B 352 -29.37 -14.61 -12.27
C ALA B 352 -29.96 -15.75 -11.43
N ASN B 353 -30.13 -15.49 -10.13
CA ASN B 353 -30.11 -16.47 -9.04
C ASN B 353 -28.69 -16.85 -8.68
N LEU B 354 -27.72 -16.03 -9.10
CA LEU B 354 -26.33 -16.20 -8.72
C LEU B 354 -25.66 -14.89 -8.31
N ASN B 355 -26.31 -13.74 -8.54
CA ASN B 355 -25.72 -12.44 -8.27
C ASN B 355 -26.23 -11.79 -7.00
N GLU B 356 -27.30 -12.31 -6.40
CA GLU B 356 -27.82 -11.70 -5.17
C GLU B 356 -26.86 -11.86 -4.00
N ARG B 357 -26.23 -13.02 -3.88
CA ARG B 357 -25.32 -13.31 -2.78
C ARG B 357 -24.06 -13.96 -3.33
N PRO B 358 -22.93 -13.80 -2.64
CA PRO B 358 -21.67 -14.35 -3.14
C PRO B 358 -21.62 -15.86 -2.98
N VAL B 359 -20.62 -16.46 -3.63
CA VAL B 359 -20.39 -17.89 -3.60
C VAL B 359 -19.13 -18.15 -2.80
N ARG B 360 -19.25 -18.95 -1.75
CA ARG B 360 -18.11 -19.36 -0.94
C ARG B 360 -17.83 -20.84 -1.17
N LEU B 361 -16.58 -21.15 -1.51
CA LEU B 361 -16.20 -22.50 -1.89
C LEU B 361 -15.15 -23.02 -0.92
N PHE B 362 -15.61 -23.69 0.13
CA PHE B 362 -14.72 -24.36 1.05
C PHE B 362 -14.02 -25.53 0.35
N SER B 363 -12.81 -25.84 0.79
CA SER B 363 -12.08 -26.96 0.23
C SER B 363 -11.00 -27.41 1.20
N ASP B 364 -10.90 -28.72 1.41
CA ASP B 364 -9.86 -29.32 2.23
C ASP B 364 -8.58 -29.54 1.44
N ARG B 365 -8.61 -29.31 0.13
CA ARG B 365 -7.57 -29.76 -0.79
C ARG B 365 -7.48 -31.28 -0.77
N SER B 366 -8.60 -31.92 -0.47
CA SER B 366 -8.72 -33.35 -0.28
C SER B 366 -10.20 -33.71 -0.47
N PHE B 367 -10.59 -34.88 0.04
CA PHE B 367 -11.93 -35.41 -0.20
C PHE B 367 -13.04 -34.45 0.19
N THR B 368 -12.83 -33.62 1.22
CA THR B 368 -13.87 -32.69 1.65
C THR B 368 -13.89 -31.46 0.74
N HIS B 369 -14.98 -31.28 -0.01
CA HIS B 369 -15.07 -30.25 -1.03
C HIS B 369 -16.43 -29.54 -1.00
N VAL B 370 -16.87 -29.16 0.19
CA VAL B 370 -18.18 -28.53 0.33
C VAL B 370 -18.21 -27.18 -0.38
N SER B 371 -19.31 -26.90 -1.07
CA SER B 371 -19.52 -25.63 -1.73
C SER B 371 -20.86 -25.05 -1.31
N SER B 372 -20.96 -23.72 -1.32
CA SER B 372 -22.16 -23.02 -0.87
C SER B 372 -23.14 -22.74 -1.99
N ALA B 373 -22.83 -23.13 -3.22
CA ALA B 373 -23.77 -23.03 -4.34
C ALA B 373 -24.45 -24.38 -4.50
N THR B 374 -25.77 -24.40 -4.28
CA THR B 374 -26.50 -25.67 -4.32
C THR B 374 -26.51 -26.30 -5.71
N HIS B 375 -26.26 -25.52 -6.76
CA HIS B 375 -26.07 -26.04 -8.10
C HIS B 375 -24.61 -25.93 -8.48
N LYS B 376 -24.06 -26.99 -9.04
CA LYS B 376 -22.68 -26.97 -9.49
C LYS B 376 -22.48 -25.89 -10.54
N LEU B 377 -21.44 -25.08 -10.37
CA LEU B 377 -21.19 -23.93 -11.22
C LEU B 377 -20.14 -24.27 -12.26
N SER B 378 -20.49 -24.10 -13.53
CA SER B 378 -19.55 -24.30 -14.61
C SER B 378 -18.82 -22.99 -14.91
N LEU B 379 -17.88 -23.05 -15.85
CA LEU B 379 -17.06 -21.88 -16.20
C LEU B 379 -16.78 -21.93 -17.70
N LYS B 380 -17.58 -21.21 -18.48
CA LYS B 380 -17.40 -21.14 -19.92
C LYS B 380 -16.61 -19.91 -20.30
N SER B 381 -15.82 -20.03 -21.36
CA SER B 381 -14.93 -18.97 -21.82
C SER B 381 -15.50 -18.43 -23.13
N ASP B 382 -16.38 -17.43 -23.02
CA ASP B 382 -17.00 -16.85 -24.20
C ASP B 382 -15.94 -16.16 -25.07
N PHE B 383 -16.04 -16.38 -26.38
CA PHE B 383 -15.07 -15.84 -27.32
C PHE B 383 -15.60 -14.67 -28.12
N LEU B 384 -16.91 -14.60 -28.37
CA LEU B 384 -17.47 -13.42 -29.01
C LEU B 384 -17.47 -12.24 -28.05
N ARG B 385 -18.16 -12.38 -26.93
CA ARG B 385 -18.07 -11.43 -25.83
C ARG B 385 -16.86 -11.83 -24.98
N ARG B 386 -15.77 -11.08 -25.10
CA ARG B 386 -14.49 -11.55 -24.57
C ARG B 386 -14.48 -11.51 -23.05
N LYS B 387 -15.13 -12.49 -22.43
CA LYS B 387 -15.27 -12.52 -20.98
C LYS B 387 -15.45 -13.96 -20.53
N ASN B 388 -14.64 -14.39 -19.56
CA ASN B 388 -14.87 -15.66 -18.89
C ASN B 388 -16.12 -15.54 -18.03
N LEU B 389 -17.03 -16.49 -18.16
CA LEU B 389 -18.33 -16.41 -17.49
C LEU B 389 -18.48 -17.59 -16.54
N ILE B 390 -18.75 -17.29 -15.27
CA ILE B 390 -19.11 -18.29 -14.29
C ILE B 390 -20.64 -18.36 -14.26
N PHE B 391 -21.19 -19.55 -14.46
CA PHE B 391 -22.62 -19.70 -14.61
C PHE B 391 -23.08 -21.01 -14.00
N SER B 392 -24.37 -21.08 -13.72
CA SER B 392 -25.01 -22.29 -13.21
C SER B 392 -25.81 -22.96 -14.33
N ASP B 393 -25.92 -24.28 -14.25
CA ASP B 393 -26.64 -25.07 -15.25
C ASP B 393 -27.48 -26.12 -14.52
N GLU B 394 -28.74 -25.80 -14.30
CA GLU B 394 -29.69 -26.73 -13.67
C GLU B 394 -30.52 -27.39 -14.77
N LYS B 395 -30.36 -28.70 -14.92
CA LYS B 395 -31.03 -29.43 -15.99
C LYS B 395 -31.56 -30.77 -15.50
N LYS B 403 -17.70 -33.26 -15.78
CA LYS B 403 -17.40 -32.10 -16.60
C LYS B 403 -16.08 -31.45 -16.19
N HIS B 404 -15.23 -31.16 -17.18
CA HIS B 404 -13.96 -30.50 -16.90
C HIS B 404 -14.15 -29.02 -16.58
N GLY B 405 -15.02 -28.32 -17.30
CA GLY B 405 -15.17 -26.90 -17.11
C GLY B 405 -16.07 -26.56 -15.93
N LEU B 406 -15.57 -26.72 -14.72
CA LEU B 406 -16.30 -26.41 -13.51
C LEU B 406 -15.57 -25.31 -12.73
N LEU B 407 -16.35 -24.48 -12.04
CA LEU B 407 -15.75 -23.41 -11.24
C LEU B 407 -14.83 -23.98 -10.17
N THR B 408 -15.25 -25.03 -9.49
CA THR B 408 -14.42 -25.61 -8.42
C THR B 408 -13.11 -26.15 -8.98
N ARG B 409 -13.15 -26.78 -10.15
CA ARG B 409 -11.92 -27.30 -10.75
C ARG B 409 -10.95 -26.17 -11.07
N PHE B 410 -11.46 -25.02 -11.54
CA PHE B 410 -10.60 -23.89 -11.84
C PHE B 410 -9.95 -23.34 -10.58
N VAL B 411 -10.75 -23.11 -9.54
CA VAL B 411 -10.23 -22.50 -8.31
C VAL B 411 -9.21 -23.42 -7.65
N ASN B 412 -9.49 -24.73 -7.60
CA ASN B 412 -8.51 -25.66 -7.07
C ASN B 412 -7.24 -25.68 -7.90
N GLU B 413 -7.39 -25.66 -9.23
CA GLU B 413 -6.22 -25.60 -10.10
C GLU B 413 -5.46 -24.29 -9.91
N ALA B 414 -6.18 -23.17 -9.80
CA ALA B 414 -5.53 -21.88 -9.63
C ALA B 414 -4.83 -21.79 -8.28
N ASP B 415 -5.44 -22.34 -7.22
CA ASP B 415 -4.80 -22.32 -5.92
C ASP B 415 -3.52 -23.13 -5.91
N VAL B 416 -3.52 -24.28 -6.59
CA VAL B 416 -2.32 -25.12 -6.64
C VAL B 416 -1.17 -24.38 -7.31
N ILE B 417 -1.47 -23.62 -8.37
CA ILE B 417 -0.43 -22.87 -9.06
C ILE B 417 0.09 -21.73 -8.19
N TYR B 418 -0.82 -21.04 -7.48
CA TYR B 418 -0.40 -19.92 -6.64
C TYR B 418 0.52 -20.40 -5.53
N GLN B 419 0.18 -21.51 -4.88
CA GLN B 419 1.07 -22.06 -3.87
C GLN B 419 2.28 -22.75 -4.49
N TRP B 420 2.19 -23.11 -5.78
CA TRP B 420 3.37 -23.59 -6.48
C TRP B 420 4.38 -22.46 -6.65
N PHE B 421 3.92 -21.27 -7.02
CA PHE B 421 4.82 -20.13 -7.13
C PHE B 421 5.43 -19.79 -5.77
N LEU B 422 4.59 -19.68 -4.74
CA LEU B 422 5.09 -19.39 -3.40
C LEU B 422 6.01 -20.50 -2.91
N GLY B 423 5.68 -21.75 -3.22
CA GLY B 423 6.59 -22.83 -2.89
C GLY B 423 7.89 -22.76 -3.67
N THR B 424 7.79 -22.49 -4.97
CA THR B 424 9.00 -22.31 -5.79
C THR B 424 9.78 -21.09 -5.34
N MET B 425 9.09 -20.03 -4.93
CA MET B 425 9.77 -18.84 -4.43
C MET B 425 10.67 -19.16 -3.25
N ARG B 426 10.22 -20.06 -2.36
CA ARG B 426 11.02 -20.42 -1.20
C ARG B 426 12.24 -21.25 -1.60
N LYS B 427 12.08 -22.13 -2.60
CA LYS B 427 13.22 -22.88 -3.09
C LYS B 427 14.24 -21.99 -3.77
N ALA B 428 13.77 -20.99 -4.52
CA ALA B 428 14.68 -20.06 -5.17
C ALA B 428 15.47 -19.24 -4.16
N VAL B 429 14.81 -18.82 -3.08
CA VAL B 429 15.49 -18.08 -2.03
C VAL B 429 16.56 -18.95 -1.38
N PHE B 430 16.23 -20.21 -1.12
CA PHE B 430 17.21 -21.15 -0.57
C PHE B 430 18.32 -21.43 -1.58
N GLN B 431 17.98 -21.56 -2.86
CA GLN B 431 18.98 -21.75 -3.89
C GLN B 431 19.89 -20.53 -4.01
N TYR B 432 19.30 -19.33 -3.93
CA TYR B 432 20.09 -18.11 -4.00
C TYR B 432 21.12 -18.06 -2.87
N TRP B 433 20.74 -18.49 -1.67
CA TRP B 433 21.64 -18.40 -0.53
C TRP B 433 22.84 -19.31 -0.70
N GLU B 434 22.66 -20.45 -1.36
CA GLU B 434 23.80 -21.33 -1.62
C GLU B 434 24.71 -20.77 -2.69
N ASN B 435 24.16 -20.04 -3.66
CA ASN B 435 24.98 -19.41 -4.69
C ASN B 435 25.88 -18.33 -4.10
N VAL B 436 25.40 -17.60 -3.10
CA VAL B 436 26.12 -16.46 -2.56
C VAL B 436 26.88 -16.78 -1.27
N ARG B 437 26.59 -17.92 -0.64
CA ARG B 437 27.33 -18.28 0.56
C ARG B 437 28.80 -18.52 0.23
N GLY B 438 29.08 -19.18 -0.89
CA GLY B 438 30.47 -19.38 -1.29
C GLY B 438 31.14 -18.08 -1.69
N LEU B 439 30.41 -17.20 -2.38
CA LEU B 439 30.98 -15.93 -2.82
C LEU B 439 31.31 -15.06 -1.62
N GLU B 440 32.62 -14.90 -1.35
CA GLU B 440 33.08 -14.16 -0.17
C GLU B 440 33.55 -12.78 -0.62
N ILE B 441 32.58 -11.89 -0.88
CA ILE B 441 32.93 -10.56 -1.32
C ILE B 441 32.62 -9.52 -0.24
N GLU B 442 31.33 -9.34 0.06
CA GLU B 442 30.91 -8.37 1.07
C GLU B 442 29.66 -8.85 1.82
N VAL B 443 29.49 -10.17 1.94
CA VAL B 443 28.26 -10.70 2.52
C VAL B 443 28.19 -10.44 4.02
N ARG B 444 29.32 -10.08 4.65
CA ARG B 444 29.38 -9.76 6.07
C ARG B 444 28.99 -10.98 6.92
N GLU B 445 28.75 -10.77 8.21
CA GLU B 445 28.37 -11.89 9.06
C GLU B 445 27.00 -12.44 8.67
N ASN B 446 26.12 -11.61 8.10
CA ASN B 446 24.80 -12.08 7.72
C ASN B 446 24.91 -12.95 6.47
N ARG B 447 25.29 -14.22 6.66
CA ARG B 447 25.40 -15.18 5.59
C ARG B 447 24.38 -16.31 5.77
N SER B 448 23.37 -16.06 6.59
CA SER B 448 22.32 -17.03 6.86
C SER B 448 21.12 -16.73 5.96
N LEU B 449 20.13 -17.62 6.01
CA LEU B 449 18.97 -17.51 5.14
C LEU B 449 18.11 -16.33 5.56
N GLU B 450 18.45 -15.71 6.69
CA GLU B 450 17.74 -14.52 7.16
C GLU B 450 18.35 -13.24 6.60
N GLY B 451 19.68 -13.16 6.58
CA GLY B 451 20.33 -11.99 6.00
C GLY B 451 20.09 -11.87 4.51
N THR B 452 20.11 -13.00 3.81
CA THR B 452 19.89 -12.98 2.36
C THR B 452 18.42 -13.10 1.98
N PHE B 453 17.54 -13.37 2.94
CA PHE B 453 16.11 -13.43 2.62
C PHE B 453 15.61 -12.08 2.14
N GLN B 454 16.07 -10.99 2.77
CA GLN B 454 15.67 -9.66 2.33
C GLN B 454 16.08 -9.41 0.89
N GLU B 455 17.30 -9.79 0.53
CA GLU B 455 17.83 -9.53 -0.80
C GLU B 455 17.34 -10.54 -1.84
N ALA B 456 17.40 -11.84 -1.51
CA ALA B 456 17.06 -12.86 -2.50
C ALA B 456 15.63 -12.72 -2.98
N VAL B 457 14.72 -12.31 -2.11
CA VAL B 457 13.35 -12.07 -2.55
C VAL B 457 13.30 -10.83 -3.43
N GLN B 458 14.05 -9.79 -3.07
CA GLN B 458 14.02 -8.55 -3.85
C GLN B 458 14.59 -8.76 -5.24
N SER B 459 15.73 -9.45 -5.35
CA SER B 459 16.39 -9.61 -6.64
C SER B 459 15.53 -10.42 -7.60
N LEU B 460 14.89 -11.48 -7.12
CA LEU B 460 14.11 -12.33 -8.00
C LEU B 460 12.77 -11.71 -8.35
N LEU B 461 12.14 -11.02 -7.41
CA LEU B 461 10.86 -10.39 -7.72
C LEU B 461 11.02 -9.16 -8.60
N THR B 462 12.23 -8.61 -8.69
CA THR B 462 12.50 -7.47 -9.55
C THR B 462 12.79 -7.89 -10.99
N HIS B 463 13.59 -8.94 -11.17
CA HIS B 463 13.89 -9.42 -12.51
C HIS B 463 12.62 -9.91 -13.22
N PHE B 464 11.73 -10.58 -12.50
CA PHE B 464 10.47 -11.04 -13.06
C PHE B 464 9.39 -9.97 -13.04
N ASN B 465 9.68 -8.78 -12.50
CA ASN B 465 8.73 -7.68 -12.39
C ASN B 465 7.60 -7.98 -11.42
N LEU B 466 7.73 -9.00 -10.60
CA LEU B 466 6.69 -9.41 -9.66
C LEU B 466 6.88 -8.78 -8.29
N GLN B 467 7.00 -7.46 -8.22
CA GLN B 467 7.13 -6.79 -6.94
C GLN B 467 5.80 -6.63 -6.23
N GLU B 468 4.68 -6.93 -6.89
CA GLU B 468 3.39 -6.91 -6.21
C GLU B 468 3.28 -8.04 -5.19
N PHE B 469 3.94 -9.16 -5.44
CA PHE B 469 3.95 -10.31 -4.55
C PHE B 469 5.00 -10.20 -3.46
N GLU B 470 5.44 -8.98 -3.15
CA GLU B 470 6.52 -8.82 -2.18
C GLU B 470 6.05 -9.19 -0.77
N SER B 471 4.90 -8.67 -0.36
CA SER B 471 4.39 -8.96 0.98
C SER B 471 3.94 -10.42 1.08
N ALA B 472 3.27 -10.93 0.04
CA ALA B 472 2.78 -12.30 0.09
C ALA B 472 3.91 -13.31 0.19
N VAL B 473 5.12 -12.94 -0.22
CA VAL B 473 6.25 -13.85 -0.11
C VAL B 473 6.94 -13.70 1.24
N TYR B 474 7.06 -12.47 1.73
CA TYR B 474 7.69 -12.25 3.03
C TYR B 474 6.86 -12.86 4.16
N GLU B 475 5.54 -12.69 4.13
CA GLU B 475 4.68 -13.14 5.22
C GLU B 475 4.41 -14.63 5.17
N SER B 476 4.63 -15.30 4.03
CA SER B 476 4.41 -16.73 3.93
C SER B 476 5.68 -17.55 4.06
N PHE B 477 6.81 -16.89 4.32
CA PHE B 477 8.08 -17.60 4.48
C PHE B 477 8.24 -18.08 5.92
N ASP B 478 7.25 -18.80 6.43
CA ASP B 478 7.26 -19.27 7.81
C ASP B 478 6.23 -20.37 8.03
N LYS B 489 5.85 -33.58 1.35
CA LYS B 489 4.62 -34.37 1.38
C LYS B 489 3.47 -33.61 0.74
N ALA B 490 3.30 -33.80 -0.57
CA ALA B 490 2.27 -33.11 -1.31
C ALA B 490 0.93 -33.85 -1.18
N ASN B 491 -0.10 -33.33 -1.85
CA ASN B 491 -1.43 -33.93 -1.81
C ASN B 491 -1.59 -35.00 -2.88
N LYS B 492 -0.72 -36.02 -2.78
CA LYS B 492 -0.77 -37.15 -3.69
C LYS B 492 -0.90 -38.43 -2.86
N LEU B 493 -1.66 -39.39 -3.41
CA LEU B 493 -1.93 -40.63 -2.68
C LEU B 493 -0.67 -41.41 -2.38
N SER B 494 0.42 -41.16 -3.11
CA SER B 494 1.70 -41.80 -2.84
C SER B 494 2.58 -40.90 -1.96
N SER B 495 2.05 -40.57 -0.79
CA SER B 495 2.72 -39.70 0.16
C SER B 495 2.06 -39.88 1.52
N SER B 496 2.53 -39.11 2.50
CA SER B 496 1.98 -39.14 3.85
C SER B 496 0.96 -38.01 3.96
N LYS B 497 -0.27 -38.29 3.52
CA LYS B 497 -1.31 -37.28 3.52
C LYS B 497 -1.92 -37.13 4.91
N SER B 498 -2.18 -35.90 5.29
CA SER B 498 -2.81 -35.55 6.56
C SER B 498 -3.24 -34.10 6.49
N TYR B 499 -4.22 -33.73 7.31
CA TYR B 499 -4.68 -32.35 7.32
C TYR B 499 -3.67 -31.44 8.01
N HIS B 500 -2.79 -31.99 8.84
CA HIS B 500 -1.92 -31.18 9.67
C HIS B 500 -0.72 -30.62 8.92
N HIS B 501 -0.43 -31.12 7.70
CA HIS B 501 0.44 -30.42 6.77
C HIS B 501 -0.34 -30.33 5.46
N THR B 502 -1.31 -29.44 5.46
CA THR B 502 -2.24 -29.14 4.38
C THR B 502 -3.12 -28.07 5.02
N GLY B 503 -4.12 -27.56 4.34
CA GLY B 503 -5.03 -26.67 5.02
C GLY B 503 -6.28 -26.42 4.21
N LEU B 504 -7.30 -25.98 4.93
CA LEU B 504 -8.55 -25.58 4.32
C LEU B 504 -8.30 -24.33 3.46
N LYS B 505 -9.18 -24.11 2.50
CA LYS B 505 -9.02 -22.99 1.59
C LYS B 505 -10.41 -22.41 1.36
N LEU B 506 -10.69 -21.26 1.97
CA LEU B 506 -11.97 -20.60 1.82
C LEU B 506 -11.87 -19.55 0.74
N VAL B 507 -12.69 -19.68 -0.29
CA VAL B 507 -12.66 -18.81 -1.46
C VAL B 507 -14.03 -18.16 -1.60
N GLU B 508 -14.04 -16.85 -1.76
CA GLU B 508 -15.26 -16.11 -2.03
C GLU B 508 -15.18 -15.51 -3.42
N VAL B 509 -16.22 -15.71 -4.22
CA VAL B 509 -16.26 -15.17 -5.57
C VAL B 509 -17.38 -14.15 -5.65
N ALA B 510 -17.05 -12.89 -5.41
CA ALA B 510 -18.01 -11.80 -5.42
C ALA B 510 -17.53 -10.70 -6.34
N HIS B 511 -18.44 -9.81 -6.71
CA HIS B 511 -18.10 -8.73 -7.62
C HIS B 511 -17.09 -7.78 -6.99
N ASN B 512 -16.16 -7.30 -7.81
CA ASN B 512 -15.14 -6.39 -7.33
C ASN B 512 -15.75 -5.06 -6.92
N GLN B 513 -15.00 -4.29 -6.13
CA GLN B 513 -15.49 -3.03 -5.63
C GLN B 513 -15.44 -1.97 -6.73
N GLY B 514 -16.53 -1.21 -6.87
CA GLY B 514 -16.60 -0.20 -7.89
C GLY B 514 -17.10 -0.74 -9.22
N THR B 515 -16.29 -1.58 -9.86
CA THR B 515 -16.69 -2.17 -11.13
C THR B 515 -17.80 -3.19 -10.92
N ARG B 516 -18.70 -3.27 -11.90
CA ARG B 516 -19.91 -4.06 -11.78
C ARG B 516 -19.87 -5.37 -12.54
N ASP B 517 -18.91 -5.57 -13.45
CA ASP B 517 -18.88 -6.74 -14.31
C ASP B 517 -17.53 -7.44 -14.20
N THR B 518 -17.04 -7.63 -12.98
CA THR B 518 -15.87 -8.45 -12.75
C THR B 518 -15.94 -9.03 -11.35
N VAL B 519 -15.30 -10.17 -11.15
CA VAL B 519 -15.29 -10.87 -9.87
C VAL B 519 -13.85 -11.16 -9.48
N ASN B 520 -13.65 -11.38 -8.18
CA ASN B 520 -12.35 -11.70 -7.63
C ASN B 520 -12.47 -12.92 -6.72
N CYS B 521 -11.46 -13.78 -6.76
CA CYS B 521 -11.44 -14.98 -5.93
C CYS B 521 -10.62 -14.68 -4.68
N LYS B 522 -11.30 -14.09 -3.70
CA LYS B 522 -10.64 -13.72 -2.46
C LYS B 522 -10.39 -14.97 -1.62
N ALA B 523 -9.26 -15.63 -1.84
CA ALA B 523 -8.96 -16.89 -1.19
C ALA B 523 -8.23 -16.66 0.12
N SER B 524 -8.70 -17.31 1.18
CA SER B 524 -8.05 -17.31 2.47
C SER B 524 -7.56 -18.71 2.79
N PHE B 525 -6.28 -18.84 3.10
CA PHE B 525 -5.63 -20.13 3.25
C PHE B 525 -5.31 -20.41 4.71
N LEU B 526 -5.14 -21.70 5.00
CA LEU B 526 -4.68 -22.19 6.29
C LEU B 526 -3.63 -23.27 6.07
N ASN B 527 -2.61 -22.94 5.27
CA ASN B 527 -1.72 -23.91 4.64
C ASN B 527 -1.12 -24.93 5.59
N THR B 528 -1.23 -24.70 6.89
CA THR B 528 -0.77 -25.64 7.90
C THR B 528 -1.63 -25.48 9.14
N SER B 529 -1.30 -26.24 10.18
CA SER B 529 -2.06 -26.29 11.41
C SER B 529 -1.12 -26.06 12.58
N PRO B 530 -1.65 -25.60 13.72
CA PRO B 530 -0.76 -25.36 14.89
C PRO B 530 0.02 -26.59 15.30
N SER B 531 -0.56 -27.78 15.12
CA SER B 531 0.20 -29.01 15.35
C SER B 531 1.23 -29.23 14.25
N GLY B 532 0.87 -28.88 13.01
CA GLY B 532 1.86 -28.92 11.94
C GLY B 532 2.97 -27.91 12.15
N VAL B 533 2.63 -26.72 12.63
CA VAL B 533 3.63 -25.70 12.92
C VAL B 533 4.58 -26.20 14.01
N LEU B 534 4.03 -26.84 15.04
CA LEU B 534 4.86 -27.36 16.12
C LEU B 534 5.81 -28.44 15.62
N ALA B 535 5.34 -29.29 14.70
CA ALA B 535 6.20 -30.30 14.11
C ALA B 535 7.27 -29.66 13.22
N ASP B 536 6.92 -28.58 12.52
CA ASP B 536 7.90 -27.87 11.71
C ASP B 536 9.03 -27.30 12.57
N MET B 537 8.72 -26.84 13.78
CA MET B 537 9.76 -26.35 14.68
C MET B 537 10.75 -27.46 15.02
N VAL B 538 10.23 -28.65 15.35
CA VAL B 538 11.11 -29.73 15.77
C VAL B 538 11.92 -30.26 14.60
N ASP B 539 11.31 -30.33 13.41
CA ASP B 539 12.05 -30.77 12.23
C ASP B 539 13.10 -29.75 11.81
N ALA B 540 12.90 -28.48 12.16
CA ALA B 540 13.92 -27.47 11.92
C ALA B 540 15.14 -27.70 12.80
N GLY B 541 14.94 -28.16 14.03
CA GLY B 541 16.03 -28.41 14.94
C GLY B 541 15.80 -27.87 16.33
N ALA B 542 14.58 -27.42 16.61
CA ALA B 542 14.25 -26.91 17.93
C ALA B 542 14.19 -28.04 18.94
N VAL B 543 14.35 -27.69 20.21
CA VAL B 543 14.44 -28.66 21.29
C VAL B 543 13.31 -28.34 22.26
N ILE B 544 12.15 -27.96 21.72
CA ILE B 544 10.99 -27.49 22.48
C ILE B 544 10.71 -28.34 23.71
N LEU B 545 10.42 -27.68 24.82
CA LEU B 545 10.03 -28.32 26.07
C LEU B 545 8.62 -27.88 26.43
N GLY B 546 7.74 -28.85 26.64
CA GLY B 546 6.38 -28.54 27.02
C GLY B 546 6.16 -28.71 28.50
N ILE B 547 5.86 -27.60 29.19
CA ILE B 547 5.74 -27.59 30.65
C ILE B 547 4.29 -27.22 30.97
N SER B 548 3.47 -28.22 31.23
CA SER B 548 2.07 -28.01 31.54
C SER B 548 1.49 -29.28 32.14
N ALA B 549 0.52 -29.13 33.04
CA ALA B 549 -0.10 -30.29 33.66
C ALA B 549 -0.89 -31.10 32.65
N THR B 550 -1.74 -30.43 31.88
CA THR B 550 -2.54 -31.09 30.85
C THR B 550 -1.85 -30.97 29.49
N ALA B 551 -0.59 -31.39 29.46
CA ALA B 551 0.21 -31.33 28.24
C ALA B 551 -0.05 -32.49 27.30
N ARG B 552 -0.75 -33.52 27.74
CA ARG B 552 -1.03 -34.69 26.92
C ARG B 552 -2.50 -35.06 27.01
N ALA B 553 -3.38 -34.08 26.90
CA ALA B 553 -4.81 -34.35 26.90
C ALA B 553 -5.20 -35.08 25.61
N ASP B 554 -6.37 -35.71 25.65
CA ASP B 554 -6.84 -36.50 24.52
C ASP B 554 -7.83 -35.70 23.68
N THR B 555 -7.57 -34.40 23.53
CA THR B 555 -8.36 -33.55 22.65
C THR B 555 -7.43 -32.83 21.69
N VAL B 556 -7.98 -32.49 20.52
CA VAL B 556 -7.27 -31.69 19.53
C VAL B 556 -7.81 -30.27 19.44
N ILE B 557 -8.93 -29.99 20.09
CA ILE B 557 -9.51 -28.65 20.05
C ILE B 557 -8.70 -27.71 20.93
N HIS B 558 -8.38 -28.14 22.16
CA HIS B 558 -7.64 -27.33 23.12
C HIS B 558 -6.20 -27.81 23.29
N ASN B 559 -5.66 -28.52 22.31
CA ASN B 559 -4.34 -29.10 22.43
C ASN B 559 -3.85 -29.45 21.03
N PHE B 560 -2.58 -29.88 20.97
CA PHE B 560 -2.04 -30.40 19.73
C PHE B 560 -2.45 -31.86 19.54
N ASP B 561 -2.63 -32.23 18.28
CA ASP B 561 -2.95 -33.62 17.96
C ASP B 561 -1.70 -34.47 18.19
N PHE B 562 -1.66 -35.20 19.31
CA PHE B 562 -0.49 -35.97 19.66
C PHE B 562 -0.46 -37.35 19.03
N LYS B 563 -1.47 -37.71 18.25
CA LYS B 563 -1.39 -38.90 17.42
C LYS B 563 -0.74 -38.60 16.09
N TYR B 564 -0.98 -37.41 15.53
CA TYR B 564 -0.24 -36.98 14.35
C TYR B 564 1.19 -36.65 14.70
N LEU B 565 1.40 -35.91 15.80
CA LEU B 565 2.75 -35.58 16.23
C LEU B 565 3.54 -36.83 16.60
N ASN B 566 2.84 -37.92 16.95
CA ASN B 566 3.54 -39.17 17.23
C ASN B 566 4.03 -39.82 15.94
N GLU B 567 3.18 -39.84 14.90
CA GLU B 567 3.58 -40.45 13.64
C GLU B 567 4.55 -39.58 12.85
N ARG B 568 4.39 -38.26 12.89
CA ARG B 568 5.27 -37.38 12.13
C ARG B 568 6.65 -37.29 12.76
N LEU B 569 6.70 -37.13 14.09
CA LEU B 569 7.99 -37.01 14.76
C LEU B 569 8.63 -38.37 14.99
N GLY B 570 7.83 -39.35 15.41
CA GLY B 570 8.35 -40.69 15.65
C GLY B 570 8.98 -40.82 17.02
N ASN B 571 10.30 -41.01 17.06
CA ASN B 571 11.01 -41.10 18.33
C ASN B 571 11.49 -39.76 18.84
N LYS B 572 11.39 -38.71 18.03
CA LYS B 572 11.80 -37.38 18.50
C LYS B 572 10.81 -36.83 19.52
N LEU B 573 9.56 -37.28 19.47
CA LEU B 573 8.59 -36.92 20.51
C LEU B 573 8.90 -37.71 21.76
N LEU B 574 9.75 -37.16 22.62
CA LEU B 574 10.22 -37.88 23.80
C LEU B 574 9.08 -38.12 24.78
N SER B 575 9.23 -39.14 25.61
CA SER B 575 8.23 -39.52 26.59
C SER B 575 8.94 -39.91 27.89
N LEU B 576 8.15 -40.24 28.90
CA LEU B 576 8.65 -40.62 30.21
C LEU B 576 8.35 -42.09 30.49
N SER B 577 9.35 -42.80 31.02
CA SER B 577 9.21 -44.22 31.29
C SER B 577 8.36 -44.45 32.53
N ARG B 578 8.20 -45.72 32.90
CA ARG B 578 7.41 -46.06 34.08
C ARG B 578 8.04 -45.50 35.35
N GLU B 579 9.35 -45.69 35.51
CA GLU B 579 10.02 -45.28 36.75
C GLU B 579 10.01 -43.75 36.90
N GLN B 580 10.11 -43.03 35.79
CA GLN B 580 10.19 -41.57 35.86
C GLN B 580 8.85 -40.97 36.27
N LYS B 581 7.76 -41.45 35.68
CA LYS B 581 6.44 -40.98 36.10
C LYS B 581 6.07 -41.51 37.47
N GLN B 582 6.68 -42.63 37.88
CA GLN B 582 6.51 -43.12 39.24
C GLN B 582 7.33 -42.29 40.23
N ARG B 583 8.52 -41.85 39.80
CA ARG B 583 9.33 -41.00 40.66
C ARG B 583 8.65 -39.67 40.93
N VAL B 584 8.01 -39.09 39.91
CA VAL B 584 7.35 -37.81 40.08
C VAL B 584 6.21 -37.92 41.08
N ASN B 585 5.42 -38.99 40.99
CA ASN B 585 4.30 -39.16 41.93
C ASN B 585 4.80 -39.27 43.36
N ASN B 586 5.91 -39.97 43.56
CA ASN B 586 6.49 -40.06 44.91
C ASN B 586 6.93 -38.69 45.40
N TYR B 587 7.53 -37.88 44.53
CA TYR B 587 7.91 -36.52 44.91
C TYR B 587 6.68 -35.69 45.25
N TYR B 588 5.64 -35.78 44.42
CA TYR B 588 4.40 -35.06 44.72
C TYR B 588 3.69 -35.62 45.95
N HIS B 589 3.81 -36.93 46.19
CA HIS B 589 3.23 -37.52 47.39
C HIS B 589 3.95 -37.08 48.65
N SER B 590 5.24 -36.75 48.56
CA SER B 590 6.00 -36.29 49.71
C SER B 590 5.70 -34.83 50.03
N ARG B 591 5.76 -33.99 49.01
CA ARG B 591 5.53 -32.53 49.19
C ARG B 591 4.02 -32.26 49.38
N ARG B 592 3.18 -33.27 49.14
CA ARG B 592 1.73 -33.13 49.43
C ARG B 592 1.33 -34.43 50.15
N ASN B 593 1.61 -34.52 51.44
CA ASN B 593 1.33 -35.71 52.24
C ASN B 593 0.01 -35.46 52.95
N TYR B 594 -1.09 -35.75 52.25
CA TYR B 594 -2.41 -35.34 52.71
C TYR B 594 -2.86 -36.16 53.92
N LYS B 595 -2.75 -37.49 53.83
CA LYS B 595 -3.45 -38.36 54.77
C LYS B 595 -2.66 -38.59 56.05
N ASP B 596 -1.37 -38.93 55.95
CA ASP B 596 -0.58 -39.23 57.14
C ASP B 596 -0.47 -38.02 58.07
N ASN B 597 -0.30 -36.83 57.51
CA ASN B 597 -0.36 -35.63 58.35
C ASN B 597 -1.78 -35.37 58.82
N GLY B 598 -2.78 -35.77 58.05
CA GLY B 598 -4.17 -35.69 58.46
C GLY B 598 -4.91 -34.54 57.83
N VAL B 599 -5.64 -34.82 56.75
CA VAL B 599 -6.55 -33.87 56.11
C VAL B 599 -7.76 -34.67 55.62
N VAL B 600 -8.78 -33.94 55.17
CA VAL B 600 -9.98 -34.55 54.63
C VAL B 600 -10.37 -33.81 53.34
N LEU B 601 -10.59 -34.57 52.28
CA LEU B 601 -11.07 -34.03 51.00
C LEU B 601 -12.52 -34.48 50.82
N THR B 602 -13.45 -33.69 51.33
CA THR B 602 -14.87 -33.97 51.19
C THR B 602 -15.32 -33.54 49.79
N VAL B 603 -15.97 -34.45 49.07
CA VAL B 603 -16.48 -34.19 47.73
C VAL B 603 -17.99 -34.37 47.74
N LYS B 604 -18.70 -33.39 47.22
CA LYS B 604 -20.15 -33.43 47.14
C LYS B 604 -20.59 -33.12 45.71
N TYR B 605 -21.62 -33.84 45.27
CA TYR B 605 -22.19 -33.65 43.94
C TYR B 605 -23.59 -33.05 44.11
N LEU B 606 -23.83 -31.90 43.50
CA LEU B 606 -25.03 -31.11 43.74
C LEU B 606 -25.93 -31.18 42.52
N ASN B 607 -27.21 -31.49 42.74
CA ASN B 607 -28.21 -31.59 41.69
C ASN B 607 -29.10 -30.36 41.72
N SER B 608 -30.08 -30.34 40.81
CA SER B 608 -31.11 -29.31 40.85
C SER B 608 -31.98 -29.52 42.09
N ARG B 609 -32.14 -28.46 42.87
CA ARG B 609 -32.82 -28.52 44.17
C ARG B 609 -33.93 -27.50 44.23
N ASP B 610 -34.81 -27.54 43.23
CA ASP B 610 -35.97 -26.66 43.10
C ASP B 610 -36.66 -26.38 44.43
N ALA B 611 -36.82 -27.42 45.25
CA ALA B 611 -37.41 -27.22 46.58
C ALA B 611 -36.53 -26.32 47.44
N PHE B 612 -35.21 -26.52 47.39
CA PHE B 612 -34.30 -25.73 48.21
C PHE B 612 -34.35 -24.24 47.86
N LEU B 613 -34.37 -23.93 46.56
CA LEU B 613 -34.38 -22.53 46.15
C LEU B 613 -35.74 -21.89 46.32
N ASP B 614 -36.82 -22.68 46.22
CA ASP B 614 -38.16 -22.12 46.37
C ASP B 614 -38.35 -21.50 47.75
N ALA B 615 -37.89 -22.19 48.79
CA ALA B 615 -38.02 -21.67 50.15
C ALA B 615 -37.25 -20.35 50.31
N LEU B 616 -36.05 -20.29 49.76
CA LEU B 616 -35.26 -19.06 49.86
C LEU B 616 -35.91 -17.91 49.12
N LEU B 617 -36.41 -18.16 47.90
CA LEU B 617 -37.05 -17.11 47.13
C LEU B 617 -38.34 -16.64 47.80
N GLU B 618 -39.11 -17.56 48.36
CA GLU B 618 -40.31 -17.18 49.09
C GLU B 618 -39.97 -16.32 50.30
N GLU B 619 -38.93 -16.71 51.04
CA GLU B 619 -38.58 -15.99 52.25
C GLU B 619 -38.04 -14.59 51.94
N TYR B 620 -37.41 -14.41 50.78
CA TYR B 620 -36.89 -13.10 50.42
C TYR B 620 -38.01 -12.09 50.21
N LYS B 621 -38.88 -12.35 49.25
CA LYS B 621 -40.00 -11.47 48.93
C LYS B 621 -41.28 -12.29 48.85
N PRO B 622 -41.91 -12.59 49.99
CA PRO B 622 -43.15 -13.38 49.97
C PRO B 622 -44.37 -12.60 49.50
N GLU B 623 -44.31 -11.27 49.47
CA GLU B 623 -45.47 -10.47 49.11
C GLU B 623 -45.89 -10.65 47.66
N ALA B 624 -44.99 -11.10 46.79
CA ALA B 624 -45.34 -11.30 45.40
C ALA B 624 -46.15 -12.58 45.23
N ARG B 625 -46.77 -12.72 44.05
CA ARG B 625 -47.70 -13.82 43.83
C ARG B 625 -47.00 -15.17 43.88
N SER B 626 -45.80 -15.28 43.30
CA SER B 626 -45.11 -16.55 43.22
C SER B 626 -43.62 -16.29 43.04
N SER B 627 -42.84 -17.37 43.05
CA SER B 627 -41.40 -17.25 42.87
C SER B 627 -41.03 -16.73 41.49
N HIS B 628 -41.88 -17.00 40.49
CA HIS B 628 -41.60 -16.50 39.14
C HIS B 628 -41.64 -14.99 39.07
N PHE B 629 -42.46 -14.35 39.90
CA PHE B 629 -42.46 -12.89 39.95
C PHE B 629 -41.13 -12.36 40.48
N ILE B 630 -40.53 -13.07 41.43
CA ILE B 630 -39.21 -12.68 41.93
C ILE B 630 -38.18 -12.76 40.81
N LEU B 631 -38.32 -13.74 39.92
CA LEU B 631 -37.40 -13.88 38.80
C LEU B 631 -37.45 -12.67 37.88
N ASN B 632 -38.66 -12.15 37.62
CA ASN B 632 -38.84 -11.04 36.69
C ASN B 632 -38.82 -9.67 37.37
N HIS B 633 -38.81 -9.61 38.70
CA HIS B 633 -38.81 -8.33 39.41
C HIS B 633 -37.44 -8.02 40.02
N TYR B 634 -36.92 -8.92 40.85
CA TYR B 634 -35.66 -8.69 41.54
C TYR B 634 -34.51 -9.50 40.95
N LEU B 635 -34.75 -10.24 39.87
CA LEU B 635 -33.72 -11.04 39.23
C LEU B 635 -33.62 -10.84 37.73
N GLY B 636 -34.62 -10.23 37.08
CA GLY B 636 -34.54 -9.95 35.66
C GLY B 636 -34.46 -11.19 34.79
N ILE B 637 -35.31 -12.18 35.07
CA ILE B 637 -35.33 -13.42 34.32
C ILE B 637 -36.77 -13.70 33.89
N ALA B 638 -36.96 -13.98 32.61
CA ALA B 638 -38.28 -14.29 32.06
C ALA B 638 -38.50 -15.80 32.08
N GLU B 639 -39.54 -16.26 31.37
CA GLU B 639 -39.85 -17.67 31.27
C GLU B 639 -39.03 -18.39 30.22
N SER B 640 -37.93 -17.78 29.77
CA SER B 640 -37.04 -18.40 28.79
C SER B 640 -35.84 -19.08 29.43
N GLU B 641 -35.11 -18.37 30.28
CA GLU B 641 -33.92 -18.91 30.94
C GLU B 641 -34.20 -19.38 32.36
N GLN B 642 -35.47 -19.42 32.78
CA GLN B 642 -35.77 -19.73 34.17
C GLN B 642 -35.33 -21.14 34.55
N ALA B 643 -35.41 -22.10 33.62
CA ALA B 643 -35.00 -23.46 33.91
C ALA B 643 -33.48 -23.54 34.08
N PHE B 644 -32.73 -22.70 33.37
CA PHE B 644 -31.29 -22.72 33.48
C PHE B 644 -30.80 -21.90 34.68
N VAL B 645 -31.34 -20.69 34.85
CA VAL B 645 -30.86 -19.83 35.92
C VAL B 645 -31.09 -20.47 37.27
N ARG B 646 -32.22 -21.17 37.42
CA ARG B 646 -32.47 -21.92 38.65
C ARG B 646 -31.43 -23.02 38.84
N SER B 647 -31.04 -23.68 37.75
CA SER B 647 -30.07 -24.78 37.86
C SER B 647 -28.74 -24.29 38.42
N TRP B 648 -28.22 -23.18 37.90
CA TRP B 648 -26.96 -22.66 38.39
C TRP B 648 -27.11 -21.71 39.57
N LEU B 649 -28.35 -21.42 39.99
CA LEU B 649 -28.57 -20.74 41.26
C LEU B 649 -28.83 -21.70 42.40
N SER B 650 -29.64 -22.74 42.16
CA SER B 650 -29.90 -23.74 43.19
C SER B 650 -28.63 -24.49 43.56
N LYS B 651 -27.81 -24.82 42.56
CA LYS B 651 -26.56 -25.53 42.82
C LYS B 651 -25.50 -24.60 43.42
N LEU B 652 -25.52 -23.33 43.05
CA LEU B 652 -24.55 -22.38 43.60
C LEU B 652 -24.84 -22.12 45.08
N LEU B 653 -26.10 -21.84 45.41
CA LEU B 653 -26.45 -21.53 46.79
C LEU B 653 -26.25 -22.73 47.71
N ALA B 654 -26.62 -23.93 47.24
CA ALA B 654 -26.50 -25.11 48.10
C ALA B 654 -25.06 -25.35 48.53
N SER B 655 -24.09 -24.99 47.69
CA SER B 655 -22.69 -25.10 48.09
C SER B 655 -22.29 -23.97 49.04
N ILE B 656 -22.96 -22.82 48.95
CA ILE B 656 -22.61 -21.68 49.81
C ILE B 656 -22.87 -22.02 51.27
N LYS B 657 -24.05 -22.58 51.56
CA LYS B 657 -24.41 -22.83 52.95
C LYS B 657 -23.61 -23.98 53.54
N ALA B 658 -23.19 -24.94 52.74
CA ALA B 658 -22.37 -26.03 53.25
C ALA B 658 -20.98 -25.54 53.62
N PHE B 659 -20.49 -24.49 52.95
CA PHE B 659 -19.23 -23.87 53.34
C PHE B 659 -19.39 -23.09 54.64
N ILE B 660 -20.49 -22.34 54.77
CA ILE B 660 -20.76 -21.59 55.99
C ILE B 660 -20.97 -22.51 57.19
N SER B 661 -21.41 -23.74 56.96
CA SER B 661 -21.62 -24.69 58.05
C SER B 661 -20.31 -24.99 58.77
N SER B 662 -19.19 -24.99 58.05
CA SER B 662 -17.89 -25.23 58.65
C SER B 662 -17.26 -23.92 59.08
N PRO B 663 -16.98 -23.72 60.37
CA PRO B 663 -16.38 -22.45 60.81
C PRO B 663 -14.89 -22.34 60.56
N ASP B 664 -14.16 -23.47 60.53
CA ASP B 664 -12.71 -23.41 60.36
C ASP B 664 -12.33 -22.90 58.98
N ASN B 665 -12.93 -23.45 57.93
CA ASN B 665 -12.64 -23.00 56.58
C ASN B 665 -13.16 -21.59 56.36
N ARG B 666 -12.35 -20.73 55.75
CA ARG B 666 -12.71 -19.33 55.55
C ARG B 666 -12.29 -18.86 54.16
N TYR B 667 -12.40 -19.71 53.16
CA TYR B 667 -12.03 -19.31 51.79
C TYR B 667 -12.80 -20.19 50.82
N MET B 668 -13.80 -19.61 50.15
CA MET B 668 -14.56 -20.31 49.13
C MET B 668 -14.39 -19.60 47.79
N LEU B 669 -13.97 -20.34 46.78
CA LEU B 669 -13.86 -19.84 45.41
C LEU B 669 -14.86 -20.60 44.55
N SER B 670 -15.80 -19.88 43.95
CA SER B 670 -16.76 -20.47 43.03
C SER B 670 -16.32 -20.14 41.61
N LEU B 671 -16.02 -21.17 40.83
CA LEU B 671 -15.56 -20.98 39.45
C LEU B 671 -16.72 -21.28 38.52
N LEU B 672 -17.51 -20.26 38.23
CA LEU B 672 -18.66 -20.41 37.36
C LEU B 672 -18.25 -20.14 35.91
N ASN B 673 -19.23 -20.08 35.01
CA ASN B 673 -18.99 -19.71 33.63
C ASN B 673 -19.56 -18.35 33.28
N ARG B 674 -20.50 -17.84 34.06
CA ARG B 674 -21.10 -16.53 33.82
C ARG B 674 -20.51 -15.55 34.82
N THR B 675 -20.11 -14.38 34.34
CA THR B 675 -19.48 -13.38 35.19
C THR B 675 -20.54 -12.68 36.01
N LEU B 676 -20.63 -13.03 37.29
CA LEU B 676 -21.52 -12.34 38.22
C LEU B 676 -20.83 -11.07 38.68
N ASP B 677 -21.26 -9.94 38.15
CA ASP B 677 -20.64 -8.65 38.42
C ASP B 677 -21.71 -7.58 38.36
N THR B 678 -21.28 -6.31 38.24
CA THR B 678 -22.22 -5.20 38.20
C THR B 678 -23.19 -5.28 37.02
N THR B 679 -22.87 -6.07 36.00
CA THR B 679 -23.76 -6.22 34.85
C THR B 679 -25.09 -6.83 35.26
N ARG B 680 -25.07 -8.07 35.73
CA ARG B 680 -26.26 -8.71 36.29
C ARG B 680 -26.28 -8.57 37.80
N GLN B 681 -26.28 -7.32 38.25
CA GLN B 681 -26.26 -7.03 39.69
C GLN B 681 -27.57 -7.40 40.37
N ASN B 682 -28.65 -7.57 39.61
CA ASN B 682 -29.90 -8.01 40.21
C ASN B 682 -29.76 -9.39 40.85
N ILE B 683 -29.06 -10.31 40.18
CA ILE B 683 -28.75 -11.59 40.78
C ILE B 683 -27.81 -11.41 41.96
N ASN B 684 -26.88 -10.44 41.86
CA ASN B 684 -25.81 -10.33 42.84
C ASN B 684 -26.32 -10.05 44.24
N ASP B 685 -27.34 -9.18 44.37
CA ASP B 685 -27.84 -8.84 45.69
C ASP B 685 -28.66 -9.96 46.31
N PHE B 686 -29.33 -10.78 45.49
CA PHE B 686 -30.08 -11.91 46.02
C PHE B 686 -29.15 -12.91 46.69
N ILE B 687 -28.10 -13.32 45.98
CA ILE B 687 -27.12 -14.23 46.57
C ILE B 687 -26.33 -13.54 47.68
N GLN B 688 -26.13 -12.22 47.58
CA GLN B 688 -25.51 -11.49 48.69
C GLN B 688 -26.39 -11.58 49.94
N PHE B 689 -27.70 -11.43 49.77
CA PHE B 689 -28.61 -11.54 50.91
C PHE B 689 -28.60 -12.94 51.48
N CYS B 690 -28.57 -13.96 50.62
CA CYS B 690 -28.56 -15.35 51.10
C CYS B 690 -27.31 -15.65 51.90
N CYS B 691 -26.16 -15.14 51.45
CA CYS B 691 -24.93 -15.34 52.22
C CYS B 691 -25.00 -14.61 53.56
N ASP B 692 -25.53 -13.38 53.56
CA ASP B 692 -25.70 -12.66 54.82
C ASP B 692 -26.75 -13.32 55.70
N LYS B 693 -27.84 -13.81 55.10
CA LYS B 693 -28.88 -14.48 55.88
C LYS B 693 -28.33 -15.72 56.57
N TRP B 694 -27.60 -16.56 55.83
CA TRP B 694 -27.01 -17.75 56.43
C TRP B 694 -25.91 -17.39 57.42
N ALA B 695 -25.29 -16.23 57.26
CA ALA B 695 -24.23 -15.83 58.17
C ALA B 695 -24.76 -15.63 59.59
N LYS B 696 -25.95 -15.04 59.72
CA LYS B 696 -26.50 -14.75 61.04
C LYS B 696 -26.89 -16.04 61.76
N GLU B 697 -27.60 -16.94 61.08
CA GLU B 697 -28.08 -18.14 61.74
C GLU B 697 -26.97 -19.15 62.00
N PHE B 698 -25.81 -18.97 61.36
CA PHE B 698 -24.67 -19.83 61.60
C PHE B 698 -23.57 -19.14 62.40
N ASN B 699 -23.84 -17.95 62.92
CA ASN B 699 -22.88 -17.16 63.70
C ASN B 699 -21.62 -16.94 62.85
N VAL B 700 -21.78 -16.11 61.84
CA VAL B 700 -20.71 -15.77 60.90
C VAL B 700 -20.79 -14.30 60.54
N LYS B 701 -19.64 -13.63 60.54
CA LYS B 701 -19.50 -12.32 59.91
C LYS B 701 -18.81 -12.48 58.56
N THR B 702 -19.51 -13.14 57.65
CA THR B 702 -18.94 -13.49 56.36
C THR B 702 -18.81 -12.26 55.45
N LYS B 703 -17.91 -12.37 54.47
CA LYS B 703 -17.74 -11.37 53.44
C LYS B 703 -17.77 -12.04 52.07
N THR B 704 -18.28 -11.31 51.09
CA THR B 704 -18.36 -11.77 49.71
C THR B 704 -17.60 -10.80 48.82
N PHE B 705 -16.88 -11.33 47.84
CA PHE B 705 -16.08 -10.54 46.91
C PHE B 705 -16.64 -10.77 45.49
N PHE B 706 -17.58 -9.93 45.10
CA PHE B 706 -18.28 -10.10 43.83
C PHE B 706 -17.46 -9.56 42.66
N GLY B 707 -17.88 -9.94 41.46
CA GLY B 707 -17.40 -9.33 40.23
C GLY B 707 -15.91 -9.42 40.00
N VAL B 708 -15.28 -10.50 40.46
CA VAL B 708 -13.84 -10.62 40.36
C VAL B 708 -13.47 -11.24 39.01
N ASN B 709 -13.41 -10.41 37.98
CA ASN B 709 -12.99 -10.79 36.64
C ASN B 709 -11.70 -10.07 36.28
N ALA B 710 -11.21 -10.32 35.07
CA ALA B 710 -9.84 -9.94 34.70
C ALA B 710 -9.56 -8.47 34.97
N ASP B 711 -10.55 -7.60 34.82
CA ASP B 711 -10.38 -6.20 35.19
C ASP B 711 -10.19 -6.05 36.69
N TRP B 712 -10.84 -6.90 37.49
CA TRP B 712 -10.96 -6.63 38.91
C TRP B 712 -9.64 -6.87 39.65
N MET B 713 -8.89 -7.91 39.31
CA MET B 713 -7.62 -8.14 39.99
C MET B 713 -6.53 -7.20 39.49
N ARG B 714 -6.75 -6.52 38.38
CA ARG B 714 -5.66 -5.72 37.81
C ARG B 714 -5.24 -4.55 38.64
N LEU B 715 -6.16 -3.65 38.96
CA LEU B 715 -5.78 -2.40 39.61
C LEU B 715 -5.09 -2.62 40.96
N VAL B 716 -5.80 -3.07 41.99
CA VAL B 716 -5.14 -3.60 43.19
C VAL B 716 -5.87 -4.85 43.65
N GLY B 717 -6.69 -5.42 42.77
CA GLY B 717 -7.77 -6.28 43.18
C GLY B 717 -7.46 -7.45 44.09
N TYR B 718 -6.76 -8.46 43.59
CA TYR B 718 -6.68 -9.71 44.34
C TYR B 718 -5.79 -9.60 45.57
N ASP B 719 -5.06 -8.49 45.74
CA ASP B 719 -4.34 -8.28 46.98
C ASP B 719 -5.28 -7.87 48.11
N GLU B 720 -6.42 -7.26 47.77
CA GLU B 720 -7.39 -6.86 48.78
C GLU B 720 -7.99 -8.07 49.49
N ILE B 721 -8.28 -9.13 48.74
CA ILE B 721 -8.82 -10.35 49.34
C ILE B 721 -7.81 -10.98 50.28
N SER B 722 -6.53 -10.90 49.92
CA SER B 722 -5.49 -11.41 50.81
C SER B 722 -5.41 -10.64 52.12
N LYS B 723 -5.61 -9.31 52.07
CA LYS B 723 -5.52 -8.52 53.28
C LYS B 723 -6.66 -8.81 54.24
N HIS B 724 -7.86 -9.07 53.71
CA HIS B 724 -9.00 -9.34 54.58
C HIS B 724 -8.78 -10.58 55.42
N LEU B 725 -8.27 -11.65 54.82
CA LEU B 725 -7.93 -12.84 55.60
C LEU B 725 -6.63 -12.69 56.36
N ASN B 726 -5.88 -11.61 56.14
CA ASN B 726 -4.67 -11.36 56.89
C ASN B 726 -4.98 -10.83 58.29
N THR B 727 -6.04 -10.02 58.42
CA THR B 727 -6.38 -9.40 59.69
C THR B 727 -7.78 -9.74 60.21
N GLU B 728 -8.80 -9.67 59.36
CA GLU B 728 -10.17 -9.81 59.83
C GLU B 728 -10.52 -11.26 60.13
N LEU B 729 -11.61 -11.43 60.87
CA LEU B 729 -12.17 -12.74 61.20
C LEU B 729 -13.48 -12.90 60.43
N GLY B 730 -13.56 -13.94 59.60
CA GLY B 730 -14.78 -14.19 58.85
C GLY B 730 -14.50 -15.17 57.73
N LYS B 731 -15.53 -15.38 56.91
CA LYS B 731 -15.46 -16.27 55.76
C LYS B 731 -15.53 -15.44 54.49
N VAL B 732 -14.58 -15.66 53.59
CA VAL B 732 -14.54 -14.97 52.30
C VAL B 732 -15.04 -15.93 51.23
N VAL B 733 -15.98 -15.46 50.42
CA VAL B 733 -16.54 -16.24 49.32
C VAL B 733 -16.31 -15.46 48.04
N VAL B 734 -15.56 -16.05 47.11
CA VAL B 734 -15.14 -15.40 45.89
C VAL B 734 -15.88 -16.03 44.71
N PHE B 735 -16.38 -15.19 43.81
CA PHE B 735 -17.15 -15.63 42.64
C PHE B 735 -16.39 -15.27 41.38
N SER B 736 -15.63 -16.23 40.84
CA SER B 736 -14.83 -16.00 39.66
C SER B 736 -15.27 -16.97 38.57
N THR B 737 -14.57 -16.92 37.44
CA THR B 737 -14.82 -17.81 36.31
C THR B 737 -13.53 -18.51 35.92
N TYR B 738 -13.68 -19.55 35.09
CA TYR B 738 -12.51 -20.28 34.62
C TYR B 738 -11.60 -19.39 33.80
N ALA B 739 -12.18 -18.56 32.93
CA ALA B 739 -11.38 -17.62 32.15
C ALA B 739 -10.70 -16.59 33.06
N SER B 740 -11.42 -16.11 34.06
CA SER B 740 -10.88 -15.10 34.97
C SER B 740 -9.80 -15.64 35.89
N MET B 741 -9.48 -16.93 35.81
CA MET B 741 -8.43 -17.53 36.62
C MET B 741 -7.40 -18.19 35.73
N GLY B 742 -7.01 -17.52 34.65
CA GLY B 742 -6.16 -18.10 33.63
C GLY B 742 -4.85 -18.67 34.11
N ALA B 743 -3.94 -17.81 34.55
CA ALA B 743 -2.62 -18.24 35.03
C ALA B 743 -1.96 -17.04 35.69
N GLY B 744 -0.93 -17.33 36.49
CA GLY B 744 -0.21 -16.27 37.18
C GLY B 744 -0.89 -15.83 38.46
N LYS B 745 -2.22 -15.85 38.47
CA LYS B 745 -2.98 -15.53 39.68
C LYS B 745 -2.63 -16.53 40.77
N ASN B 746 -2.27 -16.01 41.94
CA ASN B 746 -1.88 -16.84 43.08
C ASN B 746 -2.94 -16.73 44.16
N PRO B 747 -3.97 -17.58 44.15
CA PRO B 747 -5.05 -17.45 45.15
C PRO B 747 -4.62 -17.91 46.54
N ASP B 748 -3.89 -17.03 47.23
CA ASP B 748 -3.38 -17.31 48.57
C ASP B 748 -3.59 -16.07 49.44
N TYR B 749 -3.05 -16.13 50.66
CA TYR B 749 -3.07 -15.00 51.56
C TYR B 749 -2.09 -15.25 52.69
N ALA B 750 -1.76 -14.18 53.41
CA ALA B 750 -0.86 -14.27 54.56
C ALA B 750 -1.66 -14.70 55.79
N VAL B 751 -1.23 -15.78 56.42
CA VAL B 751 -1.95 -16.37 57.54
C VAL B 751 -1.39 -15.81 58.84
N ASN B 752 -2.29 -15.59 59.81
CA ASN B 752 -1.91 -15.25 61.17
C ASN B 752 -2.42 -16.34 62.10
N LEU B 753 -1.54 -16.84 62.97
CA LEU B 753 -1.92 -17.87 63.92
C LEU B 753 -2.97 -17.37 64.92
N ALA B 754 -2.96 -16.08 65.24
CA ALA B 754 -4.03 -15.52 66.06
C ALA B 754 -5.37 -15.62 65.34
N LEU B 755 -5.38 -15.35 64.04
CA LEU B 755 -6.61 -15.47 63.26
C LEU B 755 -7.03 -16.93 63.11
N GLU B 756 -6.10 -17.80 62.73
CA GLU B 756 -6.39 -19.19 62.44
C GLU B 756 -5.68 -20.08 63.44
N GLY B 757 -6.43 -20.90 64.16
CA GLY B 757 -5.86 -21.75 65.18
C GLY B 757 -5.33 -23.06 64.66
N GLU B 758 -5.80 -24.17 65.23
CA GLU B 758 -5.39 -25.50 64.79
C GLU B 758 -6.05 -25.92 63.50
N SER B 759 -6.74 -25.02 62.81
CA SER B 759 -7.38 -25.36 61.54
C SER B 759 -6.34 -25.71 60.48
N LEU B 760 -5.23 -24.98 60.45
CA LEU B 760 -4.17 -25.25 59.49
C LEU B 760 -3.29 -26.41 59.96
N ILE B 761 -2.64 -27.05 58.99
CA ILE B 761 -1.71 -28.14 59.28
C ILE B 761 -0.77 -28.28 58.10
N SER B 762 0.51 -28.49 58.39
CA SER B 762 1.51 -28.64 57.33
C SER B 762 1.43 -30.03 56.73
N VAL B 763 1.65 -30.11 55.41
CA VAL B 763 1.61 -31.38 54.69
C VAL B 763 2.95 -31.77 54.11
N ALA B 764 3.91 -30.85 54.02
CA ALA B 764 5.22 -31.20 53.49
C ALA B 764 5.98 -32.07 54.50
N ASP B 765 6.57 -33.15 54.00
CA ASP B 765 7.33 -34.04 54.86
C ASP B 765 8.53 -33.32 55.47
N VAL B 766 9.10 -32.42 54.65
CA VAL B 766 10.23 -31.61 55.08
C VAL B 766 9.71 -30.20 55.30
N THR B 767 10.56 -29.19 55.20
CA THR B 767 10.13 -27.83 55.40
C THR B 767 10.86 -26.86 54.52
N TYR B 768 10.29 -26.52 53.37
CA TYR B 768 10.92 -25.49 52.54
C TYR B 768 10.50 -24.14 53.14
N SER B 769 11.02 -23.02 52.65
CA SER B 769 10.70 -21.72 53.26
C SER B 769 9.25 -21.56 53.69
N THR B 770 9.02 -20.82 54.77
CA THR B 770 7.65 -20.66 55.27
C THR B 770 6.93 -19.43 54.71
N GLN B 771 6.98 -18.30 55.41
CA GLN B 771 6.28 -17.08 54.98
C GLN B 771 4.79 -17.23 55.21
N LEU B 772 4.42 -18.15 56.07
CA LEU B 772 3.00 -18.34 56.42
C LEU B 772 1.96 -17.97 55.40
N ARG B 773 1.71 -18.85 54.44
CA ARG B 773 0.69 -18.72 53.42
C ARG B 773 -0.19 -19.96 53.39
N SER B 774 -1.47 -19.75 53.05
CA SER B 774 -2.40 -20.84 52.82
C SER B 774 -3.09 -20.62 51.47
N ASP B 775 -4.12 -21.40 51.18
CA ASP B 775 -4.84 -21.27 49.93
C ASP B 775 -6.32 -21.59 50.18
N ILE B 776 -7.06 -21.79 49.09
CA ILE B 776 -8.48 -22.10 49.20
C ILE B 776 -8.65 -23.48 49.83
N ASP B 777 -9.72 -23.64 50.60
CA ASP B 777 -10.04 -24.90 51.22
C ASP B 777 -11.38 -25.48 50.78
N SER B 778 -12.19 -24.75 50.01
CA SER B 778 -13.45 -25.27 49.49
C SER B 778 -13.79 -24.49 48.23
N ILE B 779 -13.82 -25.18 47.09
CA ILE B 779 -14.04 -24.56 45.80
C ILE B 779 -15.24 -25.21 45.13
N TYR B 780 -16.14 -24.39 44.58
CA TYR B 780 -17.25 -24.88 43.79
C TYR B 780 -16.87 -24.87 42.32
N LEU B 781 -17.11 -26.00 41.64
CA LEU B 781 -16.70 -26.18 40.25
C LEU B 781 -17.95 -26.41 39.39
N GLU B 782 -18.41 -25.35 38.73
CA GLU B 782 -19.52 -25.49 37.80
C GLU B 782 -19.03 -26.10 36.50
N LYS B 783 -19.97 -26.63 35.73
CA LYS B 783 -19.64 -27.32 34.48
C LYS B 783 -18.97 -26.36 33.51
N PRO B 784 -17.78 -26.68 33.00
CA PRO B 784 -17.17 -25.80 31.98
C PRO B 784 -17.95 -25.87 30.68
N THR B 785 -18.25 -24.69 30.14
CA THR B 785 -19.04 -24.54 28.92
C THR B 785 -18.31 -23.64 27.94
N GLN B 786 -18.81 -23.63 26.70
CA GLN B 786 -18.28 -22.82 25.62
C GLN B 786 -16.82 -23.17 25.35
N LEU B 787 -16.60 -24.46 25.07
CA LEU B 787 -15.26 -25.02 24.90
C LEU B 787 -14.80 -24.99 23.44
N LEU B 788 -15.63 -24.51 22.53
CA LEU B 788 -15.25 -24.41 21.12
C LEU B 788 -14.47 -23.12 20.92
N LEU B 789 -13.28 -23.24 20.32
CA LEU B 789 -12.42 -22.09 20.11
C LEU B 789 -13.11 -21.04 19.26
N SER B 790 -12.59 -19.82 19.32
CA SER B 790 -13.18 -18.71 18.59
C SER B 790 -12.12 -17.65 18.32
N ASP B 791 -12.37 -16.82 17.31
CA ASP B 791 -11.55 -15.66 17.01
C ASP B 791 -12.45 -14.48 16.72
N ASP B 792 -12.00 -13.28 17.12
CA ASP B 792 -12.77 -12.07 16.92
C ASP B 792 -12.04 -11.04 16.09
N TYR B 793 -10.90 -11.41 15.49
CA TYR B 793 -10.15 -10.47 14.66
C TYR B 793 -10.98 -10.00 13.47
N SER B 794 -11.67 -10.92 12.81
CA SER B 794 -12.52 -10.60 11.67
C SER B 794 -13.47 -11.76 11.46
N HIS B 795 -14.47 -11.54 10.60
CA HIS B 795 -15.38 -12.63 10.25
C HIS B 795 -14.68 -13.75 9.50
N THR B 796 -13.79 -13.40 8.57
CA THR B 796 -12.96 -14.41 7.92
C THR B 796 -11.97 -15.02 8.88
N ALA B 797 -11.51 -14.27 9.88
CA ALA B 797 -10.52 -14.76 10.82
C ALA B 797 -11.04 -15.93 11.66
N ASN B 798 -12.31 -15.89 12.08
CA ASN B 798 -12.84 -17.05 12.79
C ASN B 798 -13.49 -18.05 11.86
N GLN B 799 -13.75 -17.69 10.62
CA GLN B 799 -14.20 -18.69 9.65
C GLN B 799 -13.12 -19.74 9.44
N LEU B 800 -11.86 -19.32 9.34
CA LEU B 800 -10.77 -20.27 9.27
C LEU B 800 -10.67 -21.08 10.56
N CYS B 801 -10.88 -20.42 11.70
CA CYS B 801 -10.74 -21.10 12.99
C CYS B 801 -11.81 -22.19 13.15
N GLN B 802 -13.04 -21.90 12.75
CA GLN B 802 -14.12 -22.88 12.89
C GLN B 802 -13.92 -24.06 11.95
N PHE B 803 -13.43 -23.80 10.74
CA PHE B 803 -13.20 -24.89 9.79
C PHE B 803 -11.98 -25.72 10.17
N HIS B 804 -11.01 -25.12 10.84
CA HIS B 804 -9.88 -25.91 11.35
C HIS B 804 -10.35 -26.91 12.39
N GLN B 805 -11.27 -26.49 13.27
CA GLN B 805 -11.75 -27.36 14.33
C GLN B 805 -12.50 -28.56 13.78
N ILE B 806 -13.33 -28.34 12.76
CA ILE B 806 -14.08 -29.44 12.17
C ILE B 806 -13.14 -30.43 11.49
N LEU B 807 -12.16 -29.92 10.75
CA LEU B 807 -11.27 -30.81 10.02
C LEU B 807 -10.22 -31.44 10.92
N SER B 808 -9.99 -30.89 12.12
CA SER B 808 -9.06 -31.50 13.05
C SER B 808 -9.72 -32.56 13.91
N LEU B 809 -11.05 -32.51 14.05
CA LEU B 809 -11.79 -33.58 14.69
C LEU B 809 -11.97 -34.76 13.75
N GLN B 810 -12.17 -34.48 12.46
CA GLN B 810 -12.32 -35.56 11.49
C GLN B 810 -11.01 -36.29 11.26
N GLU B 811 -9.89 -35.57 11.27
CA GLU B 811 -8.60 -36.21 11.08
C GLU B 811 -8.27 -37.13 12.26
N ASN B 812 -8.68 -36.74 13.47
CA ASN B 812 -8.43 -37.57 14.65
C ASN B 812 -9.20 -38.89 14.57
N GLY B 813 -10.45 -38.83 14.13
CA GLY B 813 -11.35 -39.96 14.20
C GLY B 813 -12.50 -39.77 15.15
N GLU B 814 -12.62 -38.61 15.80
CA GLU B 814 -13.77 -38.35 16.66
C GLU B 814 -15.05 -38.27 15.84
N LEU B 815 -14.97 -37.66 14.65
CA LEU B 815 -16.10 -37.55 13.75
C LEU B 815 -15.88 -38.43 12.54
N SER B 816 -16.88 -39.26 12.22
CA SER B 816 -16.87 -39.96 10.95
C SER B 816 -17.07 -38.96 9.81
N PRO B 817 -16.51 -39.22 8.63
CA PRO B 817 -16.62 -38.25 7.53
C PRO B 817 -18.05 -37.95 7.13
N LYS B 818 -19.01 -38.82 7.47
CA LYS B 818 -20.40 -38.53 7.20
C LYS B 818 -20.86 -37.29 7.95
N SER B 819 -20.45 -37.16 9.22
CA SER B 819 -20.91 -36.05 10.04
C SER B 819 -20.01 -34.84 9.92
N ALA B 820 -18.71 -35.04 9.71
CA ALA B 820 -17.79 -33.91 9.58
C ALA B 820 -18.09 -33.09 8.33
N GLU B 821 -18.42 -33.76 7.22
CA GLU B 821 -18.84 -33.05 6.03
C GLU B 821 -20.18 -32.35 6.25
N ASN B 822 -21.08 -32.99 7.00
CA ASN B 822 -22.34 -32.35 7.35
C ASN B 822 -22.11 -31.10 8.19
N TRP B 823 -21.17 -31.17 9.12
CA TRP B 823 -20.85 -30.01 9.94
C TRP B 823 -20.24 -28.89 9.10
N CYS B 824 -19.33 -29.24 8.18
CA CYS B 824 -18.68 -28.22 7.35
C CYS B 824 -19.66 -27.56 6.39
N ARG B 825 -20.64 -28.32 5.90
CA ARG B 825 -21.65 -27.75 5.02
C ARG B 825 -22.52 -26.74 5.76
N GLN B 826 -22.94 -27.08 6.98
CA GLN B 826 -23.71 -26.14 7.78
C GLN B 826 -22.86 -24.94 8.17
N GLN B 827 -21.58 -25.16 8.51
CA GLN B 827 -20.71 -24.07 8.91
C GLN B 827 -20.57 -23.04 7.78
N LEU B 828 -20.51 -23.50 6.53
CA LEU B 828 -20.37 -22.59 5.41
C LEU B 828 -21.62 -21.76 5.20
N MET B 829 -22.78 -22.40 5.20
CA MET B 829 -24.04 -21.68 4.98
C MET B 829 -24.30 -20.69 6.12
N GLY B 830 -24.03 -21.10 7.34
CA GLY B 830 -24.27 -20.25 8.50
C GLY B 830 -25.00 -20.99 9.60
N MET B 831 -24.40 -21.04 10.79
CA MET B 831 -24.98 -21.74 11.92
C MET B 831 -24.89 -20.87 13.16
N SER B 832 -25.81 -21.10 14.09
CA SER B 832 -25.75 -20.46 15.40
C SER B 832 -24.70 -21.16 16.25
N ARG B 833 -24.09 -20.39 17.14
CA ARG B 833 -23.05 -20.96 18.01
C ARG B 833 -23.59 -22.12 18.83
N GLU B 834 -24.88 -22.12 19.13
CA GLU B 834 -25.48 -23.24 19.84
C GLU B 834 -25.43 -24.51 19.00
N ARG B 835 -25.67 -24.39 17.69
CA ARG B 835 -25.56 -25.54 16.81
C ARG B 835 -24.13 -26.06 16.78
N SER B 836 -23.15 -25.17 16.76
CA SER B 836 -21.75 -25.59 16.71
C SER B 836 -21.38 -26.38 17.95
N LEU B 837 -21.80 -25.90 19.13
CA LEU B 837 -21.45 -26.60 20.36
C LEU B 837 -22.25 -27.88 20.54
N GLN B 838 -23.46 -27.95 19.98
CA GLN B 838 -24.22 -29.19 20.07
C GLN B 838 -23.59 -30.29 19.26
N GLN B 839 -22.82 -29.95 18.22
CA GLN B 839 -22.08 -30.94 17.47
C GLN B 839 -20.81 -31.36 18.21
N TYR B 840 -20.14 -30.41 18.85
CA TYR B 840 -18.95 -30.72 19.64
C TYR B 840 -19.29 -31.60 20.84
N HIS B 841 -20.42 -31.32 21.50
CA HIS B 841 -20.82 -32.11 22.66
C HIS B 841 -21.04 -33.57 22.30
N GLN B 842 -21.42 -33.84 21.05
CA GLN B 842 -21.76 -35.19 20.63
C GLN B 842 -20.53 -36.08 20.44
N THR B 843 -19.34 -35.50 20.47
CA THR B 843 -18.12 -36.28 20.26
C THR B 843 -17.47 -36.63 21.60
N SER B 844 -16.54 -37.59 21.54
CA SER B 844 -15.76 -37.97 22.71
C SER B 844 -14.61 -37.01 22.99
N ASP B 845 -14.35 -36.08 22.07
CA ASP B 845 -13.35 -35.05 22.33
C ASP B 845 -13.80 -34.09 23.41
N TYR B 846 -15.12 -33.85 23.50
CA TYR B 846 -15.65 -32.91 24.48
C TYR B 846 -15.47 -33.41 25.90
N GLN B 847 -15.52 -34.73 26.12
CA GLN B 847 -15.35 -35.25 27.47
C GLN B 847 -13.94 -34.99 27.98
N SER B 848 -12.92 -35.20 27.15
CA SER B 848 -11.55 -34.95 27.56
C SER B 848 -11.21 -33.47 27.57
N ALA B 849 -12.06 -32.63 26.97
CA ALA B 849 -11.84 -31.19 27.03
C ALA B 849 -12.26 -30.62 28.37
N VAL B 850 -13.46 -30.99 28.84
CA VAL B 850 -13.95 -30.50 30.13
C VAL B 850 -13.14 -31.09 31.27
N ARG B 851 -12.67 -32.33 31.14
CA ARG B 851 -11.80 -32.92 32.14
C ARG B 851 -10.41 -32.33 32.12
N LYS B 852 -10.13 -31.41 31.20
CA LYS B 852 -8.91 -30.62 31.21
C LYS B 852 -9.09 -29.29 31.93
N TYR B 853 -10.27 -28.69 31.81
CA TYR B 853 -10.57 -27.47 32.55
C TYR B 853 -10.56 -27.73 34.05
N ILE B 854 -11.26 -28.78 34.48
CA ILE B 854 -11.33 -29.11 35.90
C ILE B 854 -9.95 -29.42 36.44
N GLU B 855 -9.19 -30.24 35.71
CA GLU B 855 -7.86 -30.63 36.17
C GLU B 855 -6.96 -29.41 36.37
N GLN B 856 -7.22 -28.33 35.65
CA GLN B 856 -6.48 -27.09 35.86
C GLN B 856 -7.05 -26.33 37.05
N ALA B 857 -8.37 -26.20 37.13
CA ALA B 857 -8.99 -25.42 38.20
C ALA B 857 -8.68 -26.02 39.56
N VAL B 858 -8.73 -27.34 39.67
CA VAL B 858 -8.39 -27.99 40.93
C VAL B 858 -6.90 -27.83 41.23
N GLY B 859 -6.06 -27.82 40.19
CA GLY B 859 -4.63 -27.72 40.40
C GLY B 859 -4.16 -26.32 40.75
N ARG B 860 -4.96 -25.30 40.48
CA ARG B 860 -4.55 -23.93 40.81
C ARG B 860 -4.67 -23.66 42.31
N ALA B 861 -5.50 -24.42 43.02
CA ALA B 861 -5.72 -24.21 44.44
C ALA B 861 -4.72 -24.91 45.32
N GLY B 862 -3.80 -25.71 44.76
CA GLY B 862 -2.83 -26.42 45.56
C GLY B 862 -1.45 -25.80 45.48
N ARG B 863 -1.32 -24.51 45.56
CA ARG B 863 -0.02 -23.94 45.39
C ARG B 863 0.70 -23.69 46.67
N THR B 864 0.04 -23.89 47.81
CA THR B 864 0.69 -23.74 49.11
C THR B 864 0.67 -25.06 49.85
N SER B 865 1.82 -25.41 50.43
CA SER B 865 1.91 -26.66 51.20
C SER B 865 1.05 -26.61 52.45
N LEU B 866 1.17 -25.54 53.24
CA LEU B 866 0.45 -25.42 54.49
C LEU B 866 -1.04 -25.31 54.22
N LYS B 867 -1.80 -26.34 54.57
CA LYS B 867 -3.17 -26.52 54.12
C LYS B 867 -4.10 -26.78 55.30
N ARG B 868 -5.39 -26.55 55.08
CA ARG B 868 -6.42 -26.86 56.05
C ARG B 868 -6.64 -28.37 56.09
N LYS B 869 -7.44 -28.82 57.06
CA LYS B 869 -7.75 -30.24 57.22
C LYS B 869 -9.08 -30.62 56.58
N GLN B 870 -10.10 -29.78 56.74
CA GLN B 870 -11.41 -30.03 56.18
C GLN B 870 -11.55 -29.31 54.84
N ILE B 871 -10.89 -29.87 53.83
CA ILE B 871 -10.94 -29.30 52.49
C ILE B 871 -12.18 -29.85 51.78
N LEU B 872 -13.13 -28.97 51.51
CA LEU B 872 -14.38 -29.35 50.87
C LEU B 872 -14.28 -29.18 49.36
N LEU B 873 -15.12 -29.92 48.63
CA LEU B 873 -15.16 -29.86 47.17
C LEU B 873 -16.60 -30.07 46.74
N PHE B 874 -17.18 -29.07 46.08
CA PHE B 874 -18.54 -29.15 45.57
C PHE B 874 -18.52 -28.92 44.06
N VAL B 875 -19.01 -29.89 43.30
CA VAL B 875 -19.05 -29.79 41.85
C VAL B 875 -20.44 -30.15 41.35
N ASP B 876 -20.74 -29.71 40.14
CA ASP B 876 -22.04 -29.95 39.54
C ASP B 876 -22.25 -31.43 39.27
N SER B 877 -23.51 -31.88 39.36
CA SER B 877 -23.85 -33.25 39.01
C SER B 877 -23.97 -33.47 37.51
N GLY B 878 -23.91 -32.41 36.71
CA GLY B 878 -23.75 -32.59 35.27
C GLY B 878 -22.38 -33.09 34.88
N LEU B 879 -21.46 -33.18 35.85
CA LEU B 879 -20.12 -33.68 35.65
C LEU B 879 -19.87 -35.02 36.31
N LYS B 880 -20.86 -35.56 37.04
CA LYS B 880 -20.65 -36.83 37.73
C LYS B 880 -20.40 -37.96 36.75
N GLU B 881 -21.17 -38.01 35.67
CA GLU B 881 -20.94 -39.03 34.64
C GLU B 881 -19.68 -38.72 33.84
N ILE B 882 -19.40 -37.44 33.58
CA ILE B 882 -18.20 -37.08 32.84
C ILE B 882 -16.95 -37.46 33.63
N LEU B 883 -16.95 -37.15 34.94
CA LEU B 883 -15.79 -37.47 35.75
C LEU B 883 -15.57 -38.97 35.87
N ALA B 884 -16.66 -39.75 35.92
CA ALA B 884 -16.52 -41.20 36.04
C ALA B 884 -15.88 -41.85 34.83
N GLU B 885 -15.77 -41.13 33.71
CA GLU B 885 -15.16 -41.66 32.51
C GLU B 885 -13.65 -41.52 32.48
N GLU B 886 -13.06 -40.80 33.44
CA GLU B 886 -11.62 -40.64 33.47
C GLU B 886 -10.93 -41.99 33.63
N SER B 887 -9.98 -42.27 32.74
CA SER B 887 -9.35 -43.59 32.71
C SER B 887 -7.85 -43.55 32.48
N ARG B 888 -7.18 -42.44 32.70
CA ARG B 888 -5.73 -42.37 32.55
C ARG B 888 -5.08 -42.96 33.81
N ASP B 889 -3.77 -42.76 33.96
CA ASP B 889 -3.05 -43.32 35.09
C ASP B 889 -2.90 -42.27 36.18
N PRO B 890 -3.48 -42.49 37.38
CA PRO B 890 -3.23 -41.58 38.51
C PRO B 890 -1.76 -41.34 38.83
N SER B 891 -0.85 -42.12 38.22
CA SER B 891 0.58 -42.01 38.50
C SER B 891 1.14 -40.63 38.21
N LEU B 892 0.40 -39.77 37.53
CA LEU B 892 0.80 -38.39 37.28
C LEU B 892 -0.24 -37.38 37.72
N PHE B 893 -1.34 -37.84 38.32
CA PHE B 893 -2.44 -36.97 38.70
C PHE B 893 -2.12 -36.23 39.99
N SER B 894 -2.97 -35.28 40.33
CA SER B 894 -2.83 -34.54 41.58
C SER B 894 -3.59 -35.26 42.70
N HIS B 895 -3.33 -34.82 43.94
CA HIS B 895 -4.03 -35.39 45.08
C HIS B 895 -5.47 -34.90 45.18
N GLU B 896 -5.75 -33.71 44.66
CA GLU B 896 -7.09 -33.13 44.75
C GLU B 896 -7.97 -33.42 43.55
N TYR B 897 -7.43 -34.03 42.50
CA TYR B 897 -8.24 -34.45 41.36
C TYR B 897 -8.60 -35.91 41.41
N VAL B 898 -7.73 -36.76 41.97
CA VAL B 898 -8.09 -38.17 42.17
C VAL B 898 -9.22 -38.27 43.17
N ALA B 899 -9.25 -37.41 44.18
CA ALA B 899 -10.36 -37.40 45.12
C ALA B 899 -11.65 -36.98 44.44
N LEU B 900 -11.56 -36.06 43.47
CA LEU B 900 -12.75 -35.64 42.74
C LEU B 900 -13.22 -36.73 41.78
N VAL B 901 -12.34 -37.64 41.39
CA VAL B 901 -12.72 -38.69 40.45
C VAL B 901 -13.03 -40.01 41.18
N ASN B 902 -12.41 -40.25 42.34
CA ASN B 902 -12.68 -41.48 43.08
C ASN B 902 -14.11 -41.52 43.56
N LYS B 903 -14.66 -40.38 44.00
CA LYS B 903 -16.05 -40.32 44.39
C LYS B 903 -16.97 -40.62 43.21
N ALA B 904 -16.60 -40.13 42.02
CA ALA B 904 -17.41 -40.41 40.83
C ALA B 904 -17.28 -41.86 40.39
N LYS B 905 -16.13 -42.49 40.61
CA LYS B 905 -16.01 -43.92 40.33
C LYS B 905 -16.84 -44.74 41.31
N SER B 906 -16.70 -44.46 42.60
CA SER B 906 -17.49 -45.12 43.64
C SER B 906 -18.85 -44.42 43.70
N ALA B 907 -19.66 -44.67 42.69
CA ALA B 907 -20.93 -43.99 42.51
C ALA B 907 -21.90 -44.94 41.83
N GLY B 908 -22.97 -44.39 41.26
CA GLY B 908 -24.03 -45.17 40.66
C GLY B 908 -23.58 -46.27 39.71
N LYS B 909 -22.98 -45.89 38.58
CA LYS B 909 -22.60 -46.87 37.57
C LYS B 909 -21.23 -46.54 37.00
N SER B 910 -20.52 -47.59 36.59
CA SER B 910 -19.21 -47.46 35.95
C SER B 910 -19.23 -48.30 34.68
N ILE B 911 -19.27 -47.65 33.52
CA ILE B 911 -19.35 -48.31 32.23
C ILE B 911 -18.23 -47.80 31.35
N VAL B 912 -18.21 -48.28 30.11
CA VAL B 912 -17.15 -47.95 29.16
C VAL B 912 -17.77 -47.23 27.97
N GLU B 913 -16.93 -46.45 27.29
CA GLU B 913 -17.31 -45.76 26.06
C GLU B 913 -16.61 -46.31 24.83
N ASP B 914 -15.62 -47.18 24.99
CA ASP B 914 -14.89 -47.79 23.88
C ASP B 914 -14.26 -46.72 22.99
N ARG B 915 -13.32 -45.99 23.59
CA ARG B 915 -12.73 -44.83 22.93
C ARG B 915 -12.02 -45.22 21.65
N ALA B 916 -11.23 -46.30 21.69
CA ALA B 916 -10.34 -46.65 20.59
C ALA B 916 -11.00 -47.48 19.50
N VAL B 917 -12.20 -48.01 19.72
CA VAL B 917 -12.82 -48.86 18.69
C VAL B 917 -13.75 -48.02 17.83
N ARG B 918 -14.41 -47.02 18.42
CA ARG B 918 -15.17 -46.09 17.61
C ARG B 918 -14.26 -45.17 16.81
N ARG B 919 -13.01 -45.01 17.27
CA ARG B 919 -12.01 -44.31 16.47
C ARG B 919 -11.63 -45.10 15.23
N LEU B 920 -11.57 -46.43 15.35
CA LEU B 920 -11.18 -47.26 14.22
C LEU B 920 -12.26 -47.28 13.15
N PHE B 921 -13.53 -47.25 13.56
CA PHE B 921 -14.61 -47.25 12.58
C PHE B 921 -14.61 -45.98 11.76
N ASN B 922 -14.12 -44.88 12.34
CA ASN B 922 -14.11 -43.60 11.63
C ASN B 922 -12.90 -43.49 10.71
N LEU B 923 -11.74 -43.94 11.18
CA LEU B 923 -10.54 -43.88 10.35
C LEU B 923 -10.57 -44.92 9.23
N ALA B 924 -11.31 -46.01 9.43
CA ALA B 924 -11.57 -46.92 8.33
C ALA B 924 -12.46 -46.28 7.29
N GLN B 925 -13.50 -45.58 7.73
CA GLN B 925 -14.39 -44.89 6.80
C GLN B 925 -13.67 -43.73 6.12
N ARG B 926 -12.80 -43.04 6.86
CA ARG B 926 -12.12 -41.87 6.31
C ARG B 926 -11.13 -42.25 5.22
N ASN B 927 -10.29 -43.25 5.48
CA ASN B 927 -9.28 -43.65 4.51
C ASN B 927 -9.92 -44.19 3.25
N ASN B 928 -11.09 -44.80 3.36
CA ASN B 928 -11.81 -45.24 2.17
C ASN B 928 -12.30 -44.05 1.35
N LYS B 929 -12.86 -43.05 2.01
CA LYS B 929 -13.33 -41.87 1.29
C LYS B 929 -12.18 -41.15 0.60
N ASP B 930 -11.00 -41.15 1.21
CA ASP B 930 -9.85 -40.55 0.57
C ASP B 930 -9.45 -41.30 -0.69
N GLY B 931 -9.48 -42.64 -0.64
CA GLY B 931 -9.18 -43.41 -1.83
C GLY B 931 -10.19 -43.20 -2.94
N MET B 932 -11.48 -43.18 -2.59
CA MET B 932 -12.52 -43.01 -3.60
C MET B 932 -12.43 -41.66 -4.28
N LEU B 933 -12.01 -40.63 -3.54
CA LEU B 933 -11.95 -39.29 -4.10
C LEU B 933 -10.64 -39.02 -4.82
N SER B 934 -9.52 -39.55 -4.30
CA SER B 934 -8.24 -39.31 -4.94
C SER B 934 -8.07 -40.13 -6.20
N ILE B 935 -8.47 -41.40 -6.17
CA ILE B 935 -8.35 -42.26 -7.35
C ILE B 935 -9.22 -41.73 -8.49
N LYS B 936 -10.44 -41.31 -8.18
CA LYS B 936 -11.32 -40.76 -9.21
C LYS B 936 -10.70 -39.53 -9.85
N ALA B 937 -9.84 -38.82 -9.12
CA ALA B 937 -9.16 -37.66 -9.69
C ALA B 937 -7.91 -38.07 -10.46
N LEU B 938 -7.23 -39.12 -10.01
CA LEU B 938 -6.04 -39.59 -10.72
C LEU B 938 -6.40 -40.17 -12.07
N VAL B 939 -7.51 -40.90 -12.15
CA VAL B 939 -7.95 -41.46 -13.42
C VAL B 939 -8.38 -40.37 -14.39
N HIS B 940 -9.17 -39.41 -13.91
CA HIS B 940 -9.62 -38.32 -14.77
C HIS B 940 -8.44 -37.52 -15.29
N ARG B 941 -7.42 -37.30 -14.46
CA ARG B 941 -6.22 -36.60 -14.91
C ARG B 941 -5.34 -37.47 -15.80
N LEU B 942 -5.67 -38.76 -15.92
CA LEU B 942 -5.04 -39.61 -16.94
C LEU B 942 -5.87 -39.71 -18.20
N HIS B 943 -7.04 -39.09 -18.24
CA HIS B 943 -7.89 -39.11 -19.42
C HIS B 943 -7.71 -37.88 -20.30
N ASN B 944 -6.72 -37.05 -20.00
CA ASN B 944 -6.35 -35.93 -20.87
C ASN B 944 -5.06 -36.25 -21.61
N GLN B 945 -4.93 -35.69 -22.80
CA GLN B 945 -3.75 -35.92 -23.63
C GLN B 945 -2.85 -34.71 -23.61
N PRO B 946 -1.58 -34.88 -23.23
CA PRO B 946 -0.91 -36.11 -22.81
C PRO B 946 -1.08 -36.38 -21.32
N ALA B 947 -0.57 -37.51 -20.84
CA ALA B 947 -0.55 -37.83 -19.41
C ALA B 947 0.79 -37.39 -18.83
N SER B 948 0.74 -36.63 -17.75
CA SER B 948 1.96 -36.09 -17.15
C SER B 948 2.88 -37.20 -16.67
N LYS B 949 4.18 -36.92 -16.68
CA LYS B 949 5.16 -37.89 -16.22
C LYS B 949 4.95 -38.25 -14.76
N SER B 950 4.63 -37.25 -13.93
CA SER B 950 4.31 -37.53 -12.53
C SER B 950 3.06 -38.38 -12.41
N ASP B 951 2.04 -38.08 -13.22
CA ASP B 951 0.76 -38.77 -13.09
C ASP B 951 0.89 -40.25 -13.41
N ILE B 952 1.67 -40.60 -14.45
CA ILE B 952 1.89 -42.01 -14.74
C ILE B 952 2.78 -42.64 -13.67
N GLN B 953 3.81 -41.92 -13.23
CA GLN B 953 4.70 -42.44 -12.20
C GLN B 953 3.95 -42.70 -10.90
N GLU B 954 3.06 -41.78 -10.51
CA GLU B 954 2.25 -41.98 -9.32
C GLU B 954 1.31 -43.16 -9.49
N TRP B 955 0.77 -43.34 -10.69
CA TRP B 955 -0.12 -44.47 -10.94
C TRP B 955 0.60 -45.80 -10.79
N GLN B 956 1.84 -45.88 -11.26
CA GLN B 956 2.62 -47.11 -11.09
C GLN B 956 2.86 -47.40 -9.61
N ASP B 957 3.25 -46.38 -8.85
CA ASP B 957 3.58 -46.58 -7.44
C ASP B 957 2.37 -47.02 -6.64
N ILE B 958 1.18 -46.50 -6.98
CA ILE B 958 -0.04 -46.94 -6.30
C ILE B 958 -0.23 -48.44 -6.48
N ARG B 959 -0.07 -48.92 -7.72
CA ARG B 959 -0.25 -50.35 -7.99
C ARG B 959 0.95 -51.16 -7.52
N THR B 960 2.16 -50.59 -7.61
CA THR B 960 3.35 -51.30 -7.19
C THR B 960 3.35 -51.56 -5.68
N GLN B 961 2.99 -50.56 -4.88
CA GLN B 961 2.96 -50.72 -3.43
C GLN B 961 1.76 -51.54 -2.99
N LEU B 962 0.62 -51.36 -3.67
CA LEU B 962 -0.60 -52.01 -3.24
C LEU B 962 -0.52 -53.53 -3.30
N LEU B 963 0.11 -54.06 -4.35
CA LEU B 963 0.11 -55.51 -4.55
C LEU B 963 1.43 -56.17 -4.19
N ARG B 964 2.51 -55.39 -3.99
CA ARG B 964 3.69 -55.95 -3.34
C ARG B 964 3.49 -56.12 -1.84
N TYR B 965 2.88 -55.12 -1.19
CA TYR B 965 2.61 -55.16 0.25
C TYR B 965 1.09 -55.20 0.46
N PRO B 966 0.47 -56.37 0.30
CA PRO B 966 -0.97 -56.45 0.54
C PRO B 966 -1.35 -56.14 1.98
N THR B 967 -0.48 -56.50 2.94
CA THR B 967 -0.69 -56.14 4.33
C THR B 967 0.63 -55.68 4.90
N VAL B 968 0.63 -54.50 5.51
CA VAL B 968 1.83 -53.92 6.10
C VAL B 968 1.77 -54.09 7.60
N ALA B 969 2.93 -54.28 8.22
CA ALA B 969 3.00 -54.59 9.64
C ALA B 969 2.62 -53.37 10.48
N PHE B 970 3.40 -52.30 10.37
CA PHE B 970 3.14 -51.10 11.16
C PHE B 970 2.17 -50.20 10.41
N GLN B 971 1.95 -49.00 10.95
CA GLN B 971 1.22 -47.99 10.22
C GLN B 971 2.17 -47.29 9.26
N PRO B 972 1.97 -47.41 7.95
CA PRO B 972 2.97 -46.86 7.01
C PRO B 972 3.00 -45.34 7.06
N GLU B 973 4.19 -44.80 6.80
CA GLU B 973 4.40 -43.37 6.77
C GLU B 973 4.50 -42.81 5.36
N ARG B 974 4.16 -43.60 4.34
CA ARG B 974 4.26 -43.17 2.96
C ARG B 974 3.02 -43.45 2.12
N PHE B 975 2.17 -44.39 2.52
CA PHE B 975 0.94 -44.69 1.80
C PHE B 975 -0.20 -44.85 2.79
N ASN B 976 -0.33 -43.89 3.70
CA ASN B 976 -1.24 -44.03 4.83
C ASN B 976 -2.70 -44.09 4.41
N ARG B 977 -3.03 -43.61 3.22
CA ARG B 977 -4.40 -43.67 2.73
C ARG B 977 -4.68 -44.93 1.93
N LEU B 978 -3.66 -45.76 1.68
CA LEU B 978 -3.85 -47.03 1.00
C LEU B 978 -4.49 -48.09 1.89
N TYR B 979 -4.28 -47.99 3.20
CA TYR B 979 -4.59 -49.07 4.12
C TYR B 979 -5.73 -48.66 5.06
N LEU B 980 -6.11 -49.61 5.91
CA LEU B 980 -7.31 -49.46 6.73
C LEU B 980 -7.14 -50.37 7.94
N GLN B 981 -6.93 -49.78 9.11
CA GLN B 981 -6.72 -50.57 10.31
C GLN B 981 -7.99 -51.34 10.66
N SER B 982 -7.83 -52.62 10.94
CA SER B 982 -8.95 -53.53 11.14
C SER B 982 -8.89 -54.16 12.52
N MET B 983 -10.06 -54.54 13.03
CA MET B 983 -10.15 -55.27 14.28
C MET B 983 -9.91 -56.76 14.11
N THR B 984 -9.85 -57.24 12.87
CA THR B 984 -9.52 -58.63 12.57
C THR B 984 -8.23 -58.66 11.76
N LYS B 985 -7.37 -59.63 12.06
CA LYS B 985 -6.06 -59.73 11.44
C LYS B 985 -6.20 -60.31 10.04
N GLY B 986 -5.71 -59.57 9.05
CA GLY B 986 -5.60 -60.06 7.69
C GLY B 986 -6.81 -59.84 6.81
N TYR B 987 -7.93 -59.39 7.36
CA TYR B 987 -9.16 -59.25 6.58
C TYR B 987 -10.19 -58.48 7.40
N TYR B 988 -11.34 -58.26 6.78
CA TYR B 988 -12.48 -57.59 7.41
C TYR B 988 -13.66 -57.70 6.44
N ARG B 989 -14.79 -57.14 6.84
CA ARG B 989 -16.01 -57.16 6.04
C ARG B 989 -16.55 -55.74 5.93
N TYR B 990 -16.93 -55.34 4.71
CA TYR B 990 -17.50 -54.02 4.45
C TYR B 990 -18.83 -54.19 3.74
N GLN B 991 -19.53 -53.07 3.57
CA GLN B 991 -20.77 -53.06 2.79
C GLN B 991 -21.06 -51.65 2.34
N GLY B 992 -21.05 -51.43 1.03
CA GLY B 992 -21.38 -50.12 0.49
C GLY B 992 -21.24 -50.11 -1.01
N ASN B 993 -21.87 -49.11 -1.62
CA ASN B 993 -21.79 -48.93 -3.07
C ASN B 993 -20.37 -48.53 -3.43
N LEU B 994 -19.63 -49.45 -4.05
CA LEU B 994 -18.22 -49.20 -4.31
C LEU B 994 -18.00 -48.14 -5.38
N ASP B 995 -19.01 -47.89 -6.21
CA ASP B 995 -18.94 -46.86 -7.25
C ASP B 995 -19.88 -45.70 -6.99
N GLY B 996 -20.40 -45.59 -5.77
CA GLY B 996 -21.35 -44.54 -5.45
C GLY B 996 -20.86 -43.60 -4.36
N ASP B 997 -21.70 -43.40 -3.35
CA ASP B 997 -21.39 -42.45 -2.29
C ASP B 997 -20.40 -43.06 -1.31
N PRO B 998 -19.27 -42.41 -1.04
CA PRO B 998 -18.31 -42.94 -0.06
C PRO B 998 -18.67 -42.62 1.38
N ASN B 999 -19.72 -41.86 1.63
CA ASN B 999 -20.17 -41.55 2.98
C ASN B 999 -21.08 -42.63 3.57
N SER B 1000 -21.53 -43.58 2.75
CA SER B 1000 -22.49 -44.58 3.18
C SER B 1000 -21.84 -45.93 3.48
N PHE B 1001 -20.51 -45.98 3.58
CA PHE B 1001 -19.83 -47.23 3.85
C PHE B 1001 -19.93 -47.61 5.31
N GLU B 1002 -20.02 -48.92 5.57
CA GLU B 1002 -19.95 -49.46 6.92
C GLU B 1002 -18.97 -50.63 6.92
N PHE B 1003 -18.31 -50.84 8.05
CA PHE B 1003 -17.22 -51.80 8.14
C PHE B 1003 -17.37 -52.67 9.38
N PHE B 1004 -16.65 -53.78 9.38
CA PHE B 1004 -16.41 -54.65 10.55
C PHE B 1004 -17.74 -55.15 11.08
N ASP B 1005 -18.05 -54.95 12.36
CA ASP B 1005 -19.19 -55.63 12.99
C ASP B 1005 -20.51 -54.96 12.64
N ARG B 1006 -20.48 -53.76 12.06
CA ARG B 1006 -21.72 -53.15 11.59
C ARG B 1006 -22.35 -53.98 10.48
N VAL B 1007 -21.54 -54.59 9.63
CA VAL B 1007 -22.02 -55.47 8.57
C VAL B 1007 -21.30 -56.81 8.66
N PRO B 1008 -21.77 -57.72 9.52
CA PRO B 1008 -21.11 -59.04 9.64
C PRO B 1008 -21.39 -59.96 8.47
N TYR B 1009 -22.24 -59.56 7.52
CA TYR B 1009 -22.57 -60.38 6.35
C TYR B 1009 -22.20 -59.66 5.06
N GLY B 1010 -21.22 -58.78 5.12
CA GLY B 1010 -20.81 -57.99 3.98
C GLY B 1010 -19.79 -58.70 3.11
N ASP B 1011 -19.04 -57.90 2.36
CA ASP B 1011 -18.05 -58.44 1.44
C ASP B 1011 -16.69 -58.55 2.13
N MET B 1012 -16.20 -59.78 2.25
CA MET B 1012 -14.92 -60.01 2.89
C MET B 1012 -13.79 -59.58 1.96
N VAL B 1013 -12.74 -59.02 2.55
CA VAL B 1013 -11.62 -58.49 1.78
C VAL B 1013 -10.38 -59.33 2.11
N SER B 1014 -10.60 -60.61 2.38
CA SER B 1014 -9.51 -61.53 2.68
C SER B 1014 -8.78 -61.92 1.40
N GLU B 1015 -7.70 -62.68 1.57
CA GLU B 1015 -6.98 -63.23 0.43
C GLU B 1015 -7.74 -64.35 -0.25
N GLU B 1016 -8.69 -64.99 0.44
CA GLU B 1016 -9.49 -66.04 -0.17
C GLU B 1016 -10.44 -65.47 -1.23
N ASP B 1017 -10.98 -64.28 -0.98
CA ASP B 1017 -11.92 -63.67 -1.93
C ASP B 1017 -11.24 -63.37 -3.26
N CYS B 1018 -10.02 -62.84 -3.21
CA CYS B 1018 -9.30 -62.55 -4.46
C CYS B 1018 -8.77 -63.83 -5.09
N SER B 1019 -8.59 -64.89 -4.29
CA SER B 1019 -8.11 -66.19 -4.78
C SER B 1019 -6.71 -66.07 -5.39
N LEU B 1020 -5.81 -65.41 -4.67
CA LEU B 1020 -4.42 -65.34 -5.11
C LEU B 1020 -3.73 -66.69 -5.03
N ALA B 1021 -4.19 -67.58 -4.14
CA ALA B 1021 -3.57 -68.90 -4.00
C ALA B 1021 -3.73 -69.71 -5.28
N THR B 1022 -4.91 -69.66 -5.91
CA THR B 1022 -5.11 -70.37 -7.16
C THR B 1022 -4.22 -69.82 -8.27
N LEU B 1023 -4.05 -68.49 -8.30
CA LEU B 1023 -3.22 -67.87 -9.33
C LEU B 1023 -1.76 -68.29 -9.18
N VAL B 1024 -1.25 -68.36 -7.95
CA VAL B 1024 0.16 -68.65 -7.74
C VAL B 1024 0.48 -70.14 -7.81
N GLN B 1025 -0.55 -71.00 -7.84
CA GLN B 1025 -0.31 -72.41 -8.07
C GLN B 1025 0.26 -72.63 -9.48
N ASN B 1026 -0.08 -71.75 -10.41
CA ASN B 1026 0.37 -71.89 -11.79
C ASN B 1026 1.90 -71.86 -11.87
N GLN B 1027 2.43 -72.68 -12.78
CA GLN B 1027 3.87 -72.80 -12.96
C GLN B 1027 4.48 -71.60 -13.69
N TYR B 1028 3.67 -70.74 -14.30
CA TYR B 1028 4.17 -69.55 -14.97
C TYR B 1028 4.00 -68.29 -14.13
N VAL B 1029 2.90 -68.16 -13.41
CA VAL B 1029 2.67 -66.96 -12.60
C VAL B 1029 3.62 -66.91 -11.42
N ARG B 1030 3.81 -68.04 -10.75
CA ARG B 1030 4.64 -68.07 -9.53
C ARG B 1030 6.05 -67.57 -9.76
N PRO B 1031 6.81 -68.02 -10.77
CA PRO B 1031 8.17 -67.49 -10.95
C PRO B 1031 8.21 -66.00 -11.22
N TRP B 1032 7.17 -65.45 -11.87
CA TRP B 1032 7.20 -64.03 -12.22
C TRP B 1032 7.07 -63.15 -10.99
N PHE B 1033 6.26 -63.57 -10.01
CA PHE B 1033 6.07 -62.77 -8.81
C PHE B 1033 7.36 -62.64 -8.00
N GLU B 1034 8.13 -63.72 -7.93
CA GLU B 1034 9.33 -63.71 -7.10
C GLU B 1034 10.36 -62.70 -7.60
N ARG B 1035 10.49 -62.57 -8.93
CA ARG B 1035 11.44 -61.61 -9.47
C ARG B 1035 11.05 -60.18 -9.12
N LYS B 1036 9.76 -59.86 -9.20
CA LYS B 1036 9.28 -58.52 -8.90
C LYS B 1036 8.81 -58.37 -7.46
N GLY B 1037 8.92 -59.41 -6.65
CA GLY B 1037 8.58 -59.32 -5.24
C GLY B 1037 7.10 -59.31 -4.94
N PHE B 1038 6.25 -59.51 -5.94
CA PHE B 1038 4.81 -59.46 -5.72
C PHE B 1038 4.38 -60.56 -4.76
N ALA B 1039 3.39 -60.26 -3.93
CA ALA B 1039 3.04 -61.13 -2.82
C ALA B 1039 2.49 -62.46 -3.32
N CYS B 1040 2.80 -63.52 -2.57
CA CYS B 1040 2.22 -64.84 -2.81
C CYS B 1040 1.13 -65.16 -1.78
N SER B 1041 1.27 -64.61 -0.57
CA SER B 1041 0.30 -64.79 0.50
C SER B 1041 0.16 -63.49 1.28
N TRP B 1042 -0.99 -63.33 1.93
CA TRP B 1042 -1.19 -62.16 2.77
C TRP B 1042 -0.76 -62.45 4.20
N GLN B 1043 -0.01 -61.52 4.79
CA GLN B 1043 0.38 -61.65 6.18
C GLN B 1043 -0.84 -61.50 7.08
N LYS B 1044 -0.66 -61.78 8.37
CA LYS B 1044 -1.74 -61.79 9.34
C LYS B 1044 -1.77 -60.54 10.20
N GLU B 1045 -1.47 -59.39 9.62
CA GLU B 1045 -1.48 -58.12 10.34
C GLU B 1045 -2.80 -57.39 10.10
N ALA B 1046 -3.04 -56.35 10.91
CA ALA B 1046 -4.30 -55.65 10.92
C ALA B 1046 -4.37 -54.48 9.95
N ASN B 1047 -3.26 -54.13 9.28
CA ASN B 1047 -3.26 -53.00 8.34
C ASN B 1047 -3.58 -53.52 6.94
N VAL B 1048 -4.84 -53.89 6.77
CA VAL B 1048 -5.36 -54.41 5.51
C VAL B 1048 -5.68 -53.29 4.55
N MET B 1049 -5.98 -53.63 3.30
CA MET B 1049 -6.15 -52.65 2.24
C MET B 1049 -7.55 -52.03 2.26
N THR B 1050 -7.65 -50.88 1.62
CA THR B 1050 -8.91 -50.17 1.49
C THR B 1050 -9.83 -50.93 0.55
N PRO B 1051 -11.15 -50.85 0.76
CA PRO B 1051 -12.07 -51.54 -0.17
C PRO B 1051 -12.01 -50.99 -1.59
N ILE B 1052 -12.13 -49.67 -1.75
CA ILE B 1052 -12.11 -49.09 -3.09
C ILE B 1052 -10.79 -49.36 -3.78
N MET B 1053 -9.70 -49.45 -3.03
CA MET B 1053 -8.39 -49.70 -3.61
C MET B 1053 -7.94 -51.13 -3.36
N PHE B 1054 -8.87 -52.07 -3.41
CA PHE B 1054 -8.59 -53.49 -3.47
C PHE B 1054 -9.28 -54.15 -4.65
N THR B 1055 -10.47 -53.69 -5.02
CA THR B 1055 -11.17 -54.20 -6.18
C THR B 1055 -10.89 -53.37 -7.43
N ASN B 1056 -10.74 -52.06 -7.27
CA ASN B 1056 -10.58 -51.19 -8.44
C ASN B 1056 -9.12 -51.03 -8.86
N ILE B 1057 -8.17 -51.28 -7.96
CA ILE B 1057 -6.77 -50.99 -8.27
C ILE B 1057 -5.92 -52.24 -8.10
N TYR B 1058 -6.36 -53.16 -7.23
CA TYR B 1058 -5.53 -54.30 -6.89
C TYR B 1058 -5.87 -55.54 -7.72
N LYS B 1059 -7.13 -55.97 -7.69
CA LYS B 1059 -7.53 -57.10 -8.54
C LYS B 1059 -7.45 -56.73 -10.01
N GLY B 1060 -7.64 -55.44 -10.34
CA GLY B 1060 -7.45 -55.01 -11.71
C GLY B 1060 -6.00 -55.11 -12.15
N ALA B 1061 -5.07 -54.87 -11.22
CA ALA B 1061 -3.65 -54.94 -11.56
C ALA B 1061 -3.08 -56.34 -11.34
N LEU B 1062 -3.67 -57.11 -10.43
CA LEU B 1062 -3.18 -58.47 -10.21
C LEU B 1062 -3.35 -59.33 -11.45
N GLY B 1063 -4.50 -59.21 -12.13
CA GLY B 1063 -4.68 -59.91 -13.39
C GLY B 1063 -3.77 -59.38 -14.47
N GLU B 1064 -3.51 -58.07 -14.47
CA GLU B 1064 -2.67 -57.48 -15.51
C GLU B 1064 -1.27 -58.07 -15.49
N GLN B 1065 -0.73 -58.31 -14.29
CA GLN B 1065 0.58 -58.95 -14.20
C GLN B 1065 0.48 -60.44 -14.53
N ALA B 1066 -0.61 -61.08 -14.12
CA ALA B 1066 -0.78 -62.51 -14.38
C ALA B 1066 -0.93 -62.79 -15.87
N VAL B 1067 -1.66 -61.94 -16.58
CA VAL B 1067 -1.87 -62.15 -18.01
C VAL B 1067 -0.54 -62.11 -18.75
N GLU B 1068 0.30 -61.12 -18.43
CA GLU B 1068 1.54 -60.97 -19.17
C GLU B 1068 2.49 -62.13 -18.90
N ALA B 1069 2.58 -62.57 -17.64
CA ALA B 1069 3.52 -63.62 -17.28
C ALA B 1069 3.19 -64.93 -17.99
N VAL B 1070 1.90 -65.25 -18.11
CA VAL B 1070 1.51 -66.44 -18.86
C VAL B 1070 1.90 -66.29 -20.33
N LEU B 1071 1.66 -65.11 -20.90
CA LEU B 1071 1.95 -64.87 -22.31
C LEU B 1071 3.41 -64.57 -22.58
N THR B 1072 4.24 -64.43 -21.54
CA THR B 1072 5.66 -64.19 -21.75
C THR B 1072 6.35 -65.41 -22.33
N ALA B 1073 5.96 -66.61 -21.90
CA ALA B 1073 6.58 -67.86 -22.33
C ALA B 1073 6.09 -68.34 -23.68
N PHE B 1074 5.46 -67.48 -24.48
CA PHE B 1074 5.01 -67.82 -25.82
C PHE B 1074 5.50 -66.81 -26.84
N ASP B 1075 6.72 -66.28 -26.64
CA ASP B 1075 7.38 -65.33 -27.52
C ASP B 1075 6.59 -64.03 -27.67
N PHE B 1076 5.70 -63.71 -26.74
CA PHE B 1076 4.91 -62.49 -26.80
C PHE B 1076 5.51 -61.48 -25.84
N THR B 1077 5.86 -60.31 -26.35
CA THR B 1077 6.47 -59.25 -25.56
C THR B 1077 5.60 -58.00 -25.62
N PHE B 1078 5.49 -57.30 -24.49
CA PHE B 1078 4.58 -56.17 -24.33
C PHE B 1078 5.37 -54.91 -24.00
N GLU B 1079 4.95 -53.79 -24.58
CA GLU B 1079 5.64 -52.52 -24.43
C GLU B 1079 4.68 -51.46 -23.88
N GLU B 1080 5.18 -50.23 -23.82
CA GLU B 1080 4.47 -49.16 -23.13
C GLU B 1080 3.36 -48.59 -24.00
N VAL B 1081 2.17 -48.45 -23.42
CA VAL B 1081 1.07 -47.74 -24.06
C VAL B 1081 1.45 -46.26 -24.21
N PRO B 1082 1.17 -45.63 -25.35
CA PRO B 1082 1.59 -44.23 -25.52
C PRO B 1082 0.75 -43.28 -24.67
N ASN B 1083 1.27 -42.06 -24.53
CA ASN B 1083 0.78 -41.05 -23.60
C ASN B 1083 -0.54 -40.42 -24.02
N SER B 1084 -1.24 -40.95 -25.03
CA SER B 1084 -2.56 -40.44 -25.38
C SER B 1084 -3.69 -41.40 -25.05
N ILE B 1085 -3.38 -42.69 -24.84
CA ILE B 1085 -4.39 -43.68 -24.50
C ILE B 1085 -3.97 -44.44 -23.25
N TYR B 1086 -3.23 -43.77 -22.37
CA TYR B 1086 -2.74 -44.44 -21.17
C TYR B 1086 -3.93 -44.89 -20.29
N GLU B 1087 -3.82 -46.10 -19.76
CA GLU B 1087 -4.80 -46.74 -18.88
C GLU B 1087 -6.04 -47.15 -19.69
N ARG B 1088 -6.10 -46.73 -20.95
CA ARG B 1088 -7.17 -47.19 -21.82
C ARG B 1088 -6.90 -48.63 -22.27
N PHE B 1089 -5.64 -49.00 -22.38
CA PHE B 1089 -5.24 -50.33 -22.79
C PHE B 1089 -4.05 -50.77 -21.93
N ASP B 1090 -3.95 -52.08 -21.70
CA ASP B 1090 -2.91 -52.61 -20.82
C ASP B 1090 -1.51 -52.34 -21.34
N ASN B 1091 -1.16 -52.93 -22.48
CA ASN B 1091 0.17 -52.78 -23.04
C ASN B 1091 0.12 -52.96 -24.55
N ARG B 1092 1.17 -52.50 -25.22
CA ARG B 1092 1.31 -52.65 -26.66
C ARG B 1092 1.96 -54.00 -26.95
N VAL B 1093 1.30 -54.81 -27.77
CA VAL B 1093 1.75 -56.16 -28.07
C VAL B 1093 2.41 -56.18 -29.44
N ILE B 1094 3.56 -56.82 -29.53
CA ILE B 1094 4.30 -56.99 -30.77
C ILE B 1094 4.49 -58.48 -31.02
N PHE B 1095 5.28 -58.83 -32.04
CA PHE B 1095 5.55 -60.19 -32.51
C PHE B 1095 4.47 -60.60 -33.50
N ALA B 1096 4.72 -61.68 -34.24
CA ALA B 1096 4.01 -62.18 -35.40
C ALA B 1096 4.34 -61.37 -36.66
N GLY B 1097 5.13 -60.31 -36.55
CA GLY B 1097 5.60 -59.57 -37.71
C GLY B 1097 4.55 -58.71 -38.36
N ILE B 1098 3.29 -58.83 -37.93
CA ILE B 1098 2.20 -58.11 -38.58
C ILE B 1098 2.32 -56.62 -38.28
N GLU B 1099 2.16 -55.80 -39.31
CA GLU B 1099 2.28 -54.36 -39.15
C GLU B 1099 1.18 -53.80 -38.26
N GLN B 1100 -0.04 -54.31 -38.41
CA GLN B 1100 -1.18 -53.87 -37.62
C GLN B 1100 -0.89 -54.07 -36.13
N PRO B 1101 -0.79 -52.98 -35.36
CA PRO B 1101 -0.39 -53.12 -33.95
C PRO B 1101 -1.39 -53.92 -33.15
N ILE B 1102 -0.89 -54.61 -32.13
CA ILE B 1102 -1.69 -55.48 -31.26
C ILE B 1102 -1.78 -54.82 -29.89
N TRP B 1103 -3.00 -54.68 -29.40
CA TRP B 1103 -3.30 -54.00 -28.15
C TRP B 1103 -3.61 -55.03 -27.06
N LEU B 1104 -4.02 -54.55 -25.89
CA LEU B 1104 -4.28 -55.42 -24.76
C LEU B 1104 -5.40 -54.84 -23.90
N ASP B 1105 -6.28 -55.71 -23.42
CA ASP B 1105 -7.32 -55.37 -22.45
C ASP B 1105 -7.35 -56.51 -21.43
N SER B 1106 -6.56 -56.35 -20.37
CA SER B 1106 -6.40 -57.40 -19.36
C SER B 1106 -7.34 -57.15 -18.19
N LYS B 1107 -8.07 -58.19 -17.79
CA LYS B 1107 -8.96 -58.11 -16.64
C LYS B 1107 -8.72 -59.32 -15.75
N TYR B 1108 -9.48 -59.46 -14.66
CA TYR B 1108 -9.22 -60.53 -13.71
C TYR B 1108 -10.30 -61.61 -13.70
N TRP B 1109 -11.56 -61.24 -13.90
CA TRP B 1109 -12.61 -62.19 -14.29
C TRP B 1109 -13.62 -61.44 -15.15
N LYS B 1110 -14.71 -62.11 -15.50
CA LYS B 1110 -15.79 -61.53 -16.28
C LYS B 1110 -16.75 -60.70 -15.43
N HIS B 1111 -16.71 -60.82 -14.12
CA HIS B 1111 -17.69 -60.17 -13.24
C HIS B 1111 -17.31 -58.73 -12.89
N GLU B 1112 -16.20 -58.24 -13.41
CA GLU B 1112 -15.79 -56.84 -13.24
C GLU B 1112 -15.42 -56.27 -14.60
N GLY B 1113 -15.49 -54.95 -14.72
CA GLY B 1113 -15.14 -54.31 -15.97
C GLY B 1113 -16.11 -54.63 -17.08
N ASN B 1114 -17.33 -54.11 -16.99
CA ASN B 1114 -18.37 -54.43 -17.96
C ASN B 1114 -17.90 -54.18 -19.39
N GLU B 1115 -17.32 -53.01 -19.64
CA GLU B 1115 -16.79 -52.64 -20.96
C GLU B 1115 -17.86 -52.81 -22.04
N SER B 1116 -18.90 -52.00 -21.93
CA SER B 1116 -20.01 -52.05 -22.86
C SER B 1116 -19.54 -51.79 -24.28
N SER B 1117 -20.31 -52.29 -25.25
CA SER B 1117 -19.93 -52.16 -26.66
C SER B 1117 -19.79 -50.70 -27.06
N GLU B 1118 -20.75 -49.86 -26.66
CA GLU B 1118 -20.62 -48.42 -26.90
C GLU B 1118 -19.42 -47.85 -26.18
N GLY B 1119 -19.22 -48.24 -24.92
CA GLY B 1119 -18.02 -47.82 -24.20
C GLY B 1119 -16.75 -48.36 -24.84
N TYR B 1120 -16.77 -49.63 -25.24
CA TYR B 1120 -15.61 -50.21 -25.92
C TYR B 1120 -15.36 -49.53 -27.26
N SER B 1121 -16.42 -49.26 -28.02
CA SER B 1121 -16.27 -48.62 -29.32
C SER B 1121 -15.65 -47.23 -29.20
N SER B 1122 -15.88 -46.56 -28.07
CA SER B 1122 -15.23 -45.27 -27.84
C SER B 1122 -13.72 -45.42 -27.75
N LYS B 1123 -13.26 -46.49 -27.09
CA LYS B 1123 -11.82 -46.71 -26.98
C LYS B 1123 -11.19 -47.06 -28.33
N ILE B 1124 -11.91 -47.79 -29.18
CA ILE B 1124 -11.37 -48.16 -30.48
C ILE B 1124 -11.15 -46.92 -31.34
N ALA B 1125 -12.11 -45.99 -31.35
CA ALA B 1125 -12.00 -44.81 -32.20
C ALA B 1125 -10.80 -43.96 -31.81
N LEU B 1126 -10.57 -43.80 -30.50
CA LEU B 1126 -9.42 -43.00 -30.06
C LEU B 1126 -8.11 -43.68 -30.41
N VAL B 1127 -8.13 -44.98 -30.69
CA VAL B 1127 -6.89 -45.66 -31.06
C VAL B 1127 -6.88 -46.00 -32.56
N GLU B 1128 -8.05 -46.08 -33.20
CA GLU B 1128 -8.08 -46.24 -34.65
C GLU B 1128 -7.54 -45.00 -35.35
N GLU B 1129 -7.85 -43.82 -34.80
CA GLU B 1129 -7.24 -42.59 -35.30
C GLU B 1129 -5.74 -42.60 -35.11
N GLU B 1130 -5.26 -43.27 -34.06
CA GLU B 1130 -3.84 -43.29 -33.76
C GLU B 1130 -3.04 -43.98 -34.86
N PHE B 1131 -3.30 -45.26 -35.10
CA PHE B 1131 -2.50 -46.05 -36.02
C PHE B 1131 -3.37 -46.87 -36.96
N GLY B 1132 -4.46 -46.29 -37.43
CA GLY B 1132 -5.33 -46.94 -38.40
C GLY B 1132 -5.90 -48.25 -37.90
N PRO B 1133 -5.69 -49.32 -38.66
CA PRO B 1133 -6.19 -50.64 -38.23
C PRO B 1133 -5.51 -51.09 -36.95
N SER B 1134 -6.23 -51.89 -36.17
CA SER B 1134 -5.71 -52.36 -34.90
C SER B 1134 -6.33 -53.70 -34.54
N LYS B 1135 -5.64 -54.44 -33.69
CA LYS B 1135 -6.13 -55.69 -33.14
C LYS B 1135 -6.31 -55.55 -31.63
N PHE B 1136 -7.19 -56.37 -31.08
CA PHE B 1136 -7.54 -56.30 -29.66
C PHE B 1136 -7.71 -57.69 -29.09
N ILE B 1137 -7.39 -57.85 -27.81
CA ILE B 1137 -7.55 -59.11 -27.10
C ILE B 1137 -8.20 -58.83 -25.75
N TYR B 1138 -9.10 -59.71 -25.34
CA TYR B 1138 -9.92 -59.55 -24.14
C TYR B 1138 -9.57 -60.62 -23.11
N VAL B 1139 -8.27 -60.84 -22.88
CA VAL B 1139 -7.82 -61.84 -21.93
C VAL B 1139 -8.31 -61.49 -20.52
N ASN B 1140 -8.86 -62.49 -19.83
CA ASN B 1140 -9.40 -62.29 -18.49
C ASN B 1140 -8.65 -63.10 -17.43
N ALA B 1141 -7.48 -63.63 -17.76
CA ALA B 1141 -6.65 -64.40 -16.83
C ALA B 1141 -7.40 -65.56 -16.19
N LEU B 1142 -7.83 -65.38 -14.95
CA LEU B 1142 -8.43 -66.45 -14.18
C LEU B 1142 -9.92 -66.57 -14.49
N GLY B 1143 -10.44 -67.78 -14.36
CA GLY B 1143 -11.83 -68.06 -14.65
C GLY B 1143 -11.99 -69.50 -15.09
N ASP B 1144 -13.02 -69.73 -15.90
CA ASP B 1144 -13.29 -71.06 -16.45
C ASP B 1144 -12.55 -71.22 -17.77
N THR B 1145 -11.68 -72.23 -17.83
CA THR B 1145 -10.92 -72.52 -19.04
C THR B 1145 -11.68 -73.40 -20.02
N SER B 1146 -12.85 -73.92 -19.64
CA SER B 1146 -13.58 -74.86 -20.48
C SER B 1146 -14.29 -74.19 -21.64
N LYS B 1147 -14.81 -72.98 -21.43
CA LYS B 1147 -15.61 -72.32 -22.47
C LYS B 1147 -14.73 -71.98 -23.68
N PRO B 1148 -15.16 -72.31 -24.89
CA PRO B 1148 -14.39 -71.94 -26.08
C PRO B 1148 -14.26 -70.42 -26.21
N ILE B 1149 -13.39 -70.02 -27.13
CA ILE B 1149 -13.17 -68.60 -27.40
C ILE B 1149 -14.29 -68.08 -28.31
N ARG B 1150 -14.48 -66.76 -28.28
CA ARG B 1150 -15.45 -66.09 -29.14
C ARG B 1150 -14.73 -65.09 -30.03
N TYR B 1151 -15.35 -64.80 -31.17
CA TYR B 1151 -14.81 -63.86 -32.15
C TYR B 1151 -15.83 -62.74 -32.34
N LEU B 1152 -15.41 -61.51 -32.05
CA LEU B 1152 -16.33 -60.38 -31.99
C LEU B 1152 -15.85 -59.27 -32.91
N ASN B 1153 -16.80 -58.51 -33.45
CA ASN B 1153 -16.51 -57.50 -34.46
C ASN B 1153 -16.19 -56.16 -33.80
N SER B 1154 -15.94 -55.14 -34.62
CA SER B 1154 -15.74 -53.80 -34.11
C SER B 1154 -16.99 -53.28 -33.39
N CYS B 1155 -18.17 -53.58 -33.92
CA CYS B 1155 -19.41 -53.26 -33.23
C CYS B 1155 -19.58 -54.06 -31.94
N PHE B 1156 -18.77 -55.10 -31.75
CA PHE B 1156 -18.73 -55.86 -30.50
C PHE B 1156 -20.08 -56.53 -30.22
N VAL B 1157 -20.62 -57.19 -31.25
CA VAL B 1157 -21.90 -57.89 -31.10
C VAL B 1157 -21.71 -59.37 -31.43
N GLU B 1158 -21.34 -59.67 -32.68
CA GLU B 1158 -20.97 -60.99 -33.16
C GLU B 1158 -20.59 -60.87 -34.62
N THR B 1159 -19.83 -61.84 -35.11
CA THR B 1159 -19.35 -61.82 -36.49
C THR B 1159 -18.71 -63.17 -36.81
N SER B 1160 -18.23 -63.30 -38.04
CA SER B 1160 -17.45 -64.45 -38.43
C SER B 1160 -16.04 -64.34 -37.86
N PRO B 1161 -15.33 -65.46 -37.73
CA PRO B 1161 -13.95 -65.39 -37.18
C PRO B 1161 -13.03 -64.48 -37.98
N GLN B 1162 -12.85 -64.72 -39.27
CA GLN B 1162 -11.88 -63.99 -40.06
C GLN B 1162 -12.25 -62.52 -40.26
N LEU B 1163 -13.48 -62.11 -39.91
CA LEU B 1163 -13.88 -60.71 -39.96
C LEU B 1163 -14.09 -60.14 -38.56
N ALA B 1164 -13.40 -60.67 -37.55
CA ALA B 1164 -13.54 -60.21 -36.18
C ALA B 1164 -12.36 -59.31 -35.83
N LYS B 1165 -12.66 -58.08 -35.42
CA LYS B 1165 -11.62 -57.16 -35.00
C LYS B 1165 -11.08 -57.46 -33.60
N VAL B 1166 -11.92 -58.02 -32.72
CA VAL B 1166 -11.52 -58.30 -31.34
C VAL B 1166 -11.79 -59.76 -31.04
N ILE B 1167 -11.07 -60.27 -30.05
CA ILE B 1167 -11.24 -61.65 -29.59
C ILE B 1167 -11.30 -61.64 -28.08
N GLU B 1168 -12.19 -62.46 -27.52
CA GLU B 1168 -12.39 -62.54 -26.07
C GLU B 1168 -12.12 -63.96 -25.62
N ILE B 1169 -11.09 -64.14 -24.80
CA ILE B 1169 -10.73 -65.42 -24.21
C ILE B 1169 -11.33 -65.46 -22.81
N PRO B 1170 -12.18 -66.45 -22.49
CA PRO B 1170 -12.83 -66.44 -21.17
C PRO B 1170 -11.86 -66.50 -20.01
N ALA B 1171 -10.76 -67.23 -20.15
CA ALA B 1171 -9.78 -67.35 -19.08
C ALA B 1171 -8.50 -67.94 -19.64
N LEU B 1172 -7.41 -67.75 -18.89
CA LEU B 1172 -6.14 -68.39 -19.19
C LEU B 1172 -5.70 -69.39 -18.15
N ILE B 1173 -6.20 -69.29 -16.93
CA ILE B 1173 -5.90 -70.24 -15.85
C ILE B 1173 -7.21 -70.72 -15.26
N ASP B 1174 -7.31 -72.02 -15.03
CA ASP B 1174 -8.53 -72.58 -14.46
C ASP B 1174 -8.72 -72.12 -13.03
N ASP B 1175 -9.98 -71.89 -12.65
CA ASP B 1175 -10.33 -71.50 -11.29
C ASP B 1175 -10.66 -72.70 -10.41
N SER B 1176 -10.54 -73.91 -10.93
CA SER B 1176 -10.82 -75.13 -10.18
C SER B 1176 -9.54 -75.78 -9.64
N ASN B 1177 -8.59 -76.09 -10.52
CA ASN B 1177 -7.32 -76.68 -10.10
C ASN B 1177 -6.12 -75.93 -10.67
N ALA B 1178 -6.30 -74.69 -11.12
CA ALA B 1178 -5.22 -73.84 -11.60
C ALA B 1178 -4.43 -74.53 -12.73
N ASP B 1179 -5.14 -74.76 -13.83
CA ASP B 1179 -4.56 -75.38 -15.02
C ASP B 1179 -4.58 -74.38 -16.17
N THR B 1180 -3.44 -74.24 -16.83
CA THR B 1180 -3.32 -73.28 -17.93
C THR B 1180 -4.20 -73.68 -19.10
N ASN B 1181 -4.81 -72.68 -19.74
CA ASN B 1181 -5.68 -72.90 -20.89
C ASN B 1181 -4.79 -73.06 -22.13
N ARG B 1182 -4.20 -74.25 -22.25
CA ARG B 1182 -3.28 -74.52 -23.36
C ARG B 1182 -4.00 -74.49 -24.69
N THR B 1183 -5.21 -75.04 -24.76
CA THR B 1183 -5.96 -75.03 -26.01
C THR B 1183 -6.32 -73.61 -26.43
N ALA B 1184 -6.77 -72.79 -25.49
CA ALA B 1184 -7.22 -71.43 -25.83
C ALA B 1184 -6.07 -70.59 -26.37
N VAL B 1185 -4.89 -70.66 -25.72
CA VAL B 1185 -3.77 -69.89 -26.23
C VAL B 1185 -3.32 -70.42 -27.58
N GLN B 1186 -3.38 -71.74 -27.80
CA GLN B 1186 -2.99 -72.30 -29.09
C GLN B 1186 -3.89 -71.78 -30.20
N GLU B 1187 -5.21 -71.74 -29.96
CA GLU B 1187 -6.09 -71.09 -30.93
C GLU B 1187 -5.79 -69.60 -31.01
N LEU B 1188 -5.52 -68.96 -29.88
CA LEU B 1188 -5.11 -67.56 -29.90
C LEU B 1188 -3.80 -67.37 -30.63
N ILE B 1189 -2.84 -68.27 -30.41
CA ILE B 1189 -1.60 -68.23 -31.17
C ILE B 1189 -1.88 -68.40 -32.66
N LYS B 1190 -2.72 -69.40 -33.01
CA LYS B 1190 -3.08 -69.62 -34.40
C LYS B 1190 -3.86 -68.44 -34.96
N TRP B 1191 -4.75 -67.86 -34.16
CA TRP B 1191 -5.56 -66.75 -34.66
C TRP B 1191 -4.71 -65.54 -35.05
N LEU B 1192 -3.78 -65.14 -34.18
CA LEU B 1192 -2.97 -63.97 -34.50
C LEU B 1192 -2.02 -64.24 -35.66
N HIS B 1193 -1.75 -65.51 -35.96
CA HIS B 1193 -1.00 -65.83 -37.17
C HIS B 1193 -1.86 -65.65 -38.41
N HIS B 1194 -3.11 -66.11 -38.36
CA HIS B 1194 -4.04 -65.88 -39.47
C HIS B 1194 -4.30 -64.40 -39.66
N SER B 1195 -4.46 -63.67 -38.56
CA SER B 1195 -4.60 -62.21 -38.62
C SER B 1195 -3.22 -61.57 -38.54
PB ADP E . -10.60 44.86 3.74
O1B ADP E . -9.20 44.31 3.67
O2B ADP E . -11.24 45.09 2.41
O3B ADP E . -11.43 44.16 4.79
PA ADP E . -11.72 47.17 4.83
O1A ADP E . -11.82 46.98 6.32
O2A ADP E . -11.57 48.56 4.25
O3A ADP E . -10.44 46.34 4.31
O5' ADP E . -13.00 46.44 4.18
C5' ADP E . -14.27 46.62 4.76
C4' ADP E . -14.59 48.08 4.52
O4' ADP E . -15.75 48.23 3.71
C3' ADP E . -14.86 48.84 5.79
O3' ADP E . -13.64 49.30 6.40
C2' ADP E . -15.73 49.97 5.33
O2' ADP E . -14.96 51.16 5.11
C1' ADP E . -16.32 49.49 4.03
N9 ADP E . -17.76 49.32 4.23
C8 ADP E . -18.37 48.62 5.20
N7 ADP E . -19.72 48.72 5.07
C5 ADP E . -19.96 49.50 4.01
C6 ADP E . -21.15 50.02 3.30
N6 ADP E . -22.40 49.71 3.71
N1 ADP E . -20.94 50.80 2.22
C2 ADP E . -19.71 51.12 1.79
N3 ADP E . -18.59 50.69 2.39
C4 ADP E . -18.66 49.90 3.47
PB ADP F . 4.96 -24.44 39.74
O1B ADP F . 6.25 -23.84 39.28
O2B ADP F . 3.74 -23.81 39.15
O3B ADP F . 4.97 -25.94 39.76
PA ADP F . 5.43 -22.67 41.86
O1A ADP F . 5.31 -21.60 40.81
O2A ADP F . 4.83 -22.45 43.23
O3A ADP F . 4.86 -24.06 41.30
O5' ADP F . 6.97 -23.05 42.08
C5' ADP F . 7.42 -23.44 43.36
C4' ADP F . 8.21 -22.28 43.90
O4' ADP F . 8.94 -22.67 45.07
C3' ADP F . 9.22 -21.80 42.88
O3' ADP F . 8.80 -20.55 42.33
C2' ADP F . 10.54 -21.68 43.62
O2' ADP F . 11.06 -20.34 43.61
C1' ADP F . 10.25 -22.11 45.04
N9 ADP F . 11.22 -23.14 45.43
C8 ADP F . 12.26 -22.96 46.26
N7 ADP F . 12.95 -24.11 46.41
C5 ADP F . 12.32 -25.04 45.67
C6 ADP F . 12.53 -26.46 45.38
N6 ADP F . 13.56 -27.14 45.94
N1 ADP F . 11.65 -27.07 44.54
C2 ADP F . 10.63 -26.41 43.99
N3 ADP F . 10.39 -25.11 44.21
C4 ADP F . 11.19 -24.40 45.02
#